data_1UGV
#
_entry.id   1UGV
#
_cell.length_a   1.000
_cell.length_b   1.000
_cell.length_c   1.000
_cell.angle_alpha   90.00
_cell.angle_beta   90.00
_cell.angle_gamma   90.00
#
_symmetry.space_group_name_H-M   'P 1'
#
_entity_poly.entity_id   1
_entity_poly.type   'polypeptide(L)'
_entity_poly.pdbx_seq_one_letter_code
;GSSGSSGTPFRKAKALYACKAEHDSELSFTAGTVFDNVHPSQEPGWLEGTLNGKTGLIPENYVEFLSGPSSG
;
_entity_poly.pdbx_strand_id   A
#
# COMPACT_ATOMS: atom_id res chain seq x y z
N GLY A 1 -8.90 24.04 -2.40
CA GLY A 1 -9.24 24.08 -3.81
C GLY A 1 -8.92 22.75 -4.50
N SER A 2 -9.92 22.21 -5.16
CA SER A 2 -9.77 20.94 -5.86
C SER A 2 -9.05 21.17 -7.19
N SER A 3 -8.05 20.34 -7.44
CA SER A 3 -7.28 20.44 -8.68
C SER A 3 -6.49 21.75 -8.69
N GLY A 4 -5.24 21.66 -8.29
CA GLY A 4 -4.37 22.83 -8.26
C GLY A 4 -3.08 22.57 -9.05
N SER A 5 -2.00 22.41 -8.31
CA SER A 5 -0.70 22.16 -8.93
C SER A 5 -0.60 20.70 -9.38
N SER A 6 0.26 20.48 -10.36
CA SER A 6 0.45 19.14 -10.89
C SER A 6 0.82 18.17 -9.76
N GLY A 7 0.36 16.94 -9.91
CA GLY A 7 0.63 15.92 -8.90
C GLY A 7 -0.16 14.64 -9.21
N THR A 8 0.09 13.63 -8.38
CA THR A 8 -0.59 12.36 -8.55
C THR A 8 -1.48 12.06 -7.34
N PRO A 9 -2.61 11.36 -7.61
CA PRO A 9 -3.54 11.01 -6.56
C PRO A 9 -3.00 9.85 -5.71
N PHE A 10 -2.16 10.22 -4.76
CA PHE A 10 -1.57 9.22 -3.88
C PHE A 10 -0.82 8.15 -4.68
N ARG A 11 -0.23 7.21 -3.95
CA ARG A 11 0.51 6.13 -4.57
C ARG A 11 -0.12 4.79 -4.23
N LYS A 12 0.26 3.77 -4.98
CA LYS A 12 -0.25 2.44 -4.77
C LYS A 12 0.90 1.43 -4.75
N ALA A 13 0.68 0.32 -4.07
CA ALA A 13 1.69 -0.72 -3.96
C ALA A 13 1.05 -2.07 -4.22
N LYS A 14 1.88 -3.01 -4.65
CA LYS A 14 1.41 -4.36 -4.95
C LYS A 14 2.11 -5.35 -4.01
N ALA A 15 1.30 -6.23 -3.43
CA ALA A 15 1.82 -7.23 -2.51
C ALA A 15 2.65 -8.25 -3.30
N LEU A 16 3.88 -8.45 -2.84
CA LEU A 16 4.77 -9.39 -3.49
C LEU A 16 4.35 -10.81 -3.13
N TYR A 17 4.15 -11.04 -1.84
CA TYR A 17 3.74 -12.36 -1.37
C TYR A 17 2.47 -12.25 -0.54
N ALA A 18 1.73 -13.35 -0.51
CA ALA A 18 0.48 -13.41 0.24
C ALA A 18 0.80 -13.46 1.74
N CYS A 19 0.13 -12.59 2.48
CA CYS A 19 0.33 -12.52 3.92
C CYS A 19 -1.01 -12.77 4.60
N LYS A 20 -0.95 -13.56 5.67
CA LYS A 20 -2.16 -13.87 6.42
C LYS A 20 -2.15 -13.11 7.75
N ALA A 21 -2.21 -11.79 7.64
CA ALA A 21 -2.21 -10.93 8.81
C ALA A 21 -3.08 -11.56 9.89
N GLU A 22 -2.57 -11.54 11.11
CA GLU A 22 -3.30 -12.10 12.24
C GLU A 22 -3.73 -10.99 13.19
N HIS A 23 -3.07 -9.85 13.06
CA HIS A 23 -3.39 -8.70 13.91
C HIS A 23 -4.38 -7.79 13.17
N ASP A 24 -5.19 -7.09 13.95
CA ASP A 24 -6.18 -6.19 13.40
C ASP A 24 -5.46 -5.09 12.61
N SER A 25 -4.55 -4.41 13.29
CA SER A 25 -3.79 -3.34 12.68
C SER A 25 -3.26 -3.79 11.31
N GLU A 26 -2.75 -5.02 11.29
CA GLU A 26 -2.21 -5.58 10.06
C GLU A 26 -3.33 -5.84 9.06
N LEU A 27 -2.94 -6.00 7.80
CA LEU A 27 -3.90 -6.26 6.74
C LEU A 27 -3.54 -7.57 6.04
N SER A 28 -4.57 -8.24 5.55
CA SER A 28 -4.39 -9.51 4.86
C SER A 28 -4.74 -9.35 3.38
N PHE A 29 -3.87 -9.91 2.55
CA PHE A 29 -4.08 -9.84 1.11
C PHE A 29 -3.32 -10.96 0.39
N THR A 30 -3.51 -11.02 -0.92
CA THR A 30 -2.85 -12.03 -1.72
C THR A 30 -1.87 -11.39 -2.69
N ALA A 31 -0.76 -12.09 -2.93
CA ALA A 31 0.26 -11.59 -3.83
C ALA A 31 -0.40 -10.98 -5.06
N GLY A 32 0.09 -9.81 -5.44
CA GLY A 32 -0.43 -9.11 -6.61
C GLY A 32 -1.49 -8.08 -6.19
N THR A 33 -1.90 -8.19 -4.93
CA THR A 33 -2.90 -7.28 -4.40
C THR A 33 -2.37 -5.84 -4.41
N VAL A 34 -3.14 -4.96 -5.04
CA VAL A 34 -2.77 -3.56 -5.13
C VAL A 34 -3.47 -2.78 -4.02
N PHE A 35 -2.67 -2.03 -3.26
CA PHE A 35 -3.20 -1.23 -2.18
C PHE A 35 -3.45 0.21 -2.62
N ASP A 36 -4.33 0.88 -1.89
CA ASP A 36 -4.67 2.25 -2.19
C ASP A 36 -3.96 3.18 -1.20
N ASN A 37 -3.55 4.33 -1.71
CA ASN A 37 -2.86 5.31 -0.89
C ASN A 37 -1.90 4.59 0.06
N VAL A 38 -0.74 4.22 -0.50
CA VAL A 38 0.27 3.53 0.28
C VAL A 38 1.30 4.54 0.78
N HIS A 39 1.58 4.46 2.07
CA HIS A 39 2.55 5.36 2.68
C HIS A 39 3.29 4.64 3.80
N PRO A 40 4.40 5.28 4.27
CA PRO A 40 5.21 4.70 5.33
C PRO A 40 4.51 4.85 6.68
N SER A 41 4.15 3.71 7.25
CA SER A 41 3.48 3.71 8.55
C SER A 41 4.42 4.26 9.62
N GLN A 42 3.86 4.44 10.81
CA GLN A 42 4.63 4.97 11.93
C GLN A 42 5.73 3.97 12.31
N GLU A 43 5.45 2.70 12.08
CA GLU A 43 6.40 1.64 12.41
C GLU A 43 7.47 1.56 11.32
N PRO A 44 8.67 1.08 11.75
CA PRO A 44 9.79 0.94 10.83
C PRO A 44 9.60 -0.27 9.91
N GLY A 45 9.74 -0.03 8.61
CA GLY A 45 9.58 -1.08 7.63
C GLY A 45 8.13 -1.57 7.59
N TRP A 46 7.22 -0.64 7.80
CA TRP A 46 5.80 -0.98 7.79
C TRP A 46 5.06 0.13 7.02
N LEU A 47 4.34 -0.29 6.00
CA LEU A 47 3.59 0.66 5.19
C LEU A 47 2.14 0.71 5.69
N GLU A 48 1.56 1.90 5.60
CA GLU A 48 0.19 2.10 6.05
C GLU A 48 -0.68 2.56 4.87
N GLY A 49 -1.38 1.60 4.28
CA GLY A 49 -2.25 1.90 3.15
C GLY A 49 -3.71 1.58 3.49
N THR A 50 -4.53 1.59 2.45
CA THR A 50 -5.95 1.29 2.62
C THR A 50 -6.37 0.17 1.67
N LEU A 51 -6.56 -1.01 2.25
CA LEU A 51 -6.98 -2.16 1.47
C LEU A 51 -8.49 -2.37 1.62
N ASN A 52 -9.22 -1.98 0.58
CA ASN A 52 -10.66 -2.12 0.60
C ASN A 52 -11.23 -1.32 1.78
N GLY A 53 -11.25 -0.01 1.60
CA GLY A 53 -11.77 0.88 2.63
C GLY A 53 -11.36 0.40 4.02
N LYS A 54 -10.12 -0.06 4.12
CA LYS A 54 -9.60 -0.55 5.38
C LYS A 54 -8.11 -0.21 5.48
N THR A 55 -7.78 0.57 6.50
CA THR A 55 -6.40 0.97 6.72
C THR A 55 -5.76 0.12 7.82
N GLY A 56 -4.51 -0.24 7.59
CA GLY A 56 -3.78 -1.04 8.56
C GLY A 56 -2.28 -1.01 8.27
N LEU A 57 -1.56 -1.92 8.93
CA LEU A 57 -0.12 -2.00 8.76
C LEU A 57 0.20 -3.05 7.68
N ILE A 58 1.15 -2.71 6.84
CA ILE A 58 1.55 -3.60 5.76
C ILE A 58 3.08 -3.73 5.76
N PRO A 59 3.56 -4.98 5.51
CA PRO A 59 4.98 -5.23 5.47
C PRO A 59 5.61 -4.70 4.19
N GLU A 60 6.55 -3.78 4.36
CA GLU A 60 7.23 -3.19 3.22
C GLU A 60 8.02 -4.24 2.46
N ASN A 61 8.33 -5.32 3.16
CA ASN A 61 9.08 -6.42 2.56
C ASN A 61 8.11 -7.41 1.92
N TYR A 62 6.90 -6.94 1.68
CA TYR A 62 5.87 -7.76 1.08
C TYR A 62 5.06 -6.97 0.05
N VAL A 63 5.57 -5.79 -0.27
CA VAL A 63 4.90 -4.93 -1.24
C VAL A 63 5.91 -4.48 -2.30
N GLU A 64 5.38 -3.90 -3.36
CA GLU A 64 6.22 -3.42 -4.45
C GLU A 64 5.57 -2.22 -5.14
N PHE A 65 5.89 -1.04 -4.62
CA PHE A 65 5.34 0.19 -5.16
C PHE A 65 5.33 0.15 -6.70
N LEU A 66 4.21 0.57 -7.25
CA LEU A 66 4.06 0.60 -8.69
C LEU A 66 4.30 2.01 -9.21
N SER A 67 5.13 2.11 -10.24
CA SER A 67 5.45 3.40 -10.83
C SER A 67 5.31 3.32 -12.35
N GLY A 68 6.01 2.37 -12.94
CA GLY A 68 5.96 2.18 -14.37
C GLY A 68 4.80 1.28 -14.78
N PRO A 69 4.41 1.39 -16.08
CA PRO A 69 3.30 0.60 -16.60
C PRO A 69 3.73 -0.85 -16.81
N SER A 70 2.97 -1.76 -16.21
CA SER A 70 3.25 -3.18 -16.33
C SER A 70 2.00 -4.00 -16.03
N SER A 71 1.47 -3.79 -14.83
CA SER A 71 0.28 -4.50 -14.41
C SER A 71 0.52 -6.01 -14.43
N GLY A 72 -0.43 -6.74 -13.86
CA GLY A 72 -0.32 -8.20 -13.81
C GLY A 72 0.20 -8.65 -12.45
N GLY A 1 0.45 24.82 4.26
CA GLY A 1 -0.65 25.72 3.96
C GLY A 1 -1.77 25.00 3.21
N SER A 2 -2.84 24.72 3.95
CA SER A 2 -3.98 24.03 3.36
C SER A 2 -3.50 22.90 2.43
N SER A 3 -3.16 21.78 3.06
CA SER A 3 -2.69 20.63 2.31
C SER A 3 -3.70 19.49 2.40
N GLY A 4 -3.87 18.80 1.29
CA GLY A 4 -4.81 17.69 1.22
C GLY A 4 -5.32 17.48 -0.20
N SER A 5 -4.92 16.35 -0.77
CA SER A 5 -5.33 16.02 -2.12
C SER A 5 -4.71 16.99 -3.12
N SER A 6 -3.42 16.80 -3.35
CA SER A 6 -2.69 17.67 -4.27
C SER A 6 -1.60 16.86 -4.97
N GLY A 7 -1.51 17.07 -6.28
CA GLY A 7 -0.52 16.38 -7.08
C GLY A 7 -1.10 15.12 -7.73
N THR A 8 -0.42 14.01 -7.51
CA THR A 8 -0.87 12.74 -8.06
C THR A 8 -1.94 12.11 -7.17
N PRO A 9 -2.73 11.18 -7.77
CA PRO A 9 -3.79 10.51 -7.05
C PRO A 9 -3.21 9.46 -6.10
N PHE A 10 -2.44 9.94 -5.13
CA PHE A 10 -1.84 9.06 -4.14
C PHE A 10 -1.03 7.95 -4.83
N ARG A 11 -0.26 7.25 -4.02
CA ARG A 11 0.56 6.16 -4.54
C ARG A 11 -0.09 4.81 -4.24
N LYS A 12 0.35 3.80 -4.97
CA LYS A 12 -0.19 2.46 -4.78
C LYS A 12 0.98 1.47 -4.66
N ALA A 13 0.67 0.32 -4.06
CA ALA A 13 1.67 -0.71 -3.87
C ALA A 13 1.08 -2.07 -4.22
N LYS A 14 1.95 -2.98 -4.62
CA LYS A 14 1.51 -4.32 -4.99
C LYS A 14 2.19 -5.34 -4.07
N ALA A 15 1.38 -6.24 -3.53
CA ALA A 15 1.88 -7.27 -2.63
C ALA A 15 2.72 -8.27 -3.45
N LEU A 16 3.90 -8.55 -2.94
CA LEU A 16 4.80 -9.49 -3.59
C LEU A 16 4.41 -10.92 -3.22
N TYR A 17 4.12 -11.10 -1.93
CA TYR A 17 3.73 -12.41 -1.43
C TYR A 17 2.49 -12.30 -0.55
N ALA A 18 1.64 -13.31 -0.66
CA ALA A 18 0.40 -13.34 0.11
C ALA A 18 0.76 -13.44 1.60
N CYS A 19 0.09 -12.63 2.39
CA CYS A 19 0.31 -12.61 3.83
C CYS A 19 -1.05 -12.64 4.53
N LYS A 20 -1.13 -13.49 5.54
CA LYS A 20 -2.37 -13.62 6.30
C LYS A 20 -2.28 -12.74 7.56
N ALA A 21 -3.09 -11.69 7.56
CA ALA A 21 -3.11 -10.77 8.68
C ALA A 21 -3.27 -11.56 9.99
N GLU A 22 -3.28 -10.83 11.09
CA GLU A 22 -3.41 -11.45 12.39
C GLU A 22 -3.36 -10.39 13.49
N HIS A 23 -2.54 -9.38 13.26
CA HIS A 23 -2.38 -8.30 14.22
C HIS A 23 -3.72 -7.56 14.38
N ASP A 24 -3.71 -6.57 15.24
CA ASP A 24 -4.90 -5.78 15.50
C ASP A 24 -4.89 -4.53 14.61
N SER A 25 -3.81 -4.40 13.86
CA SER A 25 -3.66 -3.26 12.97
C SER A 25 -2.90 -3.69 11.71
N GLU A 26 -3.20 -4.89 11.25
CA GLU A 26 -2.57 -5.42 10.06
C GLU A 26 -3.60 -5.62 8.95
N LEU A 27 -3.09 -5.89 7.76
CA LEU A 27 -3.96 -6.11 6.61
C LEU A 27 -3.61 -7.45 5.96
N SER A 28 -4.62 -8.04 5.32
CA SER A 28 -4.44 -9.32 4.67
C SER A 28 -4.71 -9.18 3.17
N PHE A 29 -3.80 -9.72 2.38
CA PHE A 29 -3.92 -9.66 0.94
C PHE A 29 -3.19 -10.84 0.27
N THR A 30 -3.26 -10.87 -1.05
CA THR A 30 -2.62 -11.92 -1.81
C THR A 30 -1.65 -11.33 -2.84
N ALA A 31 -0.58 -12.05 -3.09
CA ALA A 31 0.43 -11.62 -4.04
C ALA A 31 -0.27 -11.06 -5.28
N GLY A 32 0.11 -9.85 -5.65
CA GLY A 32 -0.47 -9.19 -6.82
C GLY A 32 -1.39 -8.05 -6.40
N THR A 33 -2.15 -8.29 -5.34
CA THR A 33 -3.07 -7.29 -4.83
C THR A 33 -2.41 -5.91 -4.81
N VAL A 34 -3.20 -4.91 -5.18
CA VAL A 34 -2.71 -3.54 -5.20
C VAL A 34 -3.36 -2.74 -4.08
N PHE A 35 -2.54 -1.99 -3.37
CA PHE A 35 -3.02 -1.17 -2.27
C PHE A 35 -3.29 0.27 -2.73
N ASP A 36 -4.25 0.90 -2.07
CA ASP A 36 -4.61 2.26 -2.40
C ASP A 36 -3.99 3.21 -1.37
N ASN A 37 -3.55 4.36 -1.85
CA ASN A 37 -2.94 5.35 -0.99
C ASN A 37 -1.99 4.66 -0.01
N VAL A 38 -0.82 4.31 -0.52
CA VAL A 38 0.18 3.63 0.30
C VAL A 38 1.17 4.68 0.84
N HIS A 39 1.62 4.43 2.06
CA HIS A 39 2.57 5.32 2.69
C HIS A 39 3.29 4.60 3.83
N PRO A 40 4.41 5.21 4.29
CA PRO A 40 5.18 4.63 5.38
C PRO A 40 4.48 4.82 6.72
N SER A 41 4.03 3.71 7.28
CA SER A 41 3.34 3.74 8.56
C SER A 41 4.27 4.33 9.64
N GLN A 42 3.80 4.24 10.87
CA GLN A 42 4.57 4.76 12.00
C GLN A 42 5.60 3.72 12.45
N GLU A 43 5.36 2.48 12.06
CA GLU A 43 6.26 1.39 12.41
C GLU A 43 7.40 1.29 11.39
N PRO A 44 8.53 0.71 11.86
CA PRO A 44 9.69 0.55 11.00
C PRO A 44 9.48 -0.59 10.01
N GLY A 45 9.62 -0.27 8.73
CA GLY A 45 9.46 -1.26 7.69
C GLY A 45 8.00 -1.75 7.62
N TRP A 46 7.09 -0.81 7.85
CA TRP A 46 5.68 -1.12 7.82
C TRP A 46 4.96 0.00 7.08
N LEU A 47 4.29 -0.37 6.00
CA LEU A 47 3.55 0.59 5.20
C LEU A 47 2.10 0.65 5.68
N GLU A 48 1.50 1.82 5.52
CA GLU A 48 0.12 2.01 5.93
C GLU A 48 -0.72 2.46 4.74
N GLY A 49 -1.42 1.50 4.15
CA GLY A 49 -2.28 1.79 3.01
C GLY A 49 -3.74 1.44 3.32
N THR A 50 -4.54 1.44 2.26
CA THR A 50 -5.95 1.12 2.40
C THR A 50 -6.35 0.00 1.45
N LEU A 51 -6.73 -1.12 2.03
CA LEU A 51 -7.13 -2.28 1.25
C LEU A 51 -8.63 -2.54 1.47
N ASN A 52 -9.42 -2.20 0.45
CA ASN A 52 -10.85 -2.40 0.53
C ASN A 52 -11.41 -1.61 1.71
N GLY A 53 -11.50 -0.29 1.51
CA GLY A 53 -12.01 0.59 2.55
C GLY A 53 -11.56 0.12 3.93
N LYS A 54 -10.30 -0.31 3.99
CA LYS A 54 -9.73 -0.78 5.24
C LYS A 54 -8.26 -0.38 5.30
N THR A 55 -7.89 0.27 6.39
CA THR A 55 -6.52 0.71 6.58
C THR A 55 -5.86 -0.09 7.71
N GLY A 56 -4.58 -0.37 7.52
CA GLY A 56 -3.82 -1.12 8.50
C GLY A 56 -2.33 -1.08 8.19
N LEU A 57 -1.59 -1.96 8.86
CA LEU A 57 -0.16 -2.04 8.66
C LEU A 57 0.15 -3.07 7.57
N ILE A 58 1.16 -2.76 6.78
CA ILE A 58 1.57 -3.64 5.70
C ILE A 58 3.09 -3.80 5.71
N PRO A 59 3.54 -5.06 5.46
CA PRO A 59 4.97 -5.35 5.44
C PRO A 59 5.63 -4.81 4.16
N GLU A 60 6.52 -3.86 4.36
CA GLU A 60 7.23 -3.26 3.23
C GLU A 60 8.02 -4.32 2.47
N ASN A 61 8.32 -5.41 3.17
CA ASN A 61 9.08 -6.49 2.58
C ASN A 61 8.10 -7.47 1.91
N TYR A 62 6.89 -6.99 1.67
CA TYR A 62 5.88 -7.81 1.04
C TYR A 62 5.08 -7.00 0.02
N VAL A 63 5.59 -5.81 -0.29
CA VAL A 63 4.94 -4.94 -1.24
C VAL A 63 5.97 -4.44 -2.26
N GLU A 64 5.46 -3.80 -3.30
CA GLU A 64 6.31 -3.28 -4.36
C GLU A 64 5.67 -2.06 -5.00
N PHE A 65 5.97 -0.90 -4.43
CA PHE A 65 5.43 0.35 -4.94
C PHE A 65 5.43 0.36 -6.46
N LEU A 66 4.30 0.78 -7.02
CA LEU A 66 4.16 0.84 -8.47
C LEU A 66 4.40 2.28 -8.94
N SER A 67 5.68 2.63 -8.99
CA SER A 67 6.06 3.97 -9.43
C SER A 67 6.55 3.93 -10.88
N GLY A 68 6.38 5.05 -11.55
CA GLY A 68 6.79 5.16 -12.94
C GLY A 68 7.36 6.54 -13.24
N PRO A 69 8.19 6.61 -14.32
CA PRO A 69 8.80 7.87 -14.71
C PRO A 69 7.79 8.78 -15.39
N SER A 70 8.11 10.07 -15.41
CA SER A 70 7.24 11.05 -16.03
C SER A 70 6.87 10.61 -17.45
N SER A 71 5.61 10.23 -17.60
CA SER A 71 5.12 9.79 -18.89
C SER A 71 3.64 10.14 -19.04
N GLY A 72 3.39 11.24 -19.72
CA GLY A 72 2.02 11.69 -19.94
C GLY A 72 1.28 10.78 -20.91
N GLY A 1 -6.28 17.62 6.85
CA GLY A 1 -6.79 17.40 5.52
C GLY A 1 -6.49 15.98 5.03
N SER A 2 -6.60 15.79 3.74
CA SER A 2 -6.35 14.48 3.13
C SER A 2 -5.80 14.65 1.71
N SER A 3 -6.59 15.32 0.89
CA SER A 3 -6.20 15.56 -0.49
C SER A 3 -6.29 17.05 -0.81
N GLY A 4 -5.65 17.43 -1.91
CA GLY A 4 -5.65 18.82 -2.33
C GLY A 4 -4.27 19.24 -2.84
N SER A 5 -4.24 19.70 -4.09
CA SER A 5 -3.01 20.13 -4.70
C SER A 5 -1.89 19.13 -4.39
N SER A 6 -1.77 18.16 -5.29
CA SER A 6 -0.75 17.13 -5.13
C SER A 6 -0.18 16.75 -6.50
N GLY A 7 -1.05 16.21 -7.33
CA GLY A 7 -0.64 15.80 -8.67
C GLY A 7 -1.27 14.45 -9.03
N THR A 8 -0.47 13.39 -8.86
CA THR A 8 -0.94 12.05 -9.16
C THR A 8 -1.95 11.58 -8.12
N PRO A 9 -2.77 10.58 -8.53
CA PRO A 9 -3.78 10.03 -7.64
C PRO A 9 -3.14 9.13 -6.57
N PHE A 10 -2.32 9.75 -5.74
CA PHE A 10 -1.64 9.02 -4.68
C PHE A 10 -0.79 7.89 -5.24
N ARG A 11 -0.09 7.21 -4.35
CA ARG A 11 0.75 6.10 -4.74
C ARG A 11 0.10 4.76 -4.39
N LYS A 12 0.50 3.73 -5.12
CA LYS A 12 -0.04 2.41 -4.89
C LYS A 12 1.11 1.40 -4.78
N ALA A 13 0.82 0.26 -4.18
CA ALA A 13 1.81 -0.78 -4.01
C ALA A 13 1.17 -2.15 -4.27
N LYS A 14 2.00 -3.09 -4.69
CA LYS A 14 1.52 -4.44 -4.98
C LYS A 14 2.19 -5.42 -4.02
N ALA A 15 1.37 -6.29 -3.44
CA ALA A 15 1.85 -7.29 -2.52
C ALA A 15 2.70 -8.31 -3.27
N LEU A 16 3.91 -8.52 -2.76
CA LEU A 16 4.82 -9.47 -3.38
C LEU A 16 4.38 -10.90 -3.03
N TYR A 17 4.06 -11.09 -1.75
CA TYR A 17 3.63 -12.39 -1.27
C TYR A 17 2.37 -12.27 -0.42
N ALA A 18 1.53 -13.28 -0.53
CA ALA A 18 0.28 -13.30 0.24
C ALA A 18 0.61 -13.36 1.73
N CYS A 19 -0.01 -12.46 2.48
CA CYS A 19 0.20 -12.39 3.91
C CYS A 19 -1.16 -12.53 4.60
N LYS A 20 -1.11 -13.07 5.81
CA LYS A 20 -2.33 -13.26 6.59
C LYS A 20 -2.32 -12.30 7.79
N ALA A 21 -3.36 -11.49 7.88
CA ALA A 21 -3.47 -10.54 8.96
C ALA A 21 -3.52 -11.28 10.29
N GLU A 22 -2.34 -11.52 10.84
CA GLU A 22 -2.23 -12.22 12.11
C GLU A 22 -1.90 -11.24 13.24
N HIS A 23 -2.15 -9.97 12.96
CA HIS A 23 -1.88 -8.93 13.93
C HIS A 23 -3.20 -8.24 14.32
N ASP A 24 -3.07 -7.21 15.13
CA ASP A 24 -4.24 -6.46 15.59
C ASP A 24 -4.50 -5.31 14.62
N SER A 25 -3.41 -4.74 14.10
CA SER A 25 -3.51 -3.64 13.18
C SER A 25 -2.79 -3.97 11.87
N GLU A 26 -3.23 -5.05 11.24
CA GLU A 26 -2.63 -5.50 10.00
C GLU A 26 -3.71 -5.73 8.95
N LEU A 27 -3.26 -6.01 7.73
CA LEU A 27 -4.18 -6.25 6.63
C LEU A 27 -3.84 -7.60 5.98
N SER A 28 -4.81 -8.15 5.28
CA SER A 28 -4.64 -9.42 4.61
C SER A 28 -4.90 -9.27 3.11
N PHE A 29 -4.04 -9.90 2.33
CA PHE A 29 -4.17 -9.85 0.88
C PHE A 29 -3.36 -10.96 0.20
N THR A 30 -3.50 -11.04 -1.11
CA THR A 30 -2.80 -12.05 -1.87
C THR A 30 -1.81 -11.39 -2.84
N ALA A 31 -0.71 -12.09 -3.08
CA ALA A 31 0.32 -11.60 -3.97
C ALA A 31 -0.34 -11.01 -5.22
N GLY A 32 0.06 -9.79 -5.55
CA GLY A 32 -0.49 -9.11 -6.71
C GLY A 32 -1.48 -8.02 -6.29
N THR A 33 -2.03 -8.18 -5.11
CA THR A 33 -2.99 -7.23 -4.58
C THR A 33 -2.39 -5.82 -4.57
N VAL A 34 -3.11 -4.90 -5.19
CA VAL A 34 -2.66 -3.51 -5.26
C VAL A 34 -3.37 -2.69 -4.18
N PHE A 35 -2.57 -2.04 -3.35
CA PHE A 35 -3.11 -1.22 -2.29
C PHE A 35 -3.30 0.23 -2.75
N ASP A 36 -4.28 0.89 -2.15
CA ASP A 36 -4.57 2.27 -2.48
C ASP A 36 -3.89 3.20 -1.48
N ASN A 37 -3.43 4.34 -1.98
CA ASN A 37 -2.76 5.31 -1.12
C ASN A 37 -1.83 4.57 -0.16
N VAL A 38 -0.64 4.27 -0.64
CA VAL A 38 0.34 3.57 0.18
C VAL A 38 1.35 4.58 0.71
N HIS A 39 1.65 4.45 2.00
CA HIS A 39 2.60 5.34 2.65
C HIS A 39 3.28 4.61 3.81
N PRO A 40 4.37 5.23 4.32
CA PRO A 40 5.11 4.65 5.42
C PRO A 40 4.36 4.82 6.74
N SER A 41 3.97 3.70 7.32
CA SER A 41 3.24 3.71 8.58
C SER A 41 4.13 4.27 9.69
N GLN A 42 3.61 4.20 10.91
CA GLN A 42 4.34 4.71 12.06
C GLN A 42 5.44 3.72 12.47
N GLU A 43 5.17 2.44 12.20
CA GLU A 43 6.12 1.40 12.53
C GLU A 43 7.23 1.34 11.48
N PRO A 44 8.42 0.84 11.92
CA PRO A 44 9.56 0.73 11.03
C PRO A 44 9.40 -0.45 10.07
N GLY A 45 9.56 -0.15 8.79
CA GLY A 45 9.43 -1.17 7.76
C GLY A 45 7.99 -1.65 7.64
N TRP A 46 7.06 -0.72 7.87
CA TRP A 46 5.65 -1.03 7.79
C TRP A 46 4.96 0.09 7.02
N LEU A 47 4.17 -0.30 6.03
CA LEU A 47 3.45 0.67 5.21
C LEU A 47 1.99 0.72 5.66
N GLU A 48 1.42 1.91 5.56
CA GLU A 48 0.04 2.11 5.96
C GLU A 48 -0.79 2.58 4.76
N GLY A 49 -1.46 1.62 4.14
CA GLY A 49 -2.29 1.92 2.99
C GLY A 49 -3.76 1.58 3.26
N THR A 50 -4.56 1.67 2.21
CA THR A 50 -5.98 1.37 2.32
C THR A 50 -6.37 0.23 1.39
N LEU A 51 -6.81 -0.86 1.99
CA LEU A 51 -7.21 -2.03 1.23
C LEU A 51 -8.71 -2.26 1.41
N ASN A 52 -9.46 -1.90 0.37
CA ASN A 52 -10.91 -2.05 0.41
C ASN A 52 -11.49 -1.23 1.56
N GLY A 53 -11.45 0.08 1.38
CA GLY A 53 -11.96 0.99 2.39
C GLY A 53 -11.57 0.52 3.79
N LYS A 54 -10.34 0.05 3.90
CA LYS A 54 -9.84 -0.43 5.18
C LYS A 54 -8.33 -0.14 5.26
N THR A 55 -7.95 0.59 6.29
CA THR A 55 -6.56 0.94 6.50
C THR A 55 -5.94 0.05 7.58
N GLY A 56 -4.66 -0.24 7.41
CA GLY A 56 -3.95 -1.08 8.35
C GLY A 56 -2.44 -1.04 8.08
N LEU A 57 -1.73 -1.94 8.77
CA LEU A 57 -0.29 -2.02 8.61
C LEU A 57 0.05 -3.05 7.53
N ILE A 58 1.05 -2.71 6.73
CA ILE A 58 1.47 -3.59 5.66
C ILE A 58 3.00 -3.73 5.69
N PRO A 59 3.47 -4.98 5.47
CA PRO A 59 4.89 -5.26 5.47
C PRO A 59 5.56 -4.75 4.19
N GLU A 60 6.45 -3.78 4.38
CA GLU A 60 7.17 -3.20 3.26
C GLU A 60 7.97 -4.27 2.52
N ASN A 61 8.27 -5.34 3.24
CA ASN A 61 9.02 -6.44 2.67
C ASN A 61 8.07 -7.43 2.01
N TYR A 62 6.87 -6.96 1.75
CA TYR A 62 5.85 -7.79 1.13
C TYR A 62 5.05 -7.01 0.10
N VAL A 63 5.56 -5.83 -0.24
CA VAL A 63 4.90 -4.97 -1.21
C VAL A 63 5.93 -4.50 -2.24
N GLU A 64 5.42 -3.88 -3.30
CA GLU A 64 6.28 -3.38 -4.36
C GLU A 64 5.65 -2.15 -5.00
N PHE A 65 5.98 -0.99 -4.46
CA PHE A 65 5.46 0.26 -4.98
C PHE A 65 5.46 0.27 -6.51
N LEU A 66 4.35 0.73 -7.07
CA LEU A 66 4.20 0.79 -8.51
C LEU A 66 4.48 2.21 -8.98
N SER A 67 4.47 2.37 -10.29
CA SER A 67 4.72 3.68 -10.89
C SER A 67 6.11 4.19 -10.48
N GLY A 68 6.55 5.23 -11.15
CA GLY A 68 7.85 5.82 -10.87
C GLY A 68 8.83 5.56 -12.01
N PRO A 69 10.06 6.14 -11.86
CA PRO A 69 11.09 5.98 -12.86
C PRO A 69 11.70 4.58 -12.80
N SER A 70 11.81 3.96 -13.96
CA SER A 70 12.38 2.62 -14.05
C SER A 70 13.75 2.68 -14.71
N SER A 71 14.55 1.66 -14.44
CA SER A 71 15.89 1.58 -15.01
C SER A 71 15.96 0.44 -16.03
N GLY A 72 15.66 -0.76 -15.55
CA GLY A 72 15.69 -1.93 -16.40
C GLY A 72 17.13 -2.37 -16.71
N GLY A 1 -11.90 10.78 -18.11
CA GLY A 1 -12.78 11.78 -17.53
C GLY A 1 -14.16 11.19 -17.23
N SER A 2 -15.11 11.53 -18.08
CA SER A 2 -16.47 11.04 -17.92
C SER A 2 -16.45 9.55 -17.59
N SER A 3 -15.86 8.78 -18.49
CA SER A 3 -15.77 7.34 -18.31
C SER A 3 -14.32 6.94 -18.07
N GLY A 4 -14.08 6.33 -16.92
CA GLY A 4 -12.74 5.88 -16.57
C GLY A 4 -12.62 5.67 -15.05
N SER A 5 -11.65 6.35 -14.47
CA SER A 5 -11.42 6.25 -13.04
C SER A 5 -10.81 7.55 -12.52
N SER A 6 -11.30 7.97 -11.36
CA SER A 6 -10.82 9.19 -10.74
C SER A 6 -9.50 8.93 -10.01
N GLY A 7 -8.47 9.66 -10.42
CA GLY A 7 -7.16 9.52 -9.82
C GLY A 7 -6.99 10.46 -8.63
N THR A 8 -6.14 10.04 -7.70
CA THR A 8 -5.89 10.83 -6.50
C THR A 8 -4.39 11.08 -6.34
N PRO A 9 -4.07 12.17 -5.58
CA PRO A 9 -2.69 12.53 -5.34
C PRO A 9 -2.04 11.57 -4.34
N PHE A 10 -2.09 10.29 -4.67
CA PHE A 10 -1.50 9.27 -3.81
C PHE A 10 -0.81 8.19 -4.64
N ARG A 11 -0.16 7.27 -3.93
CA ARG A 11 0.54 6.18 -4.58
C ARG A 11 -0.08 4.84 -4.21
N LYS A 12 0.37 3.80 -4.88
CA LYS A 12 -0.15 2.46 -4.64
C LYS A 12 1.03 1.48 -4.53
N ALA A 13 0.71 0.28 -4.10
CA ALA A 13 1.72 -0.76 -3.94
C ALA A 13 1.08 -2.12 -4.21
N LYS A 14 1.92 -3.04 -4.69
CA LYS A 14 1.45 -4.38 -5.00
C LYS A 14 2.14 -5.38 -4.05
N ALA A 15 1.33 -6.24 -3.45
CA ALA A 15 1.84 -7.23 -2.53
C ALA A 15 2.71 -8.23 -3.31
N LEU A 16 3.92 -8.44 -2.79
CA LEU A 16 4.85 -9.36 -3.42
C LEU A 16 4.43 -10.80 -3.10
N TYR A 17 4.14 -11.03 -1.82
CA TYR A 17 3.73 -12.35 -1.38
C TYR A 17 2.48 -12.26 -0.50
N ALA A 18 1.65 -13.29 -0.61
CA ALA A 18 0.43 -13.35 0.15
C ALA A 18 0.76 -13.44 1.65
N CYS A 19 0.09 -12.60 2.43
CA CYS A 19 0.31 -12.57 3.86
C CYS A 19 -1.06 -12.61 4.55
N LYS A 20 -1.06 -13.18 5.75
CA LYS A 20 -2.29 -13.28 6.53
C LYS A 20 -2.16 -12.43 7.79
N ALA A 21 -3.11 -11.54 7.98
CA ALA A 21 -3.11 -10.67 9.13
C ALA A 21 -3.00 -11.52 10.40
N GLU A 22 -2.97 -10.83 11.54
CA GLU A 22 -2.87 -11.50 12.82
C GLU A 22 -2.76 -10.49 13.95
N HIS A 23 -2.08 -9.38 13.64
CA HIS A 23 -1.90 -8.32 14.62
C HIS A 23 -3.18 -7.47 14.72
N ASP A 24 -4.14 -7.84 13.89
CA ASP A 24 -5.41 -7.13 13.87
C ASP A 24 -5.29 -5.89 12.98
N SER A 25 -4.44 -4.98 13.41
CA SER A 25 -4.22 -3.75 12.66
C SER A 25 -3.74 -4.08 11.25
N GLU A 26 -2.89 -5.10 11.17
CA GLU A 26 -2.35 -5.53 9.90
C GLU A 26 -3.47 -5.81 8.91
N LEU A 27 -3.09 -5.96 7.64
CA LEU A 27 -4.06 -6.24 6.59
C LEU A 27 -3.74 -7.59 5.96
N SER A 28 -4.76 -8.17 5.35
CA SER A 28 -4.60 -9.46 4.69
C SER A 28 -4.86 -9.32 3.19
N PHE A 29 -3.90 -9.81 2.42
CA PHE A 29 -4.00 -9.75 0.97
C PHE A 29 -3.21 -10.88 0.31
N THR A 30 -3.36 -10.98 -1.00
CA THR A 30 -2.66 -12.00 -1.76
C THR A 30 -1.69 -11.36 -2.76
N ALA A 31 -0.58 -12.05 -2.99
CA ALA A 31 0.42 -11.57 -3.92
C ALA A 31 -0.27 -10.98 -5.15
N GLY A 32 0.11 -9.75 -5.47
CA GLY A 32 -0.47 -9.07 -6.62
C GLY A 32 -1.43 -7.96 -6.17
N THR A 33 -2.08 -8.21 -5.05
CA THR A 33 -3.03 -7.24 -4.50
C THR A 33 -2.42 -5.84 -4.51
N VAL A 34 -3.21 -4.89 -5.02
CA VAL A 34 -2.75 -3.51 -5.09
C VAL A 34 -3.42 -2.70 -3.98
N PHE A 35 -2.58 -2.00 -3.23
CA PHE A 35 -3.08 -1.19 -2.12
C PHE A 35 -3.29 0.27 -2.57
N ASP A 36 -4.35 0.86 -2.05
CA ASP A 36 -4.68 2.24 -2.39
C ASP A 36 -4.01 3.18 -1.38
N ASN A 37 -3.56 4.32 -1.89
CA ASN A 37 -2.90 5.30 -1.05
C ASN A 37 -1.95 4.58 -0.08
N VAL A 38 -0.75 4.33 -0.56
CA VAL A 38 0.25 3.65 0.25
C VAL A 38 1.25 4.68 0.78
N HIS A 39 1.68 4.47 2.01
CA HIS A 39 2.64 5.36 2.65
C HIS A 39 3.36 4.62 3.78
N PRO A 40 4.48 5.25 4.24
CA PRO A 40 5.26 4.65 5.31
C PRO A 40 4.57 4.82 6.66
N SER A 41 4.12 3.70 7.21
CA SER A 41 3.44 3.71 8.49
C SER A 41 4.38 4.24 9.58
N GLN A 42 3.86 4.25 10.80
CA GLN A 42 4.64 4.73 11.93
C GLN A 42 5.65 3.67 12.38
N GLU A 43 5.29 2.43 12.11
CA GLU A 43 6.15 1.31 12.47
C GLU A 43 7.36 1.24 11.53
N PRO A 44 8.45 0.59 12.02
CA PRO A 44 9.66 0.44 11.24
C PRO A 44 9.48 -0.61 10.15
N GLY A 45 9.60 -0.16 8.91
CA GLY A 45 9.45 -1.05 7.76
C GLY A 45 8.02 -1.59 7.67
N TRP A 46 7.07 -0.67 7.83
CA TRP A 46 5.66 -1.04 7.75
C TRP A 46 4.92 0.07 7.01
N LEU A 47 4.32 -0.32 5.89
CA LEU A 47 3.58 0.63 5.07
C LEU A 47 2.12 0.67 5.55
N GLU A 48 1.55 1.86 5.49
CA GLU A 48 0.17 2.05 5.91
C GLU A 48 -0.69 2.52 4.72
N GLY A 49 -1.44 1.59 4.16
CA GLY A 49 -2.30 1.88 3.03
C GLY A 49 -3.75 1.54 3.34
N THR A 50 -4.58 1.58 2.31
CA THR A 50 -5.99 1.29 2.46
C THR A 50 -6.39 0.13 1.54
N LEU A 51 -6.73 -0.99 2.15
CA LEU A 51 -7.14 -2.16 1.39
C LEU A 51 -8.65 -2.37 1.55
N ASN A 52 -9.37 -1.94 0.53
CA ASN A 52 -10.82 -2.07 0.53
C ASN A 52 -11.40 -1.28 1.71
N GLY A 53 -11.43 0.04 1.54
CA GLY A 53 -11.95 0.91 2.56
C GLY A 53 -11.53 0.44 3.96
N LYS A 54 -10.29 0.00 4.04
CA LYS A 54 -9.76 -0.49 5.31
C LYS A 54 -8.26 -0.19 5.37
N THR A 55 -7.89 0.62 6.37
CA THR A 55 -6.49 0.99 6.55
C THR A 55 -5.85 0.12 7.64
N GLY A 56 -4.61 -0.27 7.38
CA GLY A 56 -3.88 -1.09 8.33
C GLY A 56 -2.38 -1.05 8.04
N LEU A 57 -1.65 -1.90 8.75
CA LEU A 57 -0.20 -1.97 8.57
C LEU A 57 0.13 -3.01 7.51
N ILE A 58 1.12 -2.70 6.70
CA ILE A 58 1.54 -3.60 5.64
C ILE A 58 3.06 -3.73 5.66
N PRO A 59 3.53 -4.98 5.42
CA PRO A 59 4.96 -5.25 5.41
C PRO A 59 5.62 -4.72 4.13
N GLU A 60 6.55 -3.80 4.31
CA GLU A 60 7.25 -3.20 3.20
C GLU A 60 8.04 -4.28 2.44
N ASN A 61 8.34 -5.36 3.14
CA ASN A 61 9.08 -6.46 2.55
C ASN A 61 8.10 -7.45 1.91
N TYR A 62 6.90 -6.96 1.65
CA TYR A 62 5.88 -7.79 1.04
C TYR A 62 5.06 -7.00 0.02
N VAL A 63 5.60 -5.85 -0.37
CA VAL A 63 4.94 -4.99 -1.33
C VAL A 63 5.94 -4.56 -2.40
N GLU A 64 5.43 -3.87 -3.41
CA GLU A 64 6.26 -3.41 -4.50
C GLU A 64 5.63 -2.17 -5.15
N PHE A 65 5.93 -1.01 -4.58
CA PHE A 65 5.40 0.24 -5.10
C PHE A 65 5.38 0.23 -6.63
N LEU A 66 4.24 0.62 -7.18
CA LEU A 66 4.08 0.66 -8.62
C LEU A 66 4.45 2.06 -9.13
N SER A 67 3.69 3.05 -8.67
CA SER A 67 3.93 4.41 -9.07
C SER A 67 5.08 5.01 -8.26
N GLY A 68 5.75 5.99 -8.85
CA GLY A 68 6.86 6.65 -8.18
C GLY A 68 7.74 7.39 -9.19
N PRO A 69 8.92 7.86 -8.70
CA PRO A 69 9.85 8.58 -9.55
C PRO A 69 10.58 7.64 -10.49
N SER A 70 11.02 6.52 -9.93
CA SER A 70 11.74 5.53 -10.72
C SER A 70 12.98 6.16 -11.37
N SER A 71 14.08 6.11 -10.65
CA SER A 71 15.32 6.67 -11.14
C SER A 71 15.64 6.11 -12.53
N GLY A 72 16.00 7.01 -13.42
CA GLY A 72 16.34 6.63 -14.79
C GLY A 72 15.84 7.67 -15.78
N GLY A 1 15.62 25.05 2.97
CA GLY A 1 15.91 23.65 3.25
C GLY A 1 14.62 22.85 3.40
N SER A 2 14.39 21.98 2.42
CA SER A 2 13.20 21.14 2.42
C SER A 2 13.50 19.80 1.76
N SER A 3 12.62 18.85 2.01
CA SER A 3 12.78 17.52 1.45
C SER A 3 11.41 16.94 1.04
N GLY A 4 10.51 16.91 2.02
CA GLY A 4 9.17 16.40 1.77
C GLY A 4 8.62 16.90 0.43
N SER A 5 8.05 15.97 -0.32
CA SER A 5 7.49 16.29 -1.62
C SER A 5 6.49 15.21 -2.04
N SER A 6 5.22 15.57 -1.99
CA SER A 6 4.16 14.65 -2.36
C SER A 6 3.44 15.16 -3.61
N GLY A 7 3.15 14.24 -4.50
CA GLY A 7 2.46 14.59 -5.74
C GLY A 7 1.52 13.45 -6.17
N THR A 8 0.75 13.74 -7.22
CA THR A 8 -0.19 12.77 -7.74
C THR A 8 -1.24 12.41 -6.68
N PRO A 9 -2.35 11.80 -7.15
CA PRO A 9 -3.42 11.39 -6.25
C PRO A 9 -3.04 10.14 -5.46
N PHE A 10 -2.22 10.36 -4.44
CA PHE A 10 -1.76 9.26 -3.60
C PHE A 10 -1.05 8.19 -4.43
N ARG A 11 -0.29 7.36 -3.73
CA ARG A 11 0.43 6.29 -4.39
C ARG A 11 -0.20 4.94 -4.08
N LYS A 12 0.31 3.92 -4.74
CA LYS A 12 -0.21 2.57 -4.56
C LYS A 12 0.96 1.60 -4.35
N ALA A 13 0.62 0.35 -4.06
CA ALA A 13 1.63 -0.67 -3.84
C ALA A 13 1.01 -2.05 -4.10
N LYS A 14 1.82 -2.92 -4.67
CA LYS A 14 1.38 -4.28 -4.97
C LYS A 14 2.07 -5.26 -4.03
N ALA A 15 1.27 -6.18 -3.51
CA ALA A 15 1.80 -7.19 -2.60
C ALA A 15 2.65 -8.19 -3.38
N LEU A 16 3.85 -8.44 -2.86
CA LEU A 16 4.77 -9.36 -3.50
C LEU A 16 4.35 -10.79 -3.15
N TYR A 17 4.03 -11.00 -1.89
CA TYR A 17 3.62 -12.31 -1.43
C TYR A 17 2.36 -12.21 -0.56
N ALA A 18 1.56 -13.27 -0.63
CA ALA A 18 0.32 -13.32 0.14
C ALA A 18 0.66 -13.38 1.63
N CYS A 19 0.00 -12.52 2.39
CA CYS A 19 0.21 -12.46 3.83
C CYS A 19 -1.15 -12.47 4.51
N LYS A 20 -1.19 -13.08 5.69
CA LYS A 20 -2.41 -13.17 6.46
C LYS A 20 -2.21 -12.48 7.82
N ALA A 21 -2.95 -11.41 8.02
CA ALA A 21 -2.86 -10.66 9.26
C ALA A 21 -3.01 -11.63 10.44
N GLU A 22 -2.91 -11.06 11.64
CA GLU A 22 -3.01 -11.85 12.85
C GLU A 22 -3.19 -10.95 14.06
N HIS A 23 -2.43 -9.86 14.07
CA HIS A 23 -2.49 -8.90 15.16
C HIS A 23 -3.89 -8.28 15.22
N ASP A 24 -4.06 -7.22 14.44
CA ASP A 24 -5.33 -6.53 14.39
C ASP A 24 -5.24 -5.36 13.39
N SER A 25 -4.20 -4.57 13.57
CA SER A 25 -3.98 -3.42 12.70
C SER A 25 -3.51 -3.90 11.32
N GLU A 26 -2.74 -4.97 11.33
CA GLU A 26 -2.21 -5.53 10.09
C GLU A 26 -3.35 -5.80 9.11
N LEU A 27 -2.99 -6.01 7.86
CA LEU A 27 -3.96 -6.29 6.82
C LEU A 27 -3.65 -7.64 6.18
N SER A 28 -4.67 -8.19 5.54
CA SER A 28 -4.53 -9.48 4.88
C SER A 28 -4.85 -9.35 3.39
N PHE A 29 -4.03 -9.99 2.57
CA PHE A 29 -4.21 -9.96 1.14
C PHE A 29 -3.44 -11.07 0.44
N THR A 30 -3.42 -11.01 -0.88
CA THR A 30 -2.72 -12.02 -1.66
C THR A 30 -1.79 -11.34 -2.68
N ALA A 31 -0.71 -12.05 -3.00
CA ALA A 31 0.25 -11.53 -3.96
C ALA A 31 -0.50 -10.95 -5.17
N GLY A 32 -0.07 -9.77 -5.58
CA GLY A 32 -0.68 -9.10 -6.71
C GLY A 32 -1.69 -8.05 -6.24
N THR A 33 -2.03 -8.13 -4.97
CA THR A 33 -2.98 -7.19 -4.40
C THR A 33 -2.40 -5.78 -4.37
N VAL A 34 -3.10 -4.87 -5.03
CA VAL A 34 -2.67 -3.49 -5.09
C VAL A 34 -3.39 -2.68 -4.01
N PHE A 35 -2.59 -2.03 -3.18
CA PHE A 35 -3.13 -1.22 -2.10
C PHE A 35 -3.31 0.24 -2.54
N ASP A 36 -4.49 0.77 -2.27
CA ASP A 36 -4.80 2.15 -2.64
C ASP A 36 -4.27 3.08 -1.54
N ASN A 37 -3.67 4.18 -1.99
CA ASN A 37 -3.13 5.16 -1.06
C ASN A 37 -2.20 4.46 -0.08
N VAL A 38 -0.94 4.35 -0.49
CA VAL A 38 0.06 3.70 0.35
C VAL A 38 1.05 4.75 0.86
N HIS A 39 1.58 4.49 2.04
CA HIS A 39 2.55 5.40 2.64
C HIS A 39 3.31 4.68 3.76
N PRO A 40 4.43 5.30 4.19
CA PRO A 40 5.25 4.74 5.24
C PRO A 40 4.60 4.91 6.61
N SER A 41 4.18 3.79 7.18
CA SER A 41 3.53 3.81 8.49
C SER A 41 4.49 4.35 9.54
N GLN A 42 4.11 4.18 10.79
CA GLN A 42 4.92 4.66 11.89
C GLN A 42 5.92 3.58 12.32
N GLU A 43 5.53 2.34 12.07
CA GLU A 43 6.38 1.20 12.43
C GLU A 43 7.59 1.15 11.50
N PRO A 44 8.67 0.49 12.01
CA PRO A 44 9.89 0.35 11.24
C PRO A 44 9.73 -0.70 10.14
N GLY A 45 9.73 -0.21 8.91
CA GLY A 45 9.58 -1.08 7.75
C GLY A 45 8.15 -1.62 7.65
N TRP A 46 7.20 -0.70 7.81
CA TRP A 46 5.79 -1.07 7.72
C TRP A 46 5.06 0.06 7.00
N LEU A 47 4.39 -0.30 5.92
CA LEU A 47 3.63 0.67 5.14
C LEU A 47 2.20 0.73 5.66
N GLU A 48 1.59 1.90 5.46
CA GLU A 48 0.22 2.10 5.91
C GLU A 48 -0.64 2.61 4.75
N GLY A 49 -1.40 1.69 4.17
CA GLY A 49 -2.27 2.02 3.06
C GLY A 49 -3.63 1.34 3.20
N THR A 50 -4.45 1.53 2.18
CA THR A 50 -5.78 0.94 2.18
C THR A 50 -5.88 -0.17 1.12
N LEU A 51 -6.53 -1.25 1.52
CA LEU A 51 -6.70 -2.39 0.62
C LEU A 51 -7.99 -2.22 -0.18
N ASN A 52 -9.11 -2.28 0.54
CA ASN A 52 -10.41 -2.13 -0.09
C ASN A 52 -11.34 -1.37 0.85
N GLY A 53 -10.89 -0.18 1.25
CA GLY A 53 -11.66 0.65 2.13
C GLY A 53 -11.21 0.48 3.58
N LYS A 54 -10.30 -0.46 3.78
CA LYS A 54 -9.77 -0.73 5.10
C LYS A 54 -8.30 -0.34 5.16
N THR A 55 -7.92 0.29 6.26
CA THR A 55 -6.54 0.72 6.45
C THR A 55 -5.89 -0.06 7.60
N GLY A 56 -4.61 -0.29 7.46
CA GLY A 56 -3.86 -1.02 8.47
C GLY A 56 -2.36 -0.97 8.18
N LEU A 57 -1.63 -1.87 8.84
CA LEU A 57 -0.19 -1.95 8.66
C LEU A 57 0.14 -2.99 7.59
N ILE A 58 1.09 -2.65 6.74
CA ILE A 58 1.50 -3.54 5.67
C ILE A 58 3.03 -3.69 5.68
N PRO A 59 3.49 -4.94 5.43
CA PRO A 59 4.92 -5.22 5.41
C PRO A 59 5.57 -4.68 4.14
N GLU A 60 6.52 -3.77 4.33
CA GLU A 60 7.21 -3.17 3.20
C GLU A 60 8.00 -4.24 2.44
N ASN A 61 8.28 -5.33 3.13
CA ASN A 61 9.02 -6.43 2.54
C ASN A 61 8.04 -7.41 1.90
N TYR A 62 6.84 -6.92 1.64
CA TYR A 62 5.81 -7.73 1.03
C TYR A 62 5.00 -6.92 0.02
N VAL A 63 5.52 -5.75 -0.32
CA VAL A 63 4.86 -4.88 -1.28
C VAL A 63 5.87 -4.42 -2.33
N GLU A 64 5.36 -3.73 -3.33
CA GLU A 64 6.21 -3.23 -4.40
C GLU A 64 5.57 -2.00 -5.06
N PHE A 65 5.88 -0.85 -4.49
CA PHE A 65 5.34 0.41 -5.00
C PHE A 65 5.33 0.41 -6.53
N LEU A 66 4.22 0.88 -7.08
CA LEU A 66 4.07 0.94 -8.52
C LEU A 66 4.44 2.35 -9.00
N SER A 67 5.12 2.39 -10.15
CA SER A 67 5.53 3.65 -10.72
C SER A 67 6.52 4.35 -9.80
N GLY A 68 7.62 4.80 -10.39
CA GLY A 68 8.65 5.48 -9.62
C GLY A 68 10.05 5.05 -10.08
N PRO A 69 10.99 5.00 -9.09
CA PRO A 69 12.35 4.61 -9.39
C PRO A 69 12.45 3.09 -9.61
N SER A 70 12.15 2.69 -10.84
CA SER A 70 12.21 1.29 -11.20
C SER A 70 13.16 1.09 -12.38
N SER A 71 14.04 0.11 -12.22
CA SER A 71 15.01 -0.20 -13.26
C SER A 71 15.41 -1.68 -13.19
N GLY A 72 15.06 -2.40 -14.25
CA GLY A 72 15.37 -3.82 -14.31
C GLY A 72 14.10 -4.66 -14.39
N GLY A 1 -8.19 19.95 -16.00
CA GLY A 1 -8.05 18.80 -16.87
C GLY A 1 -7.80 17.53 -16.05
N SER A 2 -8.67 16.56 -16.23
CA SER A 2 -8.55 15.30 -15.53
C SER A 2 -7.82 14.27 -16.40
N SER A 3 -6.84 13.62 -15.80
CA SER A 3 -6.06 12.62 -16.50
C SER A 3 -6.93 11.39 -16.79
N GLY A 4 -6.82 10.90 -18.02
CA GLY A 4 -7.58 9.75 -18.44
C GLY A 4 -7.56 8.66 -17.36
N SER A 5 -8.44 7.69 -17.54
CA SER A 5 -8.53 6.58 -16.59
C SER A 5 -8.98 7.10 -15.22
N SER A 6 -9.46 6.18 -14.41
CA SER A 6 -9.92 6.53 -13.07
C SER A 6 -8.85 6.19 -12.04
N GLY A 7 -8.34 7.24 -11.39
CA GLY A 7 -7.32 7.08 -10.39
C GLY A 7 -7.36 8.22 -9.37
N THR A 8 -6.54 8.08 -8.34
CA THR A 8 -6.47 9.09 -7.30
C THR A 8 -5.06 9.70 -7.23
N PRO A 9 -5.00 10.95 -6.71
CA PRO A 9 -3.73 11.64 -6.58
C PRO A 9 -2.90 11.08 -5.43
N PHE A 10 -2.51 9.82 -5.58
CA PHE A 10 -1.72 9.16 -4.56
C PHE A 10 -0.90 8.01 -5.16
N ARG A 11 -0.17 7.33 -4.29
CA ARG A 11 0.66 6.22 -4.73
C ARG A 11 0.00 4.89 -4.34
N LYS A 12 0.45 3.83 -4.99
CA LYS A 12 -0.09 2.51 -4.73
C LYS A 12 1.06 1.49 -4.70
N ALA A 13 0.78 0.36 -4.07
CA ALA A 13 1.78 -0.69 -3.95
C ALA A 13 1.12 -2.05 -4.26
N LYS A 14 1.96 -2.99 -4.67
CA LYS A 14 1.47 -4.33 -5.00
C LYS A 14 2.14 -5.34 -4.08
N ALA A 15 1.33 -6.18 -3.46
CA ALA A 15 1.83 -7.20 -2.56
C ALA A 15 2.66 -8.21 -3.36
N LEU A 16 3.88 -8.42 -2.90
CA LEU A 16 4.79 -9.35 -3.56
C LEU A 16 4.35 -10.78 -3.23
N TYR A 17 4.02 -10.99 -1.95
CA TYR A 17 3.59 -12.30 -1.50
C TYR A 17 2.30 -12.20 -0.69
N ALA A 18 1.62 -13.33 -0.58
CA ALA A 18 0.38 -13.39 0.17
C ALA A 18 0.68 -13.46 1.66
N CYS A 19 0.07 -12.56 2.41
CA CYS A 19 0.27 -12.51 3.85
C CYS A 19 -1.10 -12.62 4.53
N LYS A 20 -1.13 -13.41 5.58
CA LYS A 20 -2.37 -13.61 6.33
C LYS A 20 -2.24 -12.94 7.70
N ALA A 21 -2.42 -11.62 7.70
CA ALA A 21 -2.33 -10.86 8.93
C ALA A 21 -3.18 -11.53 10.01
N GLU A 22 -3.10 -10.98 11.21
CA GLU A 22 -3.86 -11.51 12.33
C GLU A 22 -4.07 -10.43 13.39
N HIS A 23 -3.00 -9.70 13.66
CA HIS A 23 -3.06 -8.63 14.65
C HIS A 23 -4.13 -7.62 14.25
N ASP A 24 -4.63 -6.90 15.25
CA ASP A 24 -5.65 -5.90 15.00
C ASP A 24 -4.99 -4.63 14.48
N SER A 25 -4.48 -4.73 13.26
CA SER A 25 -3.83 -3.60 12.62
C SER A 25 -3.31 -4.00 11.24
N GLU A 26 -2.63 -5.13 11.21
CA GLU A 26 -2.08 -5.64 9.95
C GLU A 26 -3.20 -5.88 8.94
N LEU A 27 -2.82 -5.92 7.68
CA LEU A 27 -3.77 -6.15 6.61
C LEU A 27 -3.49 -7.49 5.94
N SER A 28 -4.55 -8.14 5.49
CA SER A 28 -4.42 -9.44 4.84
C SER A 28 -4.77 -9.31 3.36
N PHE A 29 -3.93 -9.89 2.53
CA PHE A 29 -4.14 -9.86 1.09
C PHE A 29 -3.36 -10.98 0.39
N THR A 30 -3.37 -10.92 -0.93
CA THR A 30 -2.69 -11.93 -1.72
C THR A 30 -1.70 -11.26 -2.70
N ALA A 31 -0.69 -12.02 -3.09
CA ALA A 31 0.31 -11.52 -4.01
C ALA A 31 -0.38 -10.95 -5.25
N GLY A 32 0.03 -9.74 -5.61
CA GLY A 32 -0.54 -9.08 -6.77
C GLY A 32 -1.60 -8.05 -6.35
N THR A 33 -1.96 -8.11 -5.08
CA THR A 33 -2.96 -7.19 -4.55
C THR A 33 -2.40 -5.77 -4.50
N VAL A 34 -3.08 -4.87 -5.19
CA VAL A 34 -2.67 -3.48 -5.24
C VAL A 34 -3.35 -2.71 -4.11
N PHE A 35 -2.55 -1.95 -3.38
CA PHE A 35 -3.07 -1.16 -2.27
C PHE A 35 -3.26 0.30 -2.68
N ASP A 36 -4.37 0.87 -2.26
CA ASP A 36 -4.69 2.26 -2.57
C ASP A 36 -4.04 3.17 -1.53
N ASN A 37 -3.56 4.30 -2.00
CA ASN A 37 -2.92 5.27 -1.12
C ASN A 37 -1.98 4.53 -0.15
N VAL A 38 -0.75 4.36 -0.59
CA VAL A 38 0.24 3.67 0.21
C VAL A 38 1.22 4.70 0.79
N HIS A 39 1.69 4.41 2.01
CA HIS A 39 2.62 5.30 2.68
C HIS A 39 3.26 4.56 3.86
N PRO A 40 4.43 5.10 4.30
CA PRO A 40 5.15 4.51 5.41
C PRO A 40 4.46 4.83 6.74
N SER A 41 3.93 3.80 7.36
CA SER A 41 3.24 3.96 8.64
C SER A 41 4.19 4.56 9.67
N GLN A 42 3.89 4.30 10.93
CA GLN A 42 4.71 4.81 12.01
C GLN A 42 5.81 3.81 12.37
N GLU A 43 5.53 2.55 12.09
CA GLU A 43 6.49 1.49 12.37
C GLU A 43 7.54 1.41 11.26
N PRO A 44 8.78 1.03 11.66
CA PRO A 44 9.87 0.91 10.72
C PRO A 44 9.71 -0.36 9.86
N GLY A 45 9.71 -0.15 8.55
CA GLY A 45 9.57 -1.26 7.62
C GLY A 45 8.12 -1.73 7.53
N TRP A 46 7.22 -0.83 7.91
CA TRP A 46 5.80 -1.13 7.88
C TRP A 46 5.09 0.01 7.15
N LEU A 47 4.31 -0.36 6.14
CA LEU A 47 3.58 0.62 5.36
C LEU A 47 2.12 0.65 5.83
N GLU A 48 1.47 1.77 5.56
CA GLU A 48 0.08 1.93 5.94
C GLU A 48 -0.76 2.39 4.74
N GLY A 49 -1.44 1.42 4.14
CA GLY A 49 -2.28 1.70 2.99
C GLY A 49 -3.74 1.35 3.27
N THR A 50 -4.55 1.47 2.24
CA THR A 50 -5.97 1.17 2.36
C THR A 50 -6.35 -0.01 1.45
N LEU A 51 -6.69 -1.12 2.09
CA LEU A 51 -7.07 -2.31 1.34
C LEU A 51 -8.55 -2.58 1.56
N ASN A 52 -9.35 -2.23 0.55
CA ASN A 52 -10.79 -2.43 0.63
C ASN A 52 -11.35 -1.63 1.80
N GLY A 53 -11.43 -0.32 1.60
CA GLY A 53 -11.94 0.56 2.63
C GLY A 53 -11.48 0.11 4.02
N LYS A 54 -10.25 -0.37 4.08
CA LYS A 54 -9.68 -0.83 5.33
C LYS A 54 -8.20 -0.45 5.39
N THR A 55 -7.87 0.33 6.41
CA THR A 55 -6.50 0.78 6.60
C THR A 55 -5.82 -0.02 7.71
N GLY A 56 -4.56 -0.34 7.49
CA GLY A 56 -3.79 -1.09 8.47
C GLY A 56 -2.29 -1.07 8.13
N LEU A 57 -1.55 -1.89 8.85
CA LEU A 57 -0.11 -1.97 8.64
C LEU A 57 0.18 -3.01 7.56
N ILE A 58 1.22 -2.72 6.78
CA ILE A 58 1.62 -3.63 5.71
C ILE A 58 3.13 -3.79 5.72
N PRO A 59 3.58 -5.05 5.47
CA PRO A 59 5.00 -5.35 5.44
C PRO A 59 5.65 -4.82 4.17
N GLU A 60 6.53 -3.84 4.35
CA GLU A 60 7.23 -3.24 3.23
C GLU A 60 8.03 -4.30 2.47
N ASN A 61 8.31 -5.39 3.17
CA ASN A 61 9.06 -6.48 2.57
C ASN A 61 8.10 -7.47 1.91
N TYR A 62 6.89 -6.97 1.66
CA TYR A 62 5.86 -7.79 1.03
C TYR A 62 5.06 -6.98 0.03
N VAL A 63 5.57 -5.79 -0.27
CA VAL A 63 4.91 -4.91 -1.22
C VAL A 63 5.92 -4.43 -2.26
N GLU A 64 5.41 -3.78 -3.29
CA GLU A 64 6.26 -3.26 -4.36
C GLU A 64 5.61 -2.04 -5.00
N PHE A 65 5.93 -0.88 -4.46
CA PHE A 65 5.38 0.37 -4.96
C PHE A 65 5.40 0.38 -6.50
N LEU A 66 4.30 0.87 -7.06
CA LEU A 66 4.17 0.95 -8.51
C LEU A 66 4.52 2.37 -8.97
N SER A 67 4.71 2.49 -10.28
CA SER A 67 5.05 3.78 -10.87
C SER A 67 4.97 3.69 -12.39
N GLY A 68 4.85 4.86 -13.01
CA GLY A 68 4.76 4.93 -14.45
C GLY A 68 6.11 5.33 -15.07
N PRO A 69 6.32 4.87 -16.34
CA PRO A 69 7.56 5.18 -17.04
C PRO A 69 7.58 6.63 -17.52
N SER A 70 8.53 7.38 -17.00
CA SER A 70 8.67 8.78 -17.37
C SER A 70 10.09 9.26 -17.07
N SER A 71 10.64 10.02 -18.01
CA SER A 71 11.98 10.55 -17.86
C SER A 71 11.91 12.01 -17.42
N GLY A 72 12.97 12.44 -16.72
CA GLY A 72 13.04 13.79 -16.24
C GLY A 72 13.04 14.79 -17.41
N GLY A 1 -10.40 24.87 -20.73
CA GLY A 1 -10.86 24.04 -19.63
C GLY A 1 -10.08 22.73 -19.55
N SER A 2 -9.90 22.26 -18.33
CA SER A 2 -9.17 21.02 -18.11
C SER A 2 -9.68 20.33 -16.85
N SER A 3 -10.26 19.15 -17.05
CA SER A 3 -10.79 18.38 -15.94
C SER A 3 -9.81 17.27 -15.56
N GLY A 4 -9.69 17.05 -14.25
CA GLY A 4 -8.79 16.03 -13.75
C GLY A 4 -7.56 16.65 -13.09
N SER A 5 -6.41 16.09 -13.43
CA SER A 5 -5.14 16.57 -12.90
C SER A 5 -3.98 15.81 -13.52
N SER A 6 -3.18 16.55 -14.29
CA SER A 6 -2.03 15.95 -14.95
C SER A 6 -1.24 15.09 -13.95
N GLY A 7 -0.76 15.73 -12.91
CA GLY A 7 0.00 15.04 -11.88
C GLY A 7 -0.71 13.77 -11.43
N THR A 8 0.03 12.94 -10.71
CA THR A 8 -0.53 11.69 -10.21
C THR A 8 -0.90 11.82 -8.74
N PRO A 9 -2.02 11.13 -8.36
CA PRO A 9 -2.49 11.17 -6.99
C PRO A 9 -1.62 10.31 -6.08
N PHE A 10 -2.19 9.94 -4.94
CA PHE A 10 -1.47 9.12 -3.99
C PHE A 10 -0.73 7.97 -4.69
N ARG A 11 0.14 7.32 -3.92
CA ARG A 11 0.92 6.22 -4.46
C ARG A 11 0.19 4.90 -4.23
N LYS A 12 0.66 3.86 -4.91
CA LYS A 12 0.06 2.54 -4.79
C LYS A 12 1.18 1.50 -4.70
N ALA A 13 0.89 0.45 -3.95
CA ALA A 13 1.84 -0.63 -3.77
C ALA A 13 1.17 -1.97 -4.11
N LYS A 14 2.00 -2.92 -4.54
CA LYS A 14 1.50 -4.23 -4.90
C LYS A 14 2.10 -5.28 -3.95
N ALA A 15 1.22 -6.13 -3.43
CA ALA A 15 1.65 -7.17 -2.52
C ALA A 15 2.43 -8.24 -3.29
N LEU A 16 3.60 -8.56 -2.77
CA LEU A 16 4.45 -9.56 -3.40
C LEU A 16 3.98 -10.95 -2.99
N TYR A 17 3.80 -11.13 -1.69
CA TYR A 17 3.34 -12.41 -1.16
C TYR A 17 2.01 -12.25 -0.42
N ALA A 18 1.36 -13.38 -0.22
CA ALA A 18 0.08 -13.39 0.48
C ALA A 18 0.31 -13.45 1.98
N CYS A 19 -0.40 -12.60 2.70
CA CYS A 19 -0.27 -12.55 4.15
C CYS A 19 -1.68 -12.58 4.76
N LYS A 20 -1.76 -13.13 5.95
CA LYS A 20 -3.03 -13.22 6.66
C LYS A 20 -3.01 -12.29 7.87
N ALA A 21 -2.58 -11.07 7.63
CA ALA A 21 -2.51 -10.08 8.70
C ALA A 21 -1.99 -10.74 9.97
N GLU A 22 -0.68 -10.74 10.11
CA GLU A 22 -0.04 -11.34 11.28
C GLU A 22 -0.43 -10.57 12.55
N HIS A 23 -1.06 -9.42 12.34
CA HIS A 23 -1.49 -8.59 13.45
C HIS A 23 -2.81 -7.89 13.09
N ASP A 24 -3.72 -7.90 14.04
CA ASP A 24 -5.02 -7.27 13.84
C ASP A 24 -4.84 -5.99 13.02
N SER A 25 -4.12 -5.05 13.61
CA SER A 25 -3.87 -3.77 12.94
C SER A 25 -3.53 -4.01 11.47
N GLU A 26 -2.64 -4.96 11.24
CA GLU A 26 -2.23 -5.30 9.89
C GLU A 26 -3.43 -5.76 9.07
N LEU A 27 -3.28 -5.68 7.75
CA LEU A 27 -4.34 -6.07 6.84
C LEU A 27 -3.96 -7.39 6.16
N SER A 28 -4.94 -7.99 5.52
CA SER A 28 -4.73 -9.26 4.83
C SER A 28 -4.97 -9.08 3.33
N PHE A 29 -4.29 -9.89 2.55
CA PHE A 29 -4.42 -9.83 1.10
C PHE A 29 -3.67 -10.99 0.44
N THR A 30 -3.70 -10.99 -0.89
CA THR A 30 -3.03 -12.03 -1.66
C THR A 30 -2.06 -11.39 -2.66
N ALA A 31 -0.95 -12.10 -2.89
CA ALA A 31 0.05 -11.62 -3.82
C ALA A 31 -0.63 -11.07 -5.07
N GLY A 32 -0.13 -9.93 -5.53
CA GLY A 32 -0.68 -9.29 -6.72
C GLY A 32 -1.82 -8.33 -6.34
N THR A 33 -1.86 -7.98 -5.07
CA THR A 33 -2.88 -7.08 -4.56
C THR A 33 -2.33 -5.66 -4.49
N VAL A 34 -2.94 -4.78 -5.29
CA VAL A 34 -2.53 -3.38 -5.32
C VAL A 34 -3.28 -2.61 -4.23
N PHE A 35 -2.53 -1.85 -3.46
CA PHE A 35 -3.10 -1.06 -2.39
C PHE A 35 -3.26 0.41 -2.82
N ASP A 36 -4.42 0.96 -2.49
CA ASP A 36 -4.71 2.34 -2.83
C ASP A 36 -4.23 3.25 -1.70
N ASN A 37 -3.46 4.26 -2.08
CA ASN A 37 -2.93 5.21 -1.13
C ASN A 37 -2.01 4.47 -0.15
N VAL A 38 -0.76 4.33 -0.55
CA VAL A 38 0.22 3.66 0.28
C VAL A 38 1.26 4.67 0.77
N HIS A 39 1.69 4.48 2.01
CA HIS A 39 2.67 5.37 2.61
C HIS A 39 3.36 4.64 3.77
N PRO A 40 4.50 5.26 4.23
CA PRO A 40 5.26 4.68 5.32
C PRO A 40 4.56 4.92 6.66
N SER A 41 4.15 3.82 7.28
CA SER A 41 3.47 3.90 8.56
C SER A 41 4.43 4.39 9.64
N GLN A 42 3.92 4.47 10.86
CA GLN A 42 4.72 4.93 11.98
C GLN A 42 5.72 3.84 12.39
N GLU A 43 5.30 2.60 12.22
CA GLU A 43 6.15 1.47 12.57
C GLU A 43 7.27 1.33 11.54
N PRO A 44 8.41 0.74 12.02
CA PRO A 44 9.56 0.53 11.16
C PRO A 44 9.32 -0.64 10.19
N GLY A 45 9.56 -0.38 8.92
CA GLY A 45 9.37 -1.39 7.90
C GLY A 45 7.90 -1.81 7.80
N TRP A 46 7.03 -0.85 8.05
CA TRP A 46 5.60 -1.10 8.00
C TRP A 46 4.94 0.04 7.23
N LEU A 47 4.26 -0.33 6.15
CA LEU A 47 3.58 0.66 5.32
C LEU A 47 2.12 0.78 5.79
N GLU A 48 1.56 1.95 5.53
CA GLU A 48 0.18 2.22 5.90
C GLU A 48 -0.63 2.68 4.69
N GLY A 49 -1.44 1.76 4.18
CA GLY A 49 -2.27 2.06 3.03
C GLY A 49 -3.65 1.43 3.17
N THR A 50 -4.43 1.51 2.09
CA THR A 50 -5.77 0.97 2.08
C THR A 50 -5.87 -0.19 1.07
N LEU A 51 -6.65 -1.18 1.44
CA LEU A 51 -6.84 -2.34 0.58
C LEU A 51 -8.30 -2.41 0.13
N ASN A 52 -9.17 -2.65 1.10
CA ASN A 52 -10.60 -2.73 0.82
C ASN A 52 -11.37 -1.91 1.86
N GLY A 53 -11.46 -0.62 1.58
CA GLY A 53 -12.17 0.29 2.48
C GLY A 53 -11.72 0.08 3.93
N LYS A 54 -10.51 -0.44 4.07
CA LYS A 54 -9.96 -0.69 5.39
C LYS A 54 -8.47 -0.34 5.39
N THR A 55 -8.08 0.48 6.35
CA THR A 55 -6.70 0.90 6.47
C THR A 55 -6.04 0.22 7.66
N GLY A 56 -4.76 -0.13 7.49
CA GLY A 56 -4.01 -0.78 8.54
C GLY A 56 -2.51 -0.80 8.22
N LEU A 57 -1.79 -1.62 8.96
CA LEU A 57 -0.35 -1.74 8.76
C LEU A 57 -0.08 -2.80 7.69
N ILE A 58 0.94 -2.54 6.89
CA ILE A 58 1.32 -3.46 5.84
C ILE A 58 2.83 -3.67 5.86
N PRO A 59 3.25 -4.95 5.60
CA PRO A 59 4.66 -5.29 5.59
C PRO A 59 5.33 -4.77 4.32
N GLU A 60 6.35 -3.94 4.52
CA GLU A 60 7.08 -3.37 3.40
C GLU A 60 7.84 -4.48 2.66
N ASN A 61 8.09 -5.56 3.37
CA ASN A 61 8.80 -6.70 2.79
C ASN A 61 7.80 -7.63 2.11
N TYR A 62 6.61 -7.10 1.87
CA TYR A 62 5.57 -7.87 1.23
C TYR A 62 4.83 -7.05 0.18
N VAL A 63 5.39 -5.88 -0.10
CA VAL A 63 4.80 -4.99 -1.08
C VAL A 63 5.87 -4.55 -2.09
N GLU A 64 5.42 -3.88 -3.13
CA GLU A 64 6.33 -3.41 -4.17
C GLU A 64 5.74 -2.16 -4.84
N PHE A 65 6.03 -1.01 -4.25
CA PHE A 65 5.56 0.25 -4.78
C PHE A 65 5.61 0.25 -6.32
N LEU A 66 4.53 0.74 -6.91
CA LEU A 66 4.43 0.80 -8.36
C LEU A 66 4.64 2.25 -8.81
N SER A 67 5.28 2.39 -9.96
CA SER A 67 5.55 3.70 -10.52
C SER A 67 6.39 4.52 -9.55
N GLY A 68 7.03 5.56 -10.08
CA GLY A 68 7.87 6.41 -9.27
C GLY A 68 8.62 7.43 -10.15
N PRO A 69 9.61 8.12 -9.51
CA PRO A 69 10.40 9.11 -10.22
C PRO A 69 11.42 8.44 -11.14
N SER A 70 10.90 7.69 -12.10
CA SER A 70 11.75 6.98 -13.05
C SER A 70 11.21 7.16 -14.47
N SER A 71 11.62 8.24 -15.11
CA SER A 71 11.19 8.53 -16.46
C SER A 71 11.92 9.77 -16.99
N GLY A 72 11.75 10.86 -16.27
CA GLY A 72 12.38 12.11 -16.66
C GLY A 72 13.88 12.09 -16.37
N GLY A 1 -16.22 26.51 -14.94
CA GLY A 1 -15.55 25.53 -14.08
C GLY A 1 -16.21 24.15 -14.20
N SER A 2 -15.39 23.13 -14.10
CA SER A 2 -15.88 21.76 -14.20
C SER A 2 -15.09 20.86 -13.24
N SER A 3 -15.73 20.54 -12.12
CA SER A 3 -15.10 19.68 -11.13
C SER A 3 -14.60 18.39 -11.78
N GLY A 4 -13.52 17.88 -11.23
CA GLY A 4 -12.93 16.66 -11.75
C GLY A 4 -12.11 15.94 -10.67
N SER A 5 -12.09 14.62 -10.77
CA SER A 5 -11.35 13.81 -9.82
C SER A 5 -10.63 12.66 -10.54
N SER A 6 -9.45 12.97 -11.06
CA SER A 6 -8.66 11.98 -11.77
C SER A 6 -7.30 11.81 -11.09
N GLY A 7 -6.65 12.94 -10.84
CA GLY A 7 -5.35 12.93 -10.20
C GLY A 7 -5.41 12.25 -8.83
N THR A 8 -4.43 11.39 -8.59
CA THR A 8 -4.37 10.67 -7.33
C THR A 8 -3.28 11.25 -6.43
N PRO A 9 -3.73 12.01 -5.40
CA PRO A 9 -2.81 12.63 -4.47
C PRO A 9 -2.22 11.60 -3.50
N PHE A 10 -1.58 10.60 -4.08
CA PHE A 10 -0.97 9.54 -3.29
C PHE A 10 -0.33 8.48 -4.19
N ARG A 11 0.21 7.45 -3.55
CA ARG A 11 0.85 6.37 -4.27
C ARG A 11 0.17 5.04 -3.96
N LYS A 12 0.65 4.00 -4.61
CA LYS A 12 0.10 2.67 -4.43
C LYS A 12 1.24 1.68 -4.20
N ALA A 13 0.88 0.40 -4.16
CA ALA A 13 1.85 -0.65 -3.95
C ALA A 13 1.20 -2.01 -4.21
N LYS A 14 2.00 -2.91 -4.77
CA LYS A 14 1.50 -4.25 -5.08
C LYS A 14 2.17 -5.26 -4.14
N ALA A 15 1.34 -6.14 -3.60
CA ALA A 15 1.83 -7.16 -2.68
C ALA A 15 2.63 -8.20 -3.47
N LEU A 16 3.83 -8.46 -2.98
CA LEU A 16 4.70 -9.43 -3.62
C LEU A 16 4.23 -10.85 -3.27
N TYR A 17 4.00 -11.06 -1.98
CA TYR A 17 3.55 -12.36 -1.52
C TYR A 17 2.27 -12.22 -0.69
N ALA A 18 1.55 -13.32 -0.58
CA ALA A 18 0.31 -13.34 0.19
C ALA A 18 0.63 -13.33 1.68
N CYS A 19 -0.01 -12.42 2.39
CA CYS A 19 0.19 -12.29 3.82
C CYS A 19 -1.16 -12.36 4.51
N LYS A 20 -1.14 -12.88 5.73
CA LYS A 20 -2.37 -13.02 6.51
C LYS A 20 -2.16 -12.38 7.88
N ALA A 21 -2.83 -11.25 8.08
CA ALA A 21 -2.73 -10.54 9.35
C ALA A 21 -2.86 -11.53 10.50
N GLU A 22 -2.56 -11.04 11.70
CA GLU A 22 -2.64 -11.87 12.89
C GLU A 22 -3.08 -11.03 14.09
N HIS A 23 -2.46 -9.86 14.21
CA HIS A 23 -2.78 -8.96 15.31
C HIS A 23 -4.18 -8.37 15.10
N ASP A 24 -4.23 -7.35 14.26
CA ASP A 24 -5.49 -6.69 13.97
C ASP A 24 -5.24 -5.49 13.04
N SER A 25 -4.34 -4.62 13.49
CA SER A 25 -3.99 -3.45 12.70
C SER A 25 -3.44 -3.86 11.34
N GLU A 26 -2.78 -5.01 11.33
CA GLU A 26 -2.21 -5.53 10.10
C GLU A 26 -3.29 -5.75 9.05
N LEU A 27 -2.84 -5.93 7.81
CA LEU A 27 -3.77 -6.16 6.71
C LEU A 27 -3.49 -7.52 6.08
N SER A 28 -4.53 -8.08 5.48
CA SER A 28 -4.41 -9.39 4.85
C SER A 28 -4.82 -9.27 3.38
N PHE A 29 -4.01 -9.89 2.52
CA PHE A 29 -4.28 -9.88 1.10
C PHE A 29 -3.56 -11.02 0.39
N THR A 30 -3.65 -11.02 -0.93
CA THR A 30 -3.01 -12.06 -1.73
C THR A 30 -2.04 -11.42 -2.73
N ALA A 31 -1.00 -12.17 -3.03
CA ALA A 31 0.01 -11.71 -3.98
C ALA A 31 -0.68 -11.13 -5.21
N GLY A 32 -0.18 -9.99 -5.65
CA GLY A 32 -0.73 -9.33 -6.82
C GLY A 32 -1.86 -8.37 -6.42
N THR A 33 -1.82 -7.96 -5.16
CA THR A 33 -2.83 -7.04 -4.65
C THR A 33 -2.26 -5.62 -4.56
N VAL A 34 -2.93 -4.71 -5.24
CA VAL A 34 -2.52 -3.31 -5.24
C VAL A 34 -3.19 -2.58 -4.07
N PHE A 35 -2.39 -1.78 -3.39
CA PHE A 35 -2.89 -1.01 -2.26
C PHE A 35 -3.04 0.47 -2.61
N ASP A 36 -4.25 0.96 -2.45
CA ASP A 36 -4.54 2.36 -2.75
C ASP A 36 -3.93 3.24 -1.66
N ASN A 37 -3.42 4.39 -2.09
CA ASN A 37 -2.80 5.33 -1.18
C ASN A 37 -1.89 4.57 -0.21
N VAL A 38 -0.65 4.39 -0.62
CA VAL A 38 0.33 3.69 0.19
C VAL A 38 1.31 4.71 0.79
N HIS A 39 1.88 4.32 1.93
CA HIS A 39 2.84 5.18 2.61
C HIS A 39 3.43 4.44 3.81
N PRO A 40 4.62 4.93 4.25
CA PRO A 40 5.31 4.32 5.38
C PRO A 40 4.62 4.69 6.70
N SER A 41 4.02 3.68 7.32
CA SER A 41 3.33 3.88 8.58
C SER A 41 4.28 4.49 9.61
N GLN A 42 3.89 4.39 10.87
CA GLN A 42 4.70 4.91 11.96
C GLN A 42 5.76 3.89 12.37
N GLU A 43 5.47 2.63 12.07
CA GLU A 43 6.37 1.55 12.41
C GLU A 43 7.51 1.47 11.40
N PRO A 44 8.71 1.08 11.90
CA PRO A 44 9.89 0.96 11.05
C PRO A 44 9.81 -0.30 10.19
N GLY A 45 9.70 -0.08 8.89
CA GLY A 45 9.61 -1.18 7.95
C GLY A 45 8.18 -1.69 7.83
N TRP A 46 7.23 -0.76 7.97
CA TRP A 46 5.83 -1.11 7.88
C TRP A 46 5.12 0.01 7.12
N LEU A 47 4.36 -0.40 6.11
CA LEU A 47 3.63 0.55 5.29
C LEU A 47 2.18 0.62 5.77
N GLU A 48 1.53 1.73 5.43
CA GLU A 48 0.14 1.92 5.82
C GLU A 48 -0.68 2.40 4.62
N GLY A 49 -1.44 1.47 4.06
CA GLY A 49 -2.28 1.79 2.91
C GLY A 49 -3.73 1.40 3.17
N THR A 50 -4.52 1.46 2.11
CA THR A 50 -5.93 1.11 2.21
C THR A 50 -6.25 -0.10 1.33
N LEU A 51 -7.07 -0.98 1.86
CA LEU A 51 -7.46 -2.18 1.15
C LEU A 51 -8.93 -2.50 1.43
N ASN A 52 -9.75 -2.34 0.41
CA ASN A 52 -11.17 -2.60 0.54
C ASN A 52 -11.73 -1.78 1.72
N GLY A 53 -11.65 -0.47 1.57
CA GLY A 53 -12.13 0.42 2.62
C GLY A 53 -11.65 -0.03 3.99
N LYS A 54 -10.41 -0.48 4.04
CA LYS A 54 -9.83 -0.95 5.28
C LYS A 54 -8.35 -0.56 5.32
N THR A 55 -8.00 0.23 6.32
CA THR A 55 -6.62 0.67 6.47
C THR A 55 -5.95 -0.08 7.61
N GLY A 56 -4.66 -0.36 7.43
CA GLY A 56 -3.90 -1.07 8.43
C GLY A 56 -2.40 -1.04 8.10
N LEU A 57 -1.66 -1.88 8.82
CA LEU A 57 -0.22 -1.96 8.60
C LEU A 57 0.07 -2.97 7.49
N ILE A 58 1.13 -2.70 6.75
CA ILE A 58 1.53 -3.58 5.66
C ILE A 58 3.04 -3.77 5.69
N PRO A 59 3.48 -5.03 5.42
CA PRO A 59 4.89 -5.35 5.40
C PRO A 59 5.57 -4.81 4.14
N GLU A 60 6.32 -3.74 4.33
CA GLU A 60 7.02 -3.12 3.22
C GLU A 60 7.88 -4.15 2.48
N ASN A 61 8.16 -5.25 3.18
CA ASN A 61 8.96 -6.32 2.60
C ASN A 61 8.04 -7.31 1.90
N TYR A 62 6.82 -6.86 1.65
CA TYR A 62 5.84 -7.70 0.98
C TYR A 62 5.06 -6.91 -0.06
N VAL A 63 5.59 -5.74 -0.40
CA VAL A 63 4.95 -4.88 -1.38
C VAL A 63 5.98 -4.45 -2.43
N GLU A 64 5.48 -3.79 -3.46
CA GLU A 64 6.35 -3.33 -4.54
C GLU A 64 5.73 -2.10 -5.21
N PHE A 65 6.05 -0.94 -4.66
CA PHE A 65 5.53 0.30 -5.20
C PHE A 65 5.50 0.26 -6.73
N LEU A 66 4.39 0.74 -7.28
CA LEU A 66 4.22 0.76 -8.72
C LEU A 66 4.49 2.16 -9.24
N SER A 67 4.31 2.33 -10.54
CA SER A 67 4.54 3.62 -11.17
C SER A 67 4.40 3.50 -12.69
N GLY A 68 3.72 4.47 -13.27
CA GLY A 68 3.52 4.49 -14.72
C GLY A 68 4.35 5.58 -15.39
N PRO A 69 4.59 5.38 -16.71
CA PRO A 69 5.37 6.33 -17.48
C PRO A 69 4.57 7.60 -17.77
N SER A 70 4.44 8.44 -16.74
CA SER A 70 3.70 9.68 -16.87
C SER A 70 3.75 10.45 -15.54
N SER A 71 4.40 11.61 -15.60
CA SER A 71 4.51 12.45 -14.42
C SER A 71 5.10 11.64 -13.26
N GLY A 72 6.42 11.68 -13.16
CA GLY A 72 7.11 10.97 -12.10
C GLY A 72 8.58 10.75 -12.45
N GLY A 1 -5.08 28.48 3.66
CA GLY A 1 -3.73 28.87 4.04
C GLY A 1 -3.06 27.76 4.87
N SER A 2 -2.67 26.71 4.17
CA SER A 2 -2.02 25.59 4.83
C SER A 2 -0.90 25.04 3.93
N SER A 3 0.05 24.38 4.56
CA SER A 3 1.18 23.80 3.84
C SER A 3 0.83 22.39 3.37
N GLY A 4 0.59 22.28 2.06
CA GLY A 4 0.25 21.00 1.48
C GLY A 4 1.22 20.63 0.36
N SER A 5 1.72 19.40 0.43
CA SER A 5 2.67 18.91 -0.56
C SER A 5 2.25 17.52 -1.04
N SER A 6 1.29 17.52 -1.96
CA SER A 6 0.79 16.27 -2.51
C SER A 6 0.84 16.31 -4.03
N GLY A 7 0.83 15.12 -4.63
CA GLY A 7 0.88 15.01 -6.07
C GLY A 7 0.34 13.66 -6.54
N THR A 8 -0.13 13.63 -7.78
CA THR A 8 -0.69 12.42 -8.35
C THR A 8 -1.82 11.88 -7.48
N PRO A 9 -2.64 10.99 -8.09
CA PRO A 9 -3.78 10.40 -7.38
C PRO A 9 -3.30 9.34 -6.39
N PHE A 10 -2.48 9.78 -5.44
CA PHE A 10 -1.96 8.87 -4.43
C PHE A 10 -1.17 7.74 -5.07
N ARG A 11 -0.30 7.12 -4.27
CA ARG A 11 0.51 6.02 -4.75
C ARG A 11 -0.15 4.68 -4.40
N LYS A 12 0.30 3.64 -5.07
CA LYS A 12 -0.23 2.31 -4.85
C LYS A 12 0.93 1.31 -4.76
N ALA A 13 0.68 0.23 -4.03
CA ALA A 13 1.69 -0.80 -3.85
C ALA A 13 1.06 -2.17 -4.15
N LYS A 14 1.91 -3.07 -4.63
CA LYS A 14 1.45 -4.42 -4.96
C LYS A 14 2.15 -5.43 -4.04
N ALA A 15 1.34 -6.25 -3.40
CA ALA A 15 1.86 -7.26 -2.50
C ALA A 15 2.68 -8.28 -3.30
N LEU A 16 3.94 -8.43 -2.91
CA LEU A 16 4.82 -9.36 -3.59
C LEU A 16 4.40 -10.79 -3.25
N TYR A 17 4.23 -11.03 -1.95
CA TYR A 17 3.83 -12.35 -1.48
C TYR A 17 2.57 -12.25 -0.61
N ALA A 18 1.78 -13.32 -0.65
CA ALA A 18 0.55 -13.38 0.13
C ALA A 18 0.90 -13.46 1.61
N CYS A 19 0.26 -12.60 2.38
CA CYS A 19 0.48 -12.57 3.82
C CYS A 19 -0.86 -12.64 4.53
N LYS A 20 -0.92 -13.52 5.52
CA LYS A 20 -2.15 -13.70 6.28
C LYS A 20 -2.04 -12.96 7.62
N ALA A 21 -2.42 -11.69 7.58
CA ALA A 21 -2.36 -10.87 8.78
C ALA A 21 -3.03 -11.61 9.94
N GLU A 22 -3.01 -10.97 11.10
CA GLU A 22 -3.61 -11.55 12.29
C GLU A 22 -3.81 -10.48 13.36
N HIS A 23 -2.80 -9.65 13.51
CA HIS A 23 -2.85 -8.58 14.50
C HIS A 23 -3.94 -7.58 14.12
N ASP A 24 -4.53 -6.96 15.14
CA ASP A 24 -5.58 -5.99 14.91
C ASP A 24 -4.97 -4.70 14.37
N SER A 25 -4.50 -4.78 13.14
CA SER A 25 -3.88 -3.62 12.49
C SER A 25 -3.42 -4.00 11.07
N GLU A 26 -2.71 -5.13 11.00
CA GLU A 26 -2.21 -5.60 9.73
C GLU A 26 -3.37 -5.96 8.79
N LEU A 27 -3.04 -6.03 7.51
CA LEU A 27 -4.04 -6.36 6.50
C LEU A 27 -3.66 -7.68 5.82
N SER A 28 -4.69 -8.42 5.44
CA SER A 28 -4.48 -9.70 4.78
C SER A 28 -4.80 -9.57 3.29
N PHE A 29 -3.87 -10.05 2.48
CA PHE A 29 -4.04 -10.00 1.03
C PHE A 29 -3.20 -11.07 0.34
N THR A 30 -3.38 -11.18 -0.97
CA THR A 30 -2.66 -12.16 -1.75
C THR A 30 -1.74 -11.46 -2.76
N ALA A 31 -0.61 -12.10 -3.02
CA ALA A 31 0.36 -11.56 -3.96
C ALA A 31 -0.38 -10.98 -5.16
N GLY A 32 -0.02 -9.75 -5.50
CA GLY A 32 -0.65 -9.06 -6.62
C GLY A 32 -1.61 -7.99 -6.15
N THR A 33 -2.12 -8.18 -4.94
CA THR A 33 -3.06 -7.24 -4.36
C THR A 33 -2.48 -5.82 -4.40
N VAL A 34 -3.24 -4.91 -4.98
CA VAL A 34 -2.82 -3.52 -5.09
C VAL A 34 -3.51 -2.70 -4.00
N PHE A 35 -2.71 -2.00 -3.22
CA PHE A 35 -3.23 -1.17 -2.15
C PHE A 35 -3.40 0.28 -2.62
N ASP A 36 -4.36 0.96 -1.99
CA ASP A 36 -4.63 2.35 -2.33
C ASP A 36 -3.92 3.26 -1.34
N ASN A 37 -3.47 4.40 -1.84
CA ASN A 37 -2.77 5.36 -1.01
C ASN A 37 -1.84 4.63 -0.05
N VAL A 38 -0.65 4.32 -0.56
CA VAL A 38 0.34 3.62 0.24
C VAL A 38 1.33 4.62 0.82
N HIS A 39 1.65 4.43 2.09
CA HIS A 39 2.59 5.31 2.77
C HIS A 39 3.23 4.57 3.94
N PRO A 40 4.40 5.11 4.39
CA PRO A 40 5.12 4.51 5.50
C PRO A 40 4.43 4.81 6.83
N SER A 41 3.88 3.77 7.43
CA SER A 41 3.19 3.92 8.70
C SER A 41 4.13 4.53 9.74
N GLN A 42 3.75 4.37 10.99
CA GLN A 42 4.56 4.90 12.08
C GLN A 42 5.60 3.87 12.52
N GLU A 43 5.41 2.64 12.07
CA GLU A 43 6.33 1.57 12.40
C GLU A 43 7.44 1.48 11.36
N PRO A 44 8.62 0.96 11.81
CA PRO A 44 9.76 0.81 10.93
C PRO A 44 9.57 -0.38 9.97
N GLY A 45 9.70 -0.08 8.69
CA GLY A 45 9.55 -1.11 7.67
C GLY A 45 8.10 -1.62 7.62
N TRP A 46 7.18 -0.70 7.88
CA TRP A 46 5.77 -1.04 7.86
C TRP A 46 5.02 0.08 7.13
N LEU A 47 4.30 -0.32 6.10
CA LEU A 47 3.54 0.62 5.30
C LEU A 47 2.08 0.62 5.77
N GLU A 48 1.43 1.77 5.59
CA GLU A 48 0.04 1.92 5.99
C GLU A 48 -0.81 2.37 4.80
N GLY A 49 -1.45 1.40 4.17
CA GLY A 49 -2.30 1.69 3.03
C GLY A 49 -3.77 1.42 3.35
N THR A 50 -4.60 1.57 2.33
CA THR A 50 -6.04 1.34 2.49
C THR A 50 -6.50 0.23 1.55
N LEU A 51 -6.70 -0.94 2.13
CA LEU A 51 -7.16 -2.09 1.37
C LEU A 51 -8.68 -2.23 1.52
N ASN A 52 -9.39 -1.77 0.51
CA ASN A 52 -10.84 -1.84 0.52
C ASN A 52 -11.37 -1.06 1.72
N GLY A 53 -11.35 0.26 1.58
CA GLY A 53 -11.83 1.13 2.64
C GLY A 53 -11.41 0.60 4.02
N LYS A 54 -10.19 0.07 4.07
CA LYS A 54 -9.67 -0.47 5.30
C LYS A 54 -8.17 -0.15 5.40
N THR A 55 -7.82 0.57 6.45
CA THR A 55 -6.44 0.95 6.67
C THR A 55 -5.80 0.04 7.72
N GLY A 56 -4.55 -0.32 7.45
CA GLY A 56 -3.82 -1.19 8.35
C GLY A 56 -2.31 -1.14 8.06
N LEU A 57 -1.58 -2.00 8.75
CA LEU A 57 -0.14 -2.07 8.58
C LEU A 57 0.20 -3.10 7.51
N ILE A 58 1.21 -2.78 6.71
CA ILE A 58 1.63 -3.67 5.64
C ILE A 58 3.15 -3.80 5.68
N PRO A 59 3.63 -5.06 5.43
CA PRO A 59 5.06 -5.33 5.42
C PRO A 59 5.71 -4.79 4.16
N GLU A 60 6.56 -3.79 4.34
CA GLU A 60 7.26 -3.18 3.22
C GLU A 60 8.07 -4.24 2.46
N ASN A 61 8.38 -5.32 3.16
CA ASN A 61 9.15 -6.40 2.59
C ASN A 61 8.20 -7.40 1.93
N TYR A 62 6.99 -6.93 1.67
CA TYR A 62 5.98 -7.77 1.04
C TYR A 62 5.15 -6.98 0.03
N VAL A 63 5.66 -5.81 -0.32
CA VAL A 63 4.98 -4.95 -1.27
C VAL A 63 5.97 -4.50 -2.35
N GLU A 64 5.42 -3.92 -3.40
CA GLU A 64 6.24 -3.44 -4.50
C GLU A 64 5.60 -2.20 -5.15
N PHE A 65 5.94 -1.05 -4.60
CA PHE A 65 5.42 0.21 -5.11
C PHE A 65 5.36 0.20 -6.63
N LEU A 66 4.25 0.71 -7.16
CA LEU A 66 4.06 0.77 -8.60
C LEU A 66 4.40 2.18 -9.10
N SER A 67 5.69 2.50 -9.04
CA SER A 67 6.15 3.80 -9.48
C SER A 67 7.67 3.78 -9.67
N GLY A 68 8.15 4.74 -10.44
CA GLY A 68 9.58 4.84 -10.69
C GLY A 68 9.87 4.81 -12.20
N PRO A 69 10.40 5.95 -12.70
CA PRO A 69 10.72 6.07 -14.12
C PRO A 69 12.00 5.30 -14.45
N SER A 70 11.92 3.98 -14.31
CA SER A 70 13.05 3.13 -14.59
C SER A 70 13.66 3.50 -15.94
N SER A 71 14.88 4.02 -15.89
CA SER A 71 15.58 4.42 -17.09
C SER A 71 16.39 3.24 -17.64
N GLY A 72 16.37 3.12 -18.96
CA GLY A 72 17.09 2.04 -19.61
C GLY A 72 16.41 1.65 -20.93
N GLY A 1 -9.83 17.49 -9.90
CA GLY A 1 -10.84 18.39 -10.42
C GLY A 1 -11.14 18.08 -11.90
N SER A 2 -11.79 19.03 -12.55
CA SER A 2 -12.14 18.87 -13.95
C SER A 2 -11.04 19.47 -14.83
N SER A 3 -10.80 20.76 -14.63
CA SER A 3 -9.78 21.46 -15.40
C SER A 3 -8.39 21.09 -14.88
N GLY A 4 -7.39 21.35 -15.71
CA GLY A 4 -6.01 21.06 -15.35
C GLY A 4 -5.71 19.57 -15.52
N SER A 5 -5.94 18.82 -14.45
CA SER A 5 -5.70 17.39 -14.46
C SER A 5 -4.27 17.11 -14.92
N SER A 6 -3.35 17.21 -13.97
CA SER A 6 -1.95 16.97 -14.26
C SER A 6 -1.30 16.22 -13.09
N GLY A 7 -0.92 14.97 -13.37
CA GLY A 7 -0.29 14.14 -12.35
C GLY A 7 -1.25 13.03 -11.88
N THR A 8 -0.73 12.19 -11.00
CA THR A 8 -1.51 11.09 -10.46
C THR A 8 -1.80 11.32 -8.98
N PRO A 9 -2.82 10.57 -8.47
CA PRO A 9 -3.20 10.67 -7.08
C PRO A 9 -2.18 9.99 -6.17
N PHE A 10 -2.63 9.68 -4.96
CA PHE A 10 -1.77 9.02 -3.99
C PHE A 10 -0.98 7.88 -4.64
N ARG A 11 -0.03 7.34 -3.89
CA ARG A 11 0.80 6.26 -4.36
C ARG A 11 0.09 4.91 -4.15
N LYS A 12 0.57 3.91 -4.86
CA LYS A 12 -0.01 2.58 -4.75
C LYS A 12 1.12 1.54 -4.75
N ALA A 13 0.88 0.47 -4.00
CA ALA A 13 1.87 -0.60 -3.90
C ALA A 13 1.19 -1.94 -4.18
N LYS A 14 1.99 -2.87 -4.68
CA LYS A 14 1.48 -4.20 -5.00
C LYS A 14 2.12 -5.22 -4.07
N ALA A 15 1.27 -6.08 -3.50
CA ALA A 15 1.74 -7.10 -2.59
C ALA A 15 2.56 -8.13 -3.37
N LEU A 16 3.75 -8.41 -2.84
CA LEU A 16 4.64 -9.37 -3.48
C LEU A 16 4.18 -10.79 -3.13
N TYR A 17 3.97 -11.00 -1.85
CA TYR A 17 3.54 -12.31 -1.37
C TYR A 17 2.28 -12.18 -0.51
N ALA A 18 1.47 -13.24 -0.55
CA ALA A 18 0.23 -13.26 0.21
C ALA A 18 0.55 -13.28 1.70
N CYS A 19 -0.05 -12.36 2.43
CA CYS A 19 0.17 -12.26 3.86
C CYS A 19 -1.19 -12.27 4.56
N LYS A 20 -1.28 -13.06 5.62
CA LYS A 20 -2.52 -13.17 6.38
C LYS A 20 -2.33 -12.50 7.74
N ALA A 21 -2.98 -11.35 7.90
CA ALA A 21 -2.90 -10.61 9.14
C ALA A 21 -3.19 -11.53 10.32
N GLU A 22 -3.12 -10.98 11.51
CA GLU A 22 -3.37 -11.74 12.72
C GLU A 22 -3.44 -10.82 13.94
N HIS A 23 -2.54 -9.84 13.94
CA HIS A 23 -2.48 -8.89 15.03
C HIS A 23 -3.85 -8.23 15.21
N ASP A 24 -4.11 -7.24 14.35
CA ASP A 24 -5.37 -6.52 14.40
C ASP A 24 -5.27 -5.28 13.51
N SER A 25 -4.11 -4.65 13.56
CA SER A 25 -3.87 -3.46 12.76
C SER A 25 -3.40 -3.84 11.37
N GLU A 26 -2.73 -4.97 11.28
CA GLU A 26 -2.22 -5.46 10.01
C GLU A 26 -3.38 -5.81 9.08
N LEU A 27 -3.06 -5.89 7.80
CA LEU A 27 -4.07 -6.21 6.79
C LEU A 27 -3.74 -7.57 6.17
N SER A 28 -4.74 -8.13 5.50
CA SER A 28 -4.58 -9.42 4.86
C SER A 28 -4.92 -9.31 3.37
N PHE A 29 -4.08 -9.94 2.55
CA PHE A 29 -4.28 -9.92 1.12
C PHE A 29 -3.49 -11.04 0.44
N THR A 30 -3.52 -11.03 -0.88
CA THR A 30 -2.82 -12.04 -1.66
C THR A 30 -1.86 -11.37 -2.65
N ALA A 31 -0.83 -12.12 -3.02
CA ALA A 31 0.16 -11.63 -3.95
C ALA A 31 -0.54 -11.06 -5.19
N GLY A 32 -0.07 -9.91 -5.63
CA GLY A 32 -0.65 -9.25 -6.79
C GLY A 32 -1.79 -8.32 -6.39
N THR A 33 -1.78 -7.95 -5.11
CA THR A 33 -2.80 -7.05 -4.59
C THR A 33 -2.27 -5.63 -4.51
N VAL A 34 -2.91 -4.75 -5.26
CA VAL A 34 -2.51 -3.35 -5.28
C VAL A 34 -3.25 -2.60 -4.18
N PHE A 35 -2.47 -1.92 -3.34
CA PHE A 35 -3.03 -1.16 -2.23
C PHE A 35 -3.22 0.31 -2.62
N ASP A 36 -4.42 0.80 -2.39
CA ASP A 36 -4.75 2.19 -2.71
C ASP A 36 -4.25 3.09 -1.58
N ASN A 37 -3.64 4.20 -1.97
CA ASN A 37 -3.11 5.15 -1.01
C ASN A 37 -2.16 4.43 -0.06
N VAL A 38 -0.91 4.36 -0.46
CA VAL A 38 0.11 3.71 0.34
C VAL A 38 1.10 4.76 0.86
N HIS A 39 1.63 4.49 2.04
CA HIS A 39 2.59 5.39 2.66
C HIS A 39 3.30 4.67 3.80
N PRO A 40 4.41 5.30 4.28
CA PRO A 40 5.18 4.75 5.37
C PRO A 40 4.46 4.94 6.71
N SER A 41 4.16 3.81 7.34
CA SER A 41 3.48 3.83 8.62
C SER A 41 4.39 4.43 9.69
N GLN A 42 4.05 4.16 10.95
CA GLN A 42 4.83 4.66 12.06
C GLN A 42 5.89 3.64 12.47
N GLU A 43 5.68 2.40 12.04
CA GLU A 43 6.62 1.33 12.35
C GLU A 43 7.71 1.26 11.28
N PRO A 44 8.91 0.78 11.73
CA PRO A 44 10.05 0.66 10.83
C PRO A 44 9.87 -0.54 9.90
N GLY A 45 9.82 -0.25 8.60
CA GLY A 45 9.66 -1.29 7.60
C GLY A 45 8.19 -1.73 7.50
N TRP A 46 7.31 -0.81 7.84
CA TRP A 46 5.89 -1.09 7.79
C TRP A 46 5.20 0.08 7.08
N LEU A 47 4.37 -0.29 6.10
CA LEU A 47 3.64 0.71 5.34
C LEU A 47 2.21 0.81 5.86
N GLU A 48 1.57 1.92 5.53
CA GLU A 48 0.20 2.14 5.95
C GLU A 48 -0.66 2.59 4.77
N GLY A 49 -1.38 1.64 4.21
CA GLY A 49 -2.24 1.93 3.06
C GLY A 49 -3.60 1.23 3.21
N THR A 50 -4.41 1.37 2.17
CA THR A 50 -5.73 0.76 2.18
C THR A 50 -5.79 -0.38 1.16
N LEU A 51 -6.67 -1.33 1.44
CA LEU A 51 -6.83 -2.47 0.56
C LEU A 51 -8.27 -2.51 0.05
N ASN A 52 -9.19 -2.80 0.96
CA ASN A 52 -10.60 -2.88 0.62
C ASN A 52 -11.40 -2.04 1.62
N GLY A 53 -11.37 -0.74 1.43
CA GLY A 53 -12.09 0.17 2.30
C GLY A 53 -11.63 0.01 3.75
N LYS A 54 -10.41 -0.47 3.91
CA LYS A 54 -9.84 -0.67 5.23
C LYS A 54 -8.37 -0.27 5.22
N THR A 55 -7.94 0.30 6.33
CA THR A 55 -6.55 0.74 6.46
C THR A 55 -5.89 0.03 7.64
N GLY A 56 -4.61 -0.27 7.46
CA GLY A 56 -3.84 -0.94 8.49
C GLY A 56 -2.35 -0.93 8.16
N LEU A 57 -1.62 -1.78 8.87
CA LEU A 57 -0.18 -1.87 8.67
C LEU A 57 0.11 -2.90 7.57
N ILE A 58 1.14 -2.61 6.78
CA ILE A 58 1.53 -3.50 5.70
C ILE A 58 3.05 -3.66 5.70
N PRO A 59 3.48 -4.92 5.45
CA PRO A 59 4.91 -5.23 5.42
C PRO A 59 5.56 -4.70 4.13
N GLU A 60 6.49 -3.78 4.31
CA GLU A 60 7.19 -3.19 3.19
C GLU A 60 7.96 -4.27 2.42
N ASN A 61 8.27 -5.35 3.12
CA ASN A 61 9.00 -6.46 2.52
C ASN A 61 8.01 -7.43 1.87
N TYR A 62 6.80 -6.93 1.64
CA TYR A 62 5.76 -7.73 1.03
C TYR A 62 4.97 -6.92 0.00
N VAL A 63 5.50 -5.73 -0.30
CA VAL A 63 4.85 -4.86 -1.26
C VAL A 63 5.89 -4.38 -2.29
N GLU A 64 5.39 -3.70 -3.31
CA GLU A 64 6.25 -3.20 -4.36
C GLU A 64 5.63 -1.96 -5.01
N PHE A 65 5.94 -0.81 -4.43
CA PHE A 65 5.42 0.45 -4.95
C PHE A 65 5.45 0.47 -6.48
N LEU A 66 4.31 0.83 -7.06
CA LEU A 66 4.19 0.89 -8.50
C LEU A 66 4.55 2.31 -8.97
N SER A 67 5.82 2.46 -9.34
CA SER A 67 6.31 3.75 -9.80
C SER A 67 7.24 3.55 -11.00
N GLY A 68 8.23 2.70 -10.81
CA GLY A 68 9.19 2.42 -11.86
C GLY A 68 8.76 1.21 -12.68
N PRO A 69 8.78 1.38 -14.02
CA PRO A 69 8.40 0.32 -14.93
C PRO A 69 9.49 -0.76 -15.02
N SER A 70 9.54 -1.59 -13.99
CA SER A 70 10.53 -2.65 -13.94
C SER A 70 10.03 -3.79 -13.05
N SER A 71 9.64 -4.88 -13.71
CA SER A 71 9.14 -6.04 -13.00
C SER A 71 10.22 -7.12 -12.94
N GLY A 72 10.66 -7.42 -11.73
CA GLY A 72 11.68 -8.43 -11.54
C GLY A 72 13.00 -7.80 -11.13
N GLY A 1 -9.97 19.84 3.49
CA GLY A 1 -9.04 19.61 2.39
C GLY A 1 -9.11 20.76 1.37
N SER A 2 -8.75 21.94 1.84
CA SER A 2 -8.76 23.11 0.98
C SER A 2 -7.39 23.79 0.99
N SER A 3 -7.02 24.32 -0.17
CA SER A 3 -5.73 25.00 -0.30
C SER A 3 -4.60 24.04 0.06
N GLY A 4 -4.13 23.31 -0.94
CA GLY A 4 -3.05 22.36 -0.74
C GLY A 4 -2.40 21.98 -2.08
N SER A 5 -1.57 20.95 -2.02
CA SER A 5 -0.89 20.48 -3.21
C SER A 5 -1.03 18.97 -3.34
N SER A 6 -2.01 18.57 -4.16
CA SER A 6 -2.26 17.16 -4.39
C SER A 6 -1.97 16.79 -5.84
N GLY A 7 -0.70 16.59 -6.12
CA GLY A 7 -0.27 16.24 -7.47
C GLY A 7 -0.95 14.95 -7.94
N THR A 8 -0.13 13.93 -8.15
CA THR A 8 -0.64 12.64 -8.60
C THR A 8 -1.68 12.11 -7.61
N PRO A 9 -2.53 11.18 -8.12
CA PRO A 9 -3.57 10.58 -7.30
C PRO A 9 -2.98 9.56 -6.32
N PHE A 10 -2.17 10.06 -5.41
CA PHE A 10 -1.54 9.21 -4.41
C PHE A 10 -0.73 8.11 -5.07
N ARG A 11 -0.14 7.26 -4.23
CA ARG A 11 0.66 6.16 -4.73
C ARG A 11 0.01 4.82 -4.36
N LYS A 12 0.39 3.79 -5.09
CA LYS A 12 -0.15 2.45 -4.84
C LYS A 12 1.01 1.46 -4.74
N ALA A 13 0.70 0.32 -4.13
CA ALA A 13 1.70 -0.72 -3.95
C ALA A 13 1.08 -2.09 -4.26
N LYS A 14 1.92 -3.01 -4.68
CA LYS A 14 1.46 -4.35 -5.02
C LYS A 14 2.16 -5.36 -4.11
N ALA A 15 1.36 -6.22 -3.50
CA ALA A 15 1.89 -7.24 -2.61
C ALA A 15 2.74 -8.23 -3.40
N LEU A 16 3.91 -8.50 -2.87
CA LEU A 16 4.83 -9.42 -3.53
C LEU A 16 4.43 -10.87 -3.18
N TYR A 17 4.16 -11.08 -1.90
CA TYR A 17 3.77 -12.40 -1.43
C TYR A 17 2.52 -12.32 -0.56
N ALA A 18 1.70 -13.35 -0.67
CA ALA A 18 0.47 -13.43 0.10
C ALA A 18 0.80 -13.50 1.59
N CYS A 19 0.19 -12.61 2.35
CA CYS A 19 0.42 -12.56 3.78
C CYS A 19 -0.95 -12.62 4.48
N LYS A 20 -1.03 -13.47 5.50
CA LYS A 20 -2.25 -13.63 6.26
C LYS A 20 -2.17 -12.79 7.53
N ALA A 21 -2.99 -11.74 7.56
CA ALA A 21 -3.03 -10.85 8.71
C ALA A 21 -3.17 -11.68 9.99
N GLU A 22 -3.19 -10.98 11.11
CA GLU A 22 -3.33 -11.63 12.40
C GLU A 22 -3.36 -10.59 13.52
N HIS A 23 -2.56 -9.55 13.33
CA HIS A 23 -2.47 -8.49 14.33
C HIS A 23 -3.84 -7.81 14.45
N ASP A 24 -3.83 -6.65 15.10
CA ASP A 24 -5.05 -5.89 15.30
C ASP A 24 -5.04 -4.66 14.39
N SER A 25 -3.90 -4.45 13.75
CA SER A 25 -3.74 -3.31 12.85
C SER A 25 -2.98 -3.75 11.60
N GLU A 26 -3.21 -4.99 11.20
CA GLU A 26 -2.56 -5.53 10.02
C GLU A 26 -3.58 -5.74 8.89
N LEU A 27 -3.06 -5.98 7.70
CA LEU A 27 -3.90 -6.20 6.54
C LEU A 27 -3.56 -7.54 5.91
N SER A 28 -4.58 -8.15 5.31
CA SER A 28 -4.39 -9.44 4.65
C SER A 28 -4.68 -9.31 3.16
N PHE A 29 -3.79 -9.90 2.37
CA PHE A 29 -3.93 -9.86 0.93
C PHE A 29 -3.14 -11.00 0.26
N THR A 30 -3.22 -11.04 -1.06
CA THR A 30 -2.52 -12.06 -1.82
C THR A 30 -1.60 -11.42 -2.86
N ALA A 31 -0.49 -12.09 -3.10
CA ALA A 31 0.48 -11.60 -4.08
C ALA A 31 -0.26 -11.08 -5.31
N GLY A 32 0.01 -9.82 -5.63
CA GLY A 32 -0.62 -9.18 -6.77
C GLY A 32 -1.61 -8.11 -6.32
N THR A 33 -2.07 -8.24 -5.09
CA THR A 33 -3.02 -7.30 -4.53
C THR A 33 -2.43 -5.88 -4.53
N VAL A 34 -3.20 -4.95 -5.07
CA VAL A 34 -2.76 -3.57 -5.13
C VAL A 34 -3.47 -2.77 -4.04
N PHE A 35 -2.67 -1.96 -3.34
CA PHE A 35 -3.19 -1.14 -2.26
C PHE A 35 -3.40 0.30 -2.73
N ASP A 36 -4.35 0.97 -2.09
CA ASP A 36 -4.66 2.35 -2.42
C ASP A 36 -3.95 3.28 -1.43
N ASN A 37 -3.51 4.41 -1.94
CA ASN A 37 -2.82 5.39 -1.12
C ASN A 37 -1.88 4.66 -0.15
N VAL A 38 -0.69 4.36 -0.65
CA VAL A 38 0.30 3.67 0.15
C VAL A 38 1.27 4.69 0.75
N HIS A 39 1.75 4.37 1.94
CA HIS A 39 2.68 5.25 2.64
C HIS A 39 3.27 4.52 3.84
N PRO A 40 4.45 5.03 4.30
CA PRO A 40 5.13 4.44 5.45
C PRO A 40 4.41 4.81 6.76
N SER A 41 3.88 3.77 7.41
CA SER A 41 3.18 3.97 8.67
C SER A 41 4.11 4.60 9.69
N GLN A 42 3.84 4.30 10.96
CA GLN A 42 4.64 4.84 12.03
C GLN A 42 5.67 3.80 12.50
N GLU A 43 5.46 2.56 12.05
CA GLU A 43 6.36 1.48 12.42
C GLU A 43 7.49 1.36 11.39
N PRO A 44 8.66 0.89 11.88
CA PRO A 44 9.82 0.73 11.01
C PRO A 44 9.66 -0.50 10.11
N GLY A 45 9.73 -0.26 8.81
CA GLY A 45 9.60 -1.32 7.84
C GLY A 45 8.14 -1.76 7.71
N TRP A 46 7.24 -0.84 7.98
CA TRP A 46 5.81 -1.12 7.91
C TRP A 46 5.15 0.02 7.13
N LEU A 47 4.27 -0.36 6.22
CA LEU A 47 3.56 0.61 5.41
C LEU A 47 2.09 0.65 5.83
N GLU A 48 1.45 1.77 5.53
CA GLU A 48 0.05 1.94 5.88
C GLU A 48 -0.76 2.36 4.65
N GLY A 49 -1.52 1.42 4.12
CA GLY A 49 -2.33 1.67 2.95
C GLY A 49 -3.80 1.34 3.22
N THR A 50 -4.62 1.61 2.21
CA THR A 50 -6.06 1.34 2.33
C THR A 50 -6.45 0.19 1.41
N LEU A 51 -6.76 -0.94 2.03
CA LEU A 51 -7.17 -2.12 1.28
C LEU A 51 -8.67 -2.35 1.46
N ASN A 52 -9.43 -1.91 0.47
CA ASN A 52 -10.87 -2.06 0.51
C ASN A 52 -11.43 -1.32 1.73
N GLY A 53 -11.48 0.00 1.61
CA GLY A 53 -11.98 0.83 2.69
C GLY A 53 -11.56 0.28 4.05
N LYS A 54 -10.31 -0.20 4.11
CA LYS A 54 -9.78 -0.75 5.33
C LYS A 54 -8.30 -0.36 5.47
N THR A 55 -8.02 0.36 6.55
CA THR A 55 -6.67 0.82 6.80
C THR A 55 -5.99 -0.11 7.82
N GLY A 56 -4.70 -0.34 7.59
CA GLY A 56 -3.92 -1.19 8.47
C GLY A 56 -2.44 -1.13 8.13
N LEU A 57 -1.67 -1.97 8.81
CA LEU A 57 -0.23 -2.01 8.60
C LEU A 57 0.08 -2.99 7.46
N ILE A 58 1.18 -2.73 6.78
CA ILE A 58 1.60 -3.58 5.67
C ILE A 58 3.11 -3.77 5.71
N PRO A 59 3.54 -5.03 5.47
CA PRO A 59 4.97 -5.35 5.48
C PRO A 59 5.66 -4.84 4.22
N GLU A 60 6.46 -3.80 4.40
CA GLU A 60 7.19 -3.20 3.30
C GLU A 60 7.98 -4.27 2.55
N ASN A 61 8.27 -5.36 3.25
CA ASN A 61 9.02 -6.46 2.67
C ASN A 61 8.05 -7.43 1.99
N TYR A 62 6.85 -6.93 1.72
CA TYR A 62 5.82 -7.74 1.08
C TYR A 62 5.01 -6.91 0.09
N VAL A 63 5.60 -5.81 -0.33
CA VAL A 63 4.94 -4.92 -1.28
C VAL A 63 5.94 -4.48 -2.34
N GLU A 64 5.42 -3.84 -3.38
CA GLU A 64 6.25 -3.37 -4.47
C GLU A 64 5.63 -2.13 -5.12
N PHE A 65 5.94 -0.98 -4.54
CA PHE A 65 5.42 0.27 -5.05
C PHE A 65 5.40 0.28 -6.58
N LEU A 66 4.27 0.73 -7.12
CA LEU A 66 4.11 0.79 -8.56
C LEU A 66 4.35 2.23 -9.03
N SER A 67 5.60 2.50 -9.37
CA SER A 67 5.97 3.83 -9.84
C SER A 67 7.23 3.75 -10.71
N GLY A 68 7.31 4.67 -11.66
CA GLY A 68 8.45 4.71 -12.56
C GLY A 68 9.00 6.13 -12.69
N PRO A 69 9.91 6.31 -13.67
CA PRO A 69 10.53 7.61 -13.90
C PRO A 69 9.55 8.55 -14.60
N SER A 70 8.46 8.84 -13.91
CA SER A 70 7.45 9.73 -14.44
C SER A 70 7.92 11.19 -14.38
N SER A 71 7.57 11.93 -15.41
CA SER A 71 7.96 13.34 -15.49
C SER A 71 6.92 14.13 -16.28
N GLY A 72 7.02 15.45 -16.17
CA GLY A 72 6.10 16.33 -16.87
C GLY A 72 6.44 17.80 -16.61
N GLY A 1 -6.60 34.56 -6.15
CA GLY A 1 -5.63 34.26 -5.11
C GLY A 1 -5.90 32.88 -4.50
N SER A 2 -5.71 32.81 -3.19
CA SER A 2 -5.92 31.57 -2.47
C SER A 2 -5.30 30.40 -3.23
N SER A 3 -4.01 30.20 -2.99
CA SER A 3 -3.28 29.13 -3.66
C SER A 3 -3.77 27.78 -3.13
N GLY A 4 -4.07 26.90 -4.07
CA GLY A 4 -4.54 25.57 -3.73
C GLY A 4 -4.49 24.63 -4.94
N SER A 5 -3.45 23.81 -4.96
CA SER A 5 -3.28 22.86 -6.06
C SER A 5 -2.35 21.72 -5.62
N SER A 6 -2.67 20.53 -6.10
CA SER A 6 -1.88 19.36 -5.76
C SER A 6 -1.29 18.75 -7.03
N GLY A 7 -0.08 18.21 -6.89
CA GLY A 7 0.60 17.59 -8.02
C GLY A 7 0.56 16.06 -7.90
N THR A 8 -0.16 15.46 -8.82
CA THR A 8 -0.28 14.00 -8.83
C THR A 8 -0.94 13.51 -7.54
N PRO A 9 -1.76 12.44 -7.70
CA PRO A 9 -2.45 11.86 -6.55
C PRO A 9 -1.49 11.05 -5.69
N PHE A 10 -2.06 10.15 -4.89
CA PHE A 10 -1.28 9.32 -4.01
C PHE A 10 -0.56 8.21 -4.79
N ARG A 11 0.02 7.28 -4.06
CA ARG A 11 0.73 6.18 -4.67
C ARG A 11 0.05 4.85 -4.32
N LYS A 12 0.43 3.82 -5.06
CA LYS A 12 -0.13 2.49 -4.83
C LYS A 12 1.00 1.48 -4.74
N ALA A 13 0.72 0.39 -4.01
CA ALA A 13 1.71 -0.65 -3.83
C ALA A 13 1.05 -2.01 -4.12
N LYS A 14 1.88 -2.95 -4.55
CA LYS A 14 1.40 -4.29 -4.86
C LYS A 14 2.09 -5.30 -3.95
N ALA A 15 1.29 -6.18 -3.38
CA ALA A 15 1.81 -7.20 -2.49
C ALA A 15 2.65 -8.19 -3.29
N LEU A 16 3.82 -8.51 -2.74
CA LEU A 16 4.73 -9.43 -3.39
C LEU A 16 4.32 -10.87 -3.05
N TYR A 17 4.06 -11.09 -1.77
CA TYR A 17 3.66 -12.40 -1.29
C TYR A 17 2.41 -12.30 -0.40
N ALA A 18 1.54 -13.28 -0.58
CA ALA A 18 0.31 -13.33 0.19
C ALA A 18 0.65 -13.40 1.68
N CYS A 19 0.02 -12.52 2.45
CA CYS A 19 0.24 -12.47 3.88
C CYS A 19 -1.11 -12.59 4.58
N LYS A 20 -1.13 -13.43 5.61
CA LYS A 20 -2.36 -13.64 6.37
C LYS A 20 -2.32 -12.78 7.64
N ALA A 21 -3.10 -11.70 7.60
CA ALA A 21 -3.15 -10.79 8.73
C ALA A 21 -3.20 -11.60 10.03
N GLU A 22 -2.13 -11.47 10.81
CA GLU A 22 -2.04 -12.18 12.07
C GLU A 22 -1.80 -11.20 13.21
N HIS A 23 -2.15 -9.95 12.95
CA HIS A 23 -1.98 -8.90 13.95
C HIS A 23 -3.35 -8.31 14.31
N ASP A 24 -3.31 -7.15 14.94
CA ASP A 24 -4.54 -6.48 15.34
C ASP A 24 -4.75 -5.24 14.46
N SER A 25 -3.65 -4.75 13.91
CA SER A 25 -3.70 -3.59 13.04
C SER A 25 -3.01 -3.89 11.71
N GLU A 26 -3.18 -5.13 11.26
CA GLU A 26 -2.59 -5.56 10.01
C GLU A 26 -3.66 -5.77 8.95
N LEU A 27 -3.21 -6.04 7.74
CA LEU A 27 -4.12 -6.26 6.63
C LEU A 27 -3.80 -7.60 5.97
N SER A 28 -4.85 -8.25 5.48
CA SER A 28 -4.69 -9.54 4.83
C SER A 28 -4.95 -9.40 3.33
N PHE A 29 -4.05 -9.99 2.55
CA PHE A 29 -4.18 -9.93 1.10
C PHE A 29 -3.29 -10.98 0.43
N THR A 30 -3.48 -11.13 -0.87
CA THR A 30 -2.69 -12.11 -1.62
C THR A 30 -1.66 -11.38 -2.48
N ALA A 31 -0.76 -12.17 -3.05
CA ALA A 31 0.29 -11.63 -3.89
C ALA A 31 -0.34 -11.01 -5.15
N GLY A 32 0.05 -9.78 -5.43
CA GLY A 32 -0.46 -9.07 -6.59
C GLY A 32 -1.47 -8.00 -6.18
N THR A 33 -2.00 -8.17 -4.97
CA THR A 33 -2.97 -7.23 -4.45
C THR A 33 -2.39 -5.81 -4.43
N VAL A 34 -3.15 -4.87 -4.98
CA VAL A 34 -2.72 -3.49 -5.02
C VAL A 34 -3.40 -2.71 -3.89
N PHE A 35 -2.63 -1.84 -3.28
CA PHE A 35 -3.14 -1.02 -2.19
C PHE A 35 -3.32 0.44 -2.63
N ASP A 36 -4.33 1.07 -2.06
CA ASP A 36 -4.63 2.46 -2.38
C ASP A 36 -3.90 3.36 -1.39
N ASN A 37 -3.43 4.49 -1.91
CA ASN A 37 -2.71 5.45 -1.07
C ASN A 37 -1.80 4.70 -0.11
N VAL A 38 -0.58 4.43 -0.57
CA VAL A 38 0.38 3.72 0.24
C VAL A 38 1.41 4.72 0.78
N HIS A 39 1.81 4.51 2.03
CA HIS A 39 2.79 5.37 2.66
C HIS A 39 3.46 4.63 3.82
N PRO A 40 4.57 5.23 4.32
CA PRO A 40 5.31 4.62 5.41
C PRO A 40 4.58 4.82 6.74
N SER A 41 4.10 3.70 7.29
CA SER A 41 3.38 3.74 8.55
C SER A 41 4.29 4.23 9.66
N GLN A 42 3.69 4.46 10.82
CA GLN A 42 4.44 4.95 11.98
C GLN A 42 5.45 3.90 12.43
N GLU A 43 5.18 2.66 12.05
CA GLU A 43 6.05 1.56 12.42
C GLU A 43 7.19 1.42 11.39
N PRO A 44 8.34 0.89 11.88
CA PRO A 44 9.50 0.71 11.03
C PRO A 44 9.31 -0.48 10.09
N GLY A 45 9.50 -0.22 8.80
CA GLY A 45 9.35 -1.25 7.80
C GLY A 45 7.88 -1.72 7.70
N TRP A 46 6.98 -0.77 7.92
CA TRP A 46 5.56 -1.06 7.86
C TRP A 46 4.88 0.07 7.08
N LEU A 47 4.22 -0.32 6.01
CA LEU A 47 3.52 0.65 5.17
C LEU A 47 2.06 0.75 5.62
N GLU A 48 1.52 1.95 5.52
CA GLU A 48 0.14 2.20 5.91
C GLU A 48 -0.69 2.62 4.70
N GLY A 49 -1.41 1.65 4.14
CA GLY A 49 -2.25 1.92 2.99
C GLY A 49 -3.72 1.64 3.29
N THR A 50 -4.55 1.78 2.27
CA THR A 50 -5.98 1.57 2.42
C THR A 50 -6.44 0.46 1.48
N LEU A 51 -6.67 -0.71 2.05
CA LEU A 51 -7.13 -1.85 1.27
C LEU A 51 -8.63 -2.03 1.46
N ASN A 52 -9.33 -2.09 0.33
CA ASN A 52 -10.78 -2.26 0.37
C ASN A 52 -11.37 -1.37 1.46
N GLY A 53 -11.28 -0.07 1.24
CA GLY A 53 -11.80 0.88 2.20
C GLY A 53 -11.41 0.49 3.63
N LYS A 54 -10.32 -0.25 3.73
CA LYS A 54 -9.84 -0.70 5.03
C LYS A 54 -8.35 -0.36 5.16
N THR A 55 -8.05 0.49 6.13
CA THR A 55 -6.68 0.90 6.37
C THR A 55 -6.05 0.06 7.47
N GLY A 56 -4.76 -0.22 7.31
CA GLY A 56 -4.05 -1.02 8.29
C GLY A 56 -2.53 -0.97 8.03
N LEU A 57 -1.83 -1.88 8.68
CA LEU A 57 -0.38 -1.95 8.53
C LEU A 57 -0.04 -3.00 7.47
N ILE A 58 0.97 -2.68 6.67
CA ILE A 58 1.41 -3.58 5.62
C ILE A 58 2.93 -3.72 5.67
N PRO A 59 3.40 -4.98 5.45
CA PRO A 59 4.83 -5.26 5.47
C PRO A 59 5.51 -4.74 4.20
N GLU A 60 6.44 -3.82 4.40
CA GLU A 60 7.16 -3.24 3.28
C GLU A 60 7.96 -4.32 2.55
N ASN A 61 8.25 -5.39 3.27
CA ASN A 61 9.00 -6.50 2.70
C ASN A 61 8.02 -7.48 2.04
N TYR A 62 6.83 -6.98 1.76
CA TYR A 62 5.81 -7.81 1.13
C TYR A 62 5.01 -6.99 0.11
N VAL A 63 5.57 -5.85 -0.27
CA VAL A 63 4.92 -4.99 -1.24
C VAL A 63 5.95 -4.58 -2.30
N GLU A 64 5.43 -3.93 -3.35
CA GLU A 64 6.28 -3.48 -4.43
C GLU A 64 5.65 -2.26 -5.13
N PHE A 65 5.98 -1.09 -4.61
CA PHE A 65 5.46 0.14 -5.17
C PHE A 65 5.40 0.08 -6.69
N LEU A 66 4.29 0.55 -7.23
CA LEU A 66 4.10 0.55 -8.67
C LEU A 66 4.46 1.93 -9.23
N SER A 67 4.54 1.98 -10.56
CA SER A 67 4.89 3.23 -11.23
C SER A 67 4.88 3.02 -12.74
N GLY A 68 4.51 4.08 -13.45
CA GLY A 68 4.46 4.03 -14.90
C GLY A 68 3.01 3.94 -15.40
N PRO A 69 2.81 4.38 -16.67
CA PRO A 69 1.49 4.35 -17.27
C PRO A 69 1.08 2.93 -17.65
N SER A 70 0.29 2.32 -16.79
CA SER A 70 -0.18 0.96 -17.01
C SER A 70 1.01 0.04 -17.28
N SER A 71 1.65 -0.38 -16.19
CA SER A 71 2.79 -1.26 -16.29
C SER A 71 3.90 -0.60 -17.10
N GLY A 72 4.71 0.19 -16.41
CA GLY A 72 5.82 0.89 -17.05
C GLY A 72 7.13 0.61 -16.34
N GLY A 1 -16.50 17.84 -10.24
CA GLY A 1 -15.93 18.45 -11.43
C GLY A 1 -14.43 18.72 -11.25
N SER A 2 -13.96 19.73 -11.97
CA SER A 2 -12.56 20.10 -11.90
C SER A 2 -11.68 18.85 -11.96
N SER A 3 -11.29 18.52 -13.19
CA SER A 3 -10.45 17.35 -13.41
C SER A 3 -8.97 17.77 -13.44
N GLY A 4 -8.11 16.80 -13.20
CA GLY A 4 -6.68 17.05 -13.21
C GLY A 4 -6.25 17.78 -11.93
N SER A 5 -5.07 17.41 -11.44
CA SER A 5 -4.54 18.01 -10.23
C SER A 5 -3.04 18.30 -10.42
N SER A 6 -2.71 19.58 -10.33
CA SER A 6 -1.32 20.00 -10.49
C SER A 6 -0.40 19.08 -9.68
N GLY A 7 -0.67 19.02 -8.39
CA GLY A 7 0.13 18.18 -7.50
C GLY A 7 -0.20 16.71 -7.71
N THR A 8 0.85 15.90 -7.73
CA THR A 8 0.69 14.47 -7.92
C THR A 8 -0.19 13.87 -6.82
N PRO A 9 -1.00 12.86 -7.20
CA PRO A 9 -1.89 12.20 -6.26
C PRO A 9 -1.12 11.27 -5.34
N PHE A 10 -1.84 10.33 -4.75
CA PHE A 10 -1.23 9.37 -3.84
C PHE A 10 -0.47 8.29 -4.62
N ARG A 11 0.03 7.31 -3.88
CA ARG A 11 0.78 6.22 -4.47
C ARG A 11 0.09 4.89 -4.20
N LYS A 12 0.59 3.85 -4.85
CA LYS A 12 0.03 2.52 -4.68
C LYS A 12 1.18 1.52 -4.50
N ALA A 13 0.81 0.33 -4.02
CA ALA A 13 1.79 -0.72 -3.79
C ALA A 13 1.16 -2.07 -4.13
N LYS A 14 2.01 -2.99 -4.55
CA LYS A 14 1.55 -4.33 -4.90
C LYS A 14 2.22 -5.35 -3.98
N ALA A 15 1.39 -6.17 -3.35
CA ALA A 15 1.88 -7.20 -2.45
C ALA A 15 2.70 -8.23 -3.24
N LEU A 16 3.94 -8.39 -2.82
CA LEU A 16 4.83 -9.33 -3.48
C LEU A 16 4.37 -10.75 -3.18
N TYR A 17 4.14 -11.01 -1.90
CA TYR A 17 3.69 -12.32 -1.48
C TYR A 17 2.42 -12.23 -0.63
N ALA A 18 1.63 -13.29 -0.67
CA ALA A 18 0.40 -13.33 0.07
C ALA A 18 0.71 -13.40 1.57
N CYS A 19 0.03 -12.56 2.34
CA CYS A 19 0.23 -12.52 3.77
C CYS A 19 -1.14 -12.51 4.45
N LYS A 20 -1.19 -13.10 5.64
CA LYS A 20 -2.43 -13.15 6.40
C LYS A 20 -2.22 -12.51 7.76
N ALA A 21 -2.83 -11.34 7.92
CA ALA A 21 -2.72 -10.61 9.17
C ALA A 21 -3.01 -11.55 10.34
N GLU A 22 -2.89 -11.00 11.54
CA GLU A 22 -3.13 -11.78 12.74
C GLU A 22 -3.30 -10.86 13.95
N HIS A 23 -2.43 -9.85 14.01
CA HIS A 23 -2.48 -8.89 15.10
C HIS A 23 -3.86 -8.25 15.17
N ASP A 24 -4.05 -7.23 14.34
CA ASP A 24 -5.32 -6.52 14.30
C ASP A 24 -5.21 -5.35 13.34
N SER A 25 -4.12 -4.60 13.47
CA SER A 25 -3.88 -3.46 12.61
C SER A 25 -3.43 -3.92 11.23
N GLU A 26 -2.73 -5.04 11.21
CA GLU A 26 -2.23 -5.60 9.97
C GLU A 26 -3.39 -5.86 9.00
N LEU A 27 -3.03 -6.15 7.76
CA LEU A 27 -4.03 -6.41 6.74
C LEU A 27 -3.73 -7.76 6.08
N SER A 28 -4.72 -8.29 5.39
CA SER A 28 -4.58 -9.57 4.71
C SER A 28 -4.90 -9.41 3.22
N PHE A 29 -3.99 -9.90 2.40
CA PHE A 29 -4.16 -9.82 0.96
C PHE A 29 -3.36 -10.91 0.25
N THR A 30 -3.59 -11.01 -1.05
CA THR A 30 -2.89 -12.01 -1.86
C THR A 30 -1.90 -11.33 -2.80
N ALA A 31 -0.79 -12.01 -3.03
CA ALA A 31 0.25 -11.49 -3.91
C ALA A 31 -0.41 -10.88 -5.16
N GLY A 32 0.10 -9.73 -5.56
CA GLY A 32 -0.42 -9.05 -6.73
C GLY A 32 -1.42 -7.97 -6.32
N THR A 33 -1.98 -8.13 -5.14
CA THR A 33 -2.96 -7.19 -4.63
C THR A 33 -2.36 -5.78 -4.59
N VAL A 34 -3.11 -4.83 -5.15
CA VAL A 34 -2.66 -3.45 -5.18
C VAL A 34 -3.35 -2.66 -4.07
N PHE A 35 -2.56 -1.85 -3.38
CA PHE A 35 -3.08 -1.05 -2.29
C PHE A 35 -3.24 0.41 -2.71
N ASP A 36 -4.34 1.00 -2.26
CA ASP A 36 -4.63 2.40 -2.59
C ASP A 36 -4.00 3.30 -1.52
N ASN A 37 -3.54 4.46 -1.98
CA ASN A 37 -2.93 5.41 -1.08
C ASN A 37 -1.99 4.69 -0.11
N VAL A 38 -0.77 4.49 -0.56
CA VAL A 38 0.22 3.79 0.24
C VAL A 38 1.20 4.81 0.82
N HIS A 39 1.87 4.41 1.90
CA HIS A 39 2.84 5.28 2.55
C HIS A 39 3.47 4.56 3.73
N PRO A 40 4.65 5.06 4.15
CA PRO A 40 5.36 4.46 5.27
C PRO A 40 4.70 4.82 6.60
N SER A 41 4.09 3.83 7.21
CA SER A 41 3.41 4.03 8.49
C SER A 41 4.40 4.60 9.51
N GLN A 42 4.00 4.51 10.77
CA GLN A 42 4.83 5.02 11.86
C GLN A 42 5.83 3.95 12.30
N GLU A 43 5.53 2.71 11.93
CA GLU A 43 6.38 1.59 12.29
C GLU A 43 7.51 1.44 11.25
N PRO A 44 8.68 0.97 11.74
CA PRO A 44 9.83 0.77 10.88
C PRO A 44 9.65 -0.48 10.01
N GLY A 45 9.73 -0.27 8.70
CA GLY A 45 9.58 -1.37 7.76
C GLY A 45 8.12 -1.81 7.65
N TRP A 46 7.23 -0.85 7.89
CA TRP A 46 5.81 -1.12 7.81
C TRP A 46 5.15 0.02 7.01
N LEU A 47 4.29 -0.37 6.08
CA LEU A 47 3.60 0.59 5.25
C LEU A 47 2.15 0.71 5.71
N GLU A 48 1.56 1.86 5.43
CA GLU A 48 0.17 2.10 5.81
C GLU A 48 -0.64 2.51 4.57
N GLY A 49 -1.46 1.57 4.12
CA GLY A 49 -2.31 1.82 2.96
C GLY A 49 -3.75 1.41 3.23
N THR A 50 -4.58 1.54 2.20
CA THR A 50 -5.98 1.18 2.32
C THR A 50 -6.30 -0.02 1.42
N LEU A 51 -7.13 -0.90 1.94
CA LEU A 51 -7.52 -2.10 1.21
C LEU A 51 -8.98 -2.42 1.51
N ASN A 52 -9.83 -2.21 0.52
CA ASN A 52 -11.25 -2.48 0.67
C ASN A 52 -11.80 -1.64 1.83
N GLY A 53 -11.88 -0.34 1.59
CA GLY A 53 -12.38 0.57 2.60
C GLY A 53 -11.88 0.19 3.99
N LYS A 54 -10.62 -0.22 4.04
CA LYS A 54 -10.00 -0.62 5.30
C LYS A 54 -8.53 -0.21 5.29
N THR A 55 -8.06 0.23 6.45
CA THR A 55 -6.68 0.65 6.58
C THR A 55 -5.98 -0.18 7.66
N GLY A 56 -4.69 -0.41 7.45
CA GLY A 56 -3.90 -1.19 8.39
C GLY A 56 -2.41 -1.08 8.07
N LEU A 57 -1.64 -1.97 8.67
CA LEU A 57 -0.20 -1.99 8.46
C LEU A 57 0.14 -3.04 7.41
N ILE A 58 1.15 -2.73 6.61
CA ILE A 58 1.59 -3.64 5.57
C ILE A 58 3.11 -3.78 5.63
N PRO A 59 3.57 -5.04 5.41
CA PRO A 59 5.00 -5.33 5.43
C PRO A 59 5.68 -4.82 4.16
N GLU A 60 6.52 -3.82 4.34
CA GLU A 60 7.25 -3.23 3.23
C GLU A 60 8.07 -4.30 2.51
N ASN A 61 8.35 -5.38 3.22
CA ASN A 61 9.11 -6.48 2.67
C ASN A 61 8.16 -7.46 2.00
N TYR A 62 6.96 -6.99 1.72
CA TYR A 62 5.95 -7.82 1.09
C TYR A 62 5.14 -7.02 0.06
N VAL A 63 5.65 -5.84 -0.26
CA VAL A 63 4.99 -4.99 -1.22
C VAL A 63 6.01 -4.51 -2.26
N GLU A 64 5.50 -3.90 -3.31
CA GLU A 64 6.35 -3.39 -4.38
C GLU A 64 5.72 -2.14 -5.01
N PHE A 65 6.02 -1.00 -4.40
CA PHE A 65 5.50 0.27 -4.90
C PHE A 65 5.49 0.30 -6.43
N LEU A 66 4.36 0.72 -6.97
CA LEU A 66 4.21 0.81 -8.41
C LEU A 66 4.54 2.23 -8.88
N SER A 67 5.25 2.30 -9.99
CA SER A 67 5.64 3.60 -10.55
C SER A 67 4.69 3.98 -11.69
N GLY A 68 4.68 3.13 -12.72
CA GLY A 68 3.84 3.36 -13.88
C GLY A 68 2.95 2.15 -14.15
N PRO A 69 1.81 2.43 -14.84
CA PRO A 69 0.86 1.37 -15.18
C PRO A 69 1.39 0.51 -16.32
N SER A 70 1.15 -0.79 -16.19
CA SER A 70 1.60 -1.73 -17.21
C SER A 70 3.09 -1.53 -17.50
N SER A 71 3.62 -2.41 -18.32
CA SER A 71 5.03 -2.34 -18.69
C SER A 71 5.19 -2.42 -20.21
N GLY A 72 5.92 -1.45 -20.74
CA GLY A 72 6.16 -1.39 -22.17
C GLY A 72 6.94 -2.61 -22.65
N GLY A 1 -8.15 26.56 -15.08
CA GLY A 1 -7.31 25.40 -14.87
C GLY A 1 -5.86 25.68 -15.26
N SER A 2 -5.23 24.67 -15.83
CA SER A 2 -3.84 24.80 -16.25
C SER A 2 -3.46 23.60 -17.13
N SER A 3 -2.32 23.74 -17.80
CA SER A 3 -1.82 22.69 -18.66
C SER A 3 -1.20 21.57 -17.83
N GLY A 4 -0.97 20.44 -18.49
CA GLY A 4 -0.38 19.29 -17.83
C GLY A 4 -1.25 18.83 -16.66
N SER A 5 -0.68 18.91 -15.47
CA SER A 5 -1.39 18.50 -14.26
C SER A 5 -0.74 19.13 -13.04
N SER A 6 -1.57 19.80 -12.25
CA SER A 6 -1.09 20.46 -11.05
C SER A 6 -0.06 19.59 -10.35
N GLY A 7 -0.46 18.36 -10.04
CA GLY A 7 0.42 17.41 -9.38
C GLY A 7 -0.13 16.00 -9.45
N THR A 8 0.67 15.05 -8.97
CA THR A 8 0.27 13.66 -8.98
C THR A 8 -0.42 13.28 -7.67
N PRO A 9 -1.39 12.35 -7.78
CA PRO A 9 -2.14 11.90 -6.61
C PRO A 9 -1.29 10.97 -5.75
N PHE A 10 -1.98 10.19 -4.92
CA PHE A 10 -1.30 9.26 -4.04
C PHE A 10 -0.60 8.16 -4.84
N ARG A 11 0.01 7.23 -4.11
CA ARG A 11 0.72 6.13 -4.74
C ARG A 11 0.01 4.81 -4.43
N LYS A 12 0.52 3.76 -5.06
CA LYS A 12 -0.05 2.42 -4.86
C LYS A 12 1.07 1.40 -4.78
N ALA A 13 0.82 0.35 -4.01
CA ALA A 13 1.80 -0.71 -3.84
C ALA A 13 1.15 -2.06 -4.16
N LYS A 14 1.99 -2.99 -4.59
CA LYS A 14 1.51 -4.31 -4.94
C LYS A 14 2.19 -5.35 -4.04
N ALA A 15 1.35 -6.17 -3.41
CA ALA A 15 1.85 -7.20 -2.52
C ALA A 15 2.66 -8.23 -3.33
N LEU A 16 3.87 -8.49 -2.84
CA LEU A 16 4.74 -9.44 -3.51
C LEU A 16 4.29 -10.86 -3.17
N TYR A 17 4.00 -11.07 -1.89
CA TYR A 17 3.56 -12.37 -1.43
C TYR A 17 2.28 -12.26 -0.60
N ALA A 18 1.50 -13.33 -0.62
CA ALA A 18 0.26 -13.36 0.13
C ALA A 18 0.56 -13.41 1.63
N CYS A 19 -0.15 -12.57 2.38
CA CYS A 19 0.04 -12.50 3.81
C CYS A 19 -1.34 -12.41 4.47
N LYS A 20 -1.40 -12.91 5.70
CA LYS A 20 -2.64 -12.90 6.45
C LYS A 20 -2.41 -12.27 7.82
N ALA A 21 -3.07 -11.14 8.04
CA ALA A 21 -2.94 -10.43 9.29
C ALA A 21 -2.93 -11.43 10.44
N GLU A 22 -2.04 -11.19 11.40
CA GLU A 22 -1.92 -12.06 12.55
C GLU A 22 -1.94 -11.24 13.84
N HIS A 23 -2.55 -10.07 13.75
CA HIS A 23 -2.65 -9.18 14.90
C HIS A 23 -4.01 -8.48 14.90
N ASP A 24 -4.10 -7.45 14.07
CA ASP A 24 -5.34 -6.69 13.96
C ASP A 24 -5.12 -5.49 13.03
N SER A 25 -4.14 -4.67 13.40
CA SER A 25 -3.82 -3.49 12.61
C SER A 25 -3.36 -3.90 11.21
N GLU A 26 -2.70 -5.05 11.16
CA GLU A 26 -2.20 -5.57 9.90
C GLU A 26 -3.37 -5.89 8.96
N LEU A 27 -3.06 -5.97 7.68
CA LEU A 27 -4.06 -6.25 6.67
C LEU A 27 -3.72 -7.57 5.97
N SER A 28 -4.75 -8.22 5.45
CA SER A 28 -4.56 -9.49 4.76
C SER A 28 -4.89 -9.32 3.27
N PHE A 29 -4.03 -9.89 2.44
CA PHE A 29 -4.21 -9.82 1.00
C PHE A 29 -3.48 -10.95 0.29
N THR A 30 -3.54 -10.92 -1.03
CA THR A 30 -2.88 -11.94 -1.83
C THR A 30 -1.88 -11.30 -2.80
N ALA A 31 -0.80 -12.01 -3.05
CA ALA A 31 0.23 -11.53 -3.95
C ALA A 31 -0.43 -10.94 -5.20
N GLY A 32 0.04 -9.75 -5.57
CA GLY A 32 -0.49 -9.08 -6.74
C GLY A 32 -1.52 -8.02 -6.34
N THR A 33 -1.93 -8.09 -5.08
CA THR A 33 -2.91 -7.16 -4.56
C THR A 33 -2.35 -5.74 -4.54
N VAL A 34 -3.04 -4.84 -5.23
CA VAL A 34 -2.61 -3.45 -5.30
C VAL A 34 -3.35 -2.64 -4.23
N PHE A 35 -2.56 -1.98 -3.38
CA PHE A 35 -3.13 -1.17 -2.32
C PHE A 35 -3.33 0.27 -2.78
N ASP A 36 -4.34 0.91 -2.21
CA ASP A 36 -4.65 2.29 -2.54
C ASP A 36 -3.98 3.22 -1.53
N ASN A 37 -3.53 4.36 -2.03
CA ASN A 37 -2.88 5.35 -1.19
C ASN A 37 -1.97 4.63 -0.19
N VAL A 38 -0.74 4.40 -0.62
CA VAL A 38 0.23 3.72 0.23
C VAL A 38 1.20 4.75 0.81
N HIS A 39 1.75 4.42 1.97
CA HIS A 39 2.69 5.30 2.64
C HIS A 39 3.32 4.57 3.83
N PRO A 40 4.49 5.09 4.27
CA PRO A 40 5.20 4.51 5.40
C PRO A 40 4.51 4.86 6.72
N SER A 41 3.94 3.83 7.33
CA SER A 41 3.24 4.02 8.60
C SER A 41 4.19 4.63 9.63
N GLN A 42 3.81 4.50 10.90
CA GLN A 42 4.61 5.03 11.98
C GLN A 42 5.63 3.99 12.45
N GLU A 43 5.42 2.76 12.00
CA GLU A 43 6.30 1.66 12.38
C GLU A 43 7.42 1.52 11.34
N PRO A 44 8.57 0.97 11.81
CA PRO A 44 9.71 0.77 10.94
C PRO A 44 9.50 -0.41 10.00
N GLY A 45 9.70 -0.16 8.72
CA GLY A 45 9.52 -1.19 7.71
C GLY A 45 8.08 -1.66 7.66
N TRP A 46 7.16 -0.72 7.85
CA TRP A 46 5.75 -1.02 7.83
C TRP A 46 5.03 0.09 7.05
N LEU A 47 4.30 -0.33 6.03
CA LEU A 47 3.57 0.62 5.20
C LEU A 47 2.10 0.64 5.64
N GLU A 48 1.49 1.81 5.52
CA GLU A 48 0.10 1.98 5.89
C GLU A 48 -0.73 2.42 4.68
N GLY A 49 -1.44 1.45 4.11
CA GLY A 49 -2.27 1.73 2.95
C GLY A 49 -3.74 1.41 3.24
N THR A 50 -4.56 1.53 2.21
CA THR A 50 -5.98 1.27 2.35
C THR A 50 -6.39 0.12 1.41
N LEU A 51 -6.84 -0.96 2.02
CA LEU A 51 -7.27 -2.12 1.26
C LEU A 51 -8.76 -2.39 1.55
N ASN A 52 -9.58 -2.06 0.56
CA ASN A 52 -11.01 -2.26 0.68
C ASN A 52 -11.54 -1.43 1.87
N GLY A 53 -11.59 -0.13 1.66
CA GLY A 53 -12.07 0.78 2.69
C GLY A 53 -11.60 0.32 4.07
N LYS A 54 -10.39 -0.18 4.12
CA LYS A 54 -9.82 -0.66 5.37
C LYS A 54 -8.32 -0.32 5.41
N THR A 55 -7.94 0.43 6.43
CA THR A 55 -6.56 0.82 6.60
C THR A 55 -5.90 -0.01 7.69
N GLY A 56 -4.62 -0.31 7.47
CA GLY A 56 -3.86 -1.09 8.43
C GLY A 56 -2.37 -1.06 8.10
N LEU A 57 -1.62 -1.89 8.81
CA LEU A 57 -0.18 -1.97 8.61
C LEU A 57 0.13 -3.01 7.53
N ILE A 58 1.17 -2.73 6.76
CA ILE A 58 1.58 -3.62 5.69
C ILE A 58 3.09 -3.79 5.72
N PRO A 59 3.54 -5.05 5.48
CA PRO A 59 4.96 -5.36 5.48
C PRO A 59 5.63 -4.85 4.21
N GLU A 60 6.52 -3.88 4.40
CA GLU A 60 7.24 -3.29 3.28
C GLU A 60 8.04 -4.37 2.53
N ASN A 61 8.31 -5.46 3.25
CA ASN A 61 9.05 -6.56 2.67
C ASN A 61 8.08 -7.53 1.99
N TYR A 62 6.89 -7.04 1.74
CA TYR A 62 5.86 -7.84 1.10
C TYR A 62 5.08 -7.03 0.07
N VAL A 63 5.60 -5.84 -0.23
CA VAL A 63 4.96 -4.96 -1.18
C VAL A 63 6.00 -4.50 -2.21
N GLU A 64 5.50 -3.91 -3.28
CA GLU A 64 6.36 -3.41 -4.34
C GLU A 64 5.75 -2.17 -4.98
N PHE A 65 6.12 -1.02 -4.43
CA PHE A 65 5.62 0.25 -4.94
C PHE A 65 5.59 0.25 -6.47
N LEU A 66 4.51 0.79 -7.01
CA LEU A 66 4.35 0.85 -8.46
C LEU A 66 4.68 2.27 -8.93
N SER A 67 5.81 2.38 -9.63
CA SER A 67 6.25 3.67 -10.14
C SER A 67 5.70 3.87 -11.55
N GLY A 68 5.09 5.03 -11.75
CA GLY A 68 4.53 5.37 -13.05
C GLY A 68 5.59 5.95 -13.97
N PRO A 69 5.19 6.19 -15.25
CA PRO A 69 6.09 6.75 -16.24
C PRO A 69 6.31 8.25 -16.00
N SER A 70 7.47 8.71 -16.44
CA SER A 70 7.82 10.12 -16.28
C SER A 70 7.86 10.47 -14.79
N SER A 71 9.04 10.34 -14.22
CA SER A 71 9.23 10.64 -12.81
C SER A 71 9.99 11.96 -12.66
N GLY A 72 9.22 13.05 -12.57
CA GLY A 72 9.80 14.37 -12.43
C GLY A 72 10.30 14.59 -11.00
N GLY A 1 -1.77 25.05 -6.93
CA GLY A 1 -1.97 25.26 -8.36
C GLY A 1 -3.30 25.98 -8.63
N SER A 2 -3.98 25.53 -9.67
CA SER A 2 -5.25 26.11 -10.04
C SER A 2 -6.29 25.02 -10.27
N SER A 3 -5.97 24.13 -11.21
CA SER A 3 -6.87 23.04 -11.53
C SER A 3 -7.03 22.11 -10.32
N GLY A 4 -8.05 21.28 -10.39
CA GLY A 4 -8.32 20.34 -9.31
C GLY A 4 -7.28 19.23 -9.26
N SER A 5 -7.76 18.01 -9.39
CA SER A 5 -6.89 16.84 -9.37
C SER A 5 -6.00 16.84 -10.61
N SER A 6 -5.02 17.73 -10.60
CA SER A 6 -4.10 17.83 -11.73
C SER A 6 -2.88 16.93 -11.49
N GLY A 7 -3.00 15.70 -11.98
CA GLY A 7 -1.93 14.74 -11.84
C GLY A 7 -2.41 13.49 -11.09
N THR A 8 -1.64 12.42 -11.23
CA THR A 8 -1.98 11.18 -10.57
C THR A 8 -2.17 11.39 -9.08
N PRO A 9 -3.11 10.60 -8.50
CA PRO A 9 -3.41 10.70 -7.08
C PRO A 9 -2.30 10.04 -6.24
N PHE A 10 -2.65 9.71 -5.01
CA PHE A 10 -1.71 9.07 -4.11
C PHE A 10 -0.98 7.93 -4.80
N ARG A 11 0.01 7.38 -4.09
CA ARG A 11 0.79 6.27 -4.63
C ARG A 11 0.11 4.93 -4.32
N LYS A 12 0.60 3.89 -4.96
CA LYS A 12 0.06 2.57 -4.76
C LYS A 12 1.20 1.56 -4.62
N ALA A 13 0.86 0.39 -4.10
CA ALA A 13 1.86 -0.66 -3.91
C ALA A 13 1.21 -2.01 -4.20
N LYS A 14 2.02 -2.91 -4.75
CA LYS A 14 1.54 -4.25 -5.09
C LYS A 14 2.20 -5.26 -4.14
N ALA A 15 1.35 -6.08 -3.55
CA ALA A 15 1.82 -7.11 -2.62
C ALA A 15 2.64 -8.15 -3.40
N LEU A 16 3.82 -8.44 -2.87
CA LEU A 16 4.69 -9.42 -3.50
C LEU A 16 4.23 -10.83 -3.13
N TYR A 17 4.02 -11.02 -1.83
CA TYR A 17 3.59 -12.31 -1.33
C TYR A 17 2.34 -12.17 -0.45
N ALA A 18 1.51 -13.20 -0.49
CA ALA A 18 0.28 -13.20 0.30
C ALA A 18 0.64 -13.25 1.79
N CYS A 19 0.04 -12.32 2.52
CA CYS A 19 0.28 -12.25 3.96
C CYS A 19 -1.06 -12.41 4.67
N LYS A 20 -0.99 -13.03 5.85
CA LYS A 20 -2.19 -13.25 6.64
C LYS A 20 -2.05 -12.53 7.98
N ALA A 21 -2.93 -11.57 8.20
CA ALA A 21 -2.92 -10.80 9.43
C ALA A 21 -2.88 -11.76 10.62
N GLU A 22 -2.83 -11.18 11.81
CA GLU A 22 -2.79 -11.96 13.03
C GLU A 22 -3.10 -11.08 14.24
N HIS A 23 -2.53 -9.89 14.23
CA HIS A 23 -2.75 -8.95 15.32
C HIS A 23 -4.14 -8.32 15.20
N ASP A 24 -4.22 -7.30 14.35
CA ASP A 24 -5.48 -6.62 14.13
C ASP A 24 -5.27 -5.45 13.16
N SER A 25 -4.25 -4.65 13.48
CA SER A 25 -3.92 -3.50 12.65
C SER A 25 -3.44 -3.97 11.28
N GLU A 26 -2.69 -5.06 11.29
CA GLU A 26 -2.16 -5.62 10.06
C GLU A 26 -3.28 -5.88 9.05
N LEU A 27 -2.90 -5.99 7.80
CA LEU A 27 -3.87 -6.23 6.74
C LEU A 27 -3.61 -7.60 6.13
N SER A 28 -4.64 -8.13 5.48
CA SER A 28 -4.54 -9.45 4.86
C SER A 28 -4.92 -9.34 3.37
N PHE A 29 -4.07 -9.94 2.54
CA PHE A 29 -4.31 -9.93 1.11
C PHE A 29 -3.53 -11.05 0.42
N THR A 30 -3.59 -11.04 -0.91
CA THR A 30 -2.90 -12.04 -1.69
C THR A 30 -1.91 -11.37 -2.65
N ALA A 31 -0.89 -12.14 -3.03
CA ALA A 31 0.12 -11.63 -3.93
C ALA A 31 -0.56 -11.07 -5.18
N GLY A 32 -0.03 -9.93 -5.63
CA GLY A 32 -0.57 -9.27 -6.81
C GLY A 32 -1.72 -8.33 -6.44
N THR A 33 -1.75 -7.96 -5.17
CA THR A 33 -2.78 -7.07 -4.67
C THR A 33 -2.24 -5.64 -4.57
N VAL A 34 -2.91 -4.75 -5.26
CA VAL A 34 -2.51 -3.34 -5.26
C VAL A 34 -3.20 -2.62 -4.10
N PHE A 35 -2.44 -1.77 -3.44
CA PHE A 35 -2.96 -1.01 -2.31
C PHE A 35 -3.11 0.48 -2.67
N ASP A 36 -4.28 1.00 -2.38
CA ASP A 36 -4.57 2.40 -2.66
C ASP A 36 -3.92 3.27 -1.58
N ASN A 37 -3.46 4.44 -2.00
CA ASN A 37 -2.84 5.36 -1.08
C ASN A 37 -1.91 4.60 -0.13
N VAL A 38 -0.67 4.45 -0.56
CA VAL A 38 0.32 3.73 0.23
C VAL A 38 1.33 4.72 0.79
N HIS A 39 1.63 4.57 2.07
CA HIS A 39 2.57 5.45 2.73
C HIS A 39 3.26 4.69 3.87
N PRO A 40 4.42 5.26 4.33
CA PRO A 40 5.18 4.65 5.41
C PRO A 40 4.49 4.87 6.75
N SER A 41 4.00 3.76 7.32
CA SER A 41 3.31 3.82 8.60
C SER A 41 4.23 4.43 9.66
N GLN A 42 3.89 4.19 10.91
CA GLN A 42 4.68 4.69 12.02
C GLN A 42 5.75 3.68 12.41
N GLU A 43 5.46 2.42 12.16
CA GLU A 43 6.38 1.35 12.49
C GLU A 43 7.48 1.26 11.42
N PRO A 44 8.65 0.69 11.84
CA PRO A 44 9.77 0.54 10.94
C PRO A 44 9.54 -0.60 9.96
N GLY A 45 9.70 -0.30 8.68
CA GLY A 45 9.51 -1.29 7.64
C GLY A 45 8.05 -1.74 7.57
N TRP A 46 7.16 -0.78 7.73
CA TRP A 46 5.73 -1.06 7.69
C TRP A 46 5.05 0.08 6.93
N LEU A 47 4.23 -0.30 5.96
CA LEU A 47 3.51 0.67 5.15
C LEU A 47 2.05 0.72 5.61
N GLU A 48 1.49 1.91 5.56
CA GLU A 48 0.11 2.11 5.97
C GLU A 48 -0.73 2.59 4.79
N GLY A 49 -1.41 1.65 4.16
CA GLY A 49 -2.25 1.96 3.01
C GLY A 49 -3.69 1.53 3.26
N THR A 50 -4.48 1.55 2.18
CA THR A 50 -5.88 1.17 2.26
C THR A 50 -6.15 -0.03 1.35
N LEU A 51 -7.01 -0.92 1.83
CA LEU A 51 -7.37 -2.10 1.07
C LEU A 51 -8.83 -2.45 1.33
N ASN A 52 -9.66 -2.14 0.34
CA ASN A 52 -11.09 -2.41 0.44
C ASN A 52 -11.66 -1.64 1.63
N GLY A 53 -11.61 -0.32 1.52
CA GLY A 53 -12.12 0.54 2.59
C GLY A 53 -11.61 0.08 3.95
N LYS A 54 -10.38 -0.40 3.96
CA LYS A 54 -9.77 -0.88 5.20
C LYS A 54 -8.29 -0.48 5.21
N THR A 55 -7.91 0.21 6.28
CA THR A 55 -6.52 0.64 6.43
C THR A 55 -5.85 -0.09 7.58
N GLY A 56 -4.57 -0.36 7.40
CA GLY A 56 -3.80 -1.06 8.42
C GLY A 56 -2.30 -1.04 8.10
N LEU A 57 -1.56 -1.87 8.81
CA LEU A 57 -0.13 -1.96 8.59
C LEU A 57 0.16 -2.99 7.50
N ILE A 58 1.16 -2.67 6.69
CA ILE A 58 1.56 -3.56 5.61
C ILE A 58 3.07 -3.72 5.61
N PRO A 59 3.52 -4.99 5.36
CA PRO A 59 4.93 -5.29 5.33
C PRO A 59 5.59 -4.76 4.06
N GLU A 60 6.49 -3.81 4.23
CA GLU A 60 7.19 -3.21 3.10
C GLU A 60 7.99 -4.29 2.36
N ASN A 61 8.29 -5.36 3.07
CA ASN A 61 9.04 -6.45 2.48
C ASN A 61 8.08 -7.43 1.81
N TYR A 62 6.86 -6.96 1.58
CA TYR A 62 5.85 -7.78 0.95
C TYR A 62 5.07 -6.97 -0.09
N VAL A 63 5.58 -5.78 -0.37
CA VAL A 63 4.94 -4.91 -1.34
C VAL A 63 5.98 -4.42 -2.36
N GLU A 64 5.49 -3.76 -3.39
CA GLU A 64 6.36 -3.24 -4.42
C GLU A 64 5.72 -2.03 -5.10
N PHE A 65 6.00 -0.86 -4.55
CA PHE A 65 5.46 0.38 -5.10
C PHE A 65 5.44 0.34 -6.63
N LEU A 66 4.33 0.81 -7.19
CA LEU A 66 4.18 0.84 -8.63
C LEU A 66 4.53 2.23 -9.15
N SER A 67 5.77 2.37 -9.59
CA SER A 67 6.24 3.65 -10.11
C SER A 67 6.92 3.44 -11.47
N GLY A 68 8.01 2.67 -11.44
CA GLY A 68 8.75 2.38 -12.66
C GLY A 68 9.61 3.58 -13.07
N PRO A 69 10.11 3.52 -14.32
CA PRO A 69 10.95 4.58 -14.85
C PRO A 69 10.11 5.83 -15.20
N SER A 70 10.71 6.98 -14.99
CA SER A 70 10.03 8.23 -15.27
C SER A 70 8.70 8.30 -14.54
N SER A 71 8.69 9.05 -13.45
CA SER A 71 7.49 9.20 -12.64
C SER A 71 7.71 10.28 -11.57
N GLY A 72 6.61 10.75 -11.03
CA GLY A 72 6.66 11.78 -9.99
C GLY A 72 5.51 12.78 -10.15
N GLY A 1 -23.64 2.02 -10.25
CA GLY A 1 -24.07 3.36 -9.88
C GLY A 1 -23.57 4.39 -10.91
N SER A 2 -22.25 4.49 -11.00
CA SER A 2 -21.64 5.43 -11.93
C SER A 2 -20.27 4.90 -12.39
N SER A 3 -20.09 4.90 -13.70
CA SER A 3 -18.86 4.41 -14.27
C SER A 3 -17.86 5.58 -14.44
N GLY A 4 -16.59 5.25 -14.41
CA GLY A 4 -15.55 6.25 -14.56
C GLY A 4 -14.61 6.25 -13.36
N SER A 5 -13.35 6.57 -13.63
CA SER A 5 -12.34 6.60 -12.58
C SER A 5 -11.48 7.86 -12.72
N SER A 6 -10.70 8.13 -11.69
CA SER A 6 -9.82 9.29 -11.69
C SER A 6 -8.59 9.02 -10.84
N GLY A 7 -7.61 9.89 -10.98
CA GLY A 7 -6.37 9.76 -10.22
C GLY A 7 -6.45 10.50 -8.89
N THR A 8 -5.53 10.15 -8.00
CA THR A 8 -5.49 10.77 -6.69
C THR A 8 -4.06 11.16 -6.33
N PRO A 9 -3.94 12.18 -5.44
CA PRO A 9 -2.64 12.66 -5.00
C PRO A 9 -2.00 11.67 -4.01
N PHE A 10 -1.88 10.43 -4.46
CA PHE A 10 -1.29 9.40 -3.62
C PHE A 10 -0.54 8.37 -4.47
N ARG A 11 -0.03 7.36 -3.79
CA ARG A 11 0.71 6.30 -4.47
C ARG A 11 0.01 4.96 -4.29
N LYS A 12 0.64 3.92 -4.82
CA LYS A 12 0.08 2.58 -4.72
C LYS A 12 1.21 1.57 -4.58
N ALA A 13 0.86 0.39 -4.09
CA ALA A 13 1.84 -0.67 -3.90
C ALA A 13 1.18 -2.02 -4.16
N LYS A 14 1.96 -2.93 -4.72
CA LYS A 14 1.47 -4.26 -5.02
C LYS A 14 2.11 -5.28 -4.07
N ALA A 15 1.27 -6.13 -3.51
CA ALA A 15 1.74 -7.15 -2.59
C ALA A 15 2.53 -8.21 -3.36
N LEU A 16 3.71 -8.51 -2.85
CA LEU A 16 4.57 -9.50 -3.47
C LEU A 16 4.08 -10.90 -3.10
N TYR A 17 3.89 -11.10 -1.81
CA TYR A 17 3.42 -12.38 -1.30
C TYR A 17 2.16 -12.22 -0.45
N ALA A 18 1.38 -13.28 -0.40
CA ALA A 18 0.15 -13.27 0.37
C ALA A 18 0.48 -13.23 1.86
N CYS A 19 -0.11 -12.26 2.54
CA CYS A 19 0.11 -12.10 3.96
C CYS A 19 -1.22 -12.30 4.69
N LYS A 20 -1.13 -12.87 5.87
CA LYS A 20 -2.33 -13.11 6.68
C LYS A 20 -2.17 -12.45 8.04
N ALA A 21 -2.94 -11.40 8.24
CA ALA A 21 -2.90 -10.66 9.50
C ALA A 21 -2.77 -11.66 10.66
N GLU A 22 -2.01 -11.24 11.66
CA GLU A 22 -1.80 -12.08 12.83
C GLU A 22 -1.98 -11.27 14.11
N HIS A 23 -2.49 -10.05 13.93
CA HIS A 23 -2.70 -9.16 15.06
C HIS A 23 -4.10 -8.54 14.96
N ASP A 24 -4.22 -7.60 14.05
CA ASP A 24 -5.50 -6.92 13.84
C ASP A 24 -5.29 -5.72 12.92
N SER A 25 -4.38 -4.85 13.31
CA SER A 25 -4.07 -3.67 12.53
C SER A 25 -3.59 -4.07 11.14
N GLU A 26 -2.79 -5.13 11.11
CA GLU A 26 -2.24 -5.63 9.86
C GLU A 26 -3.37 -5.85 8.84
N LEU A 27 -2.98 -5.94 7.58
CA LEU A 27 -3.94 -6.15 6.50
C LEU A 27 -3.70 -7.53 5.89
N SER A 28 -4.79 -8.16 5.49
CA SER A 28 -4.73 -9.47 4.87
C SER A 28 -5.10 -9.38 3.39
N PHE A 29 -4.20 -9.88 2.55
CA PHE A 29 -4.43 -9.85 1.11
C PHE A 29 -3.67 -10.98 0.43
N THR A 30 -3.69 -10.94 -0.90
CA THR A 30 -3.00 -11.96 -1.68
C THR A 30 -2.01 -11.30 -2.65
N ALA A 31 -0.99 -12.06 -3.01
CA ALA A 31 0.03 -11.57 -3.91
C ALA A 31 -0.65 -10.96 -5.15
N GLY A 32 -0.08 -9.85 -5.60
CA GLY A 32 -0.62 -9.17 -6.76
C GLY A 32 -1.74 -8.21 -6.36
N THR A 33 -1.81 -7.93 -5.08
CA THR A 33 -2.83 -7.03 -4.55
C THR A 33 -2.29 -5.60 -4.48
N VAL A 34 -2.96 -4.71 -5.19
CA VAL A 34 -2.56 -3.31 -5.21
C VAL A 34 -3.24 -2.58 -4.06
N PHE A 35 -2.45 -1.76 -3.37
CA PHE A 35 -2.96 -0.99 -2.24
C PHE A 35 -3.10 0.48 -2.61
N ASP A 36 -4.31 0.98 -2.45
CA ASP A 36 -4.59 2.38 -2.76
C ASP A 36 -4.10 3.26 -1.61
N ASN A 37 -3.43 4.35 -1.98
CA ASN A 37 -2.91 5.27 -1.00
C ASN A 37 -1.99 4.53 -0.03
N VAL A 38 -0.73 4.41 -0.43
CA VAL A 38 0.25 3.72 0.40
C VAL A 38 1.25 4.73 0.94
N HIS A 39 1.79 4.41 2.12
CA HIS A 39 2.76 5.28 2.75
C HIS A 39 3.42 4.55 3.92
N PRO A 40 4.56 5.12 4.39
CA PRO A 40 5.29 4.52 5.50
C PRO A 40 4.58 4.77 6.83
N SER A 41 4.09 3.68 7.40
CA SER A 41 3.39 3.76 8.67
C SER A 41 4.31 4.34 9.75
N GLN A 42 3.94 4.10 10.99
CA GLN A 42 4.72 4.59 12.12
C GLN A 42 5.97 3.72 12.32
N GLU A 43 5.80 2.43 12.08
CA GLU A 43 6.89 1.49 12.23
C GLU A 43 7.89 1.65 11.08
N PRO A 44 9.20 1.61 11.44
CA PRO A 44 10.26 1.76 10.46
C PRO A 44 10.41 0.48 9.63
N GLY A 45 9.29 0.01 9.09
CA GLY A 45 9.29 -1.19 8.28
C GLY A 45 7.87 -1.74 8.13
N TRP A 46 6.92 -0.82 7.98
CA TRP A 46 5.53 -1.19 7.81
C TRP A 46 4.81 -0.05 7.09
N LEU A 47 4.24 -0.38 5.94
CA LEU A 47 3.52 0.60 5.15
C LEU A 47 2.07 0.66 5.61
N GLU A 48 1.52 1.87 5.59
CA GLU A 48 0.13 2.07 6.00
C GLU A 48 -0.69 2.60 4.83
N GLY A 49 -1.43 1.69 4.20
CA GLY A 49 -2.27 2.06 3.08
C GLY A 49 -3.66 1.44 3.21
N THR A 50 -4.41 1.52 2.12
CA THR A 50 -5.75 0.98 2.10
C THR A 50 -5.86 -0.16 1.08
N LEU A 51 -6.66 -1.15 1.42
CA LEU A 51 -6.86 -2.30 0.54
C LEU A 51 -8.30 -2.31 0.04
N ASN A 52 -9.21 -2.60 0.95
CA ASN A 52 -10.62 -2.64 0.61
C ASN A 52 -11.41 -1.78 1.61
N GLY A 53 -11.32 -0.48 1.42
CA GLY A 53 -12.02 0.46 2.29
C GLY A 53 -11.58 0.27 3.75
N LYS A 54 -10.43 -0.36 3.91
CA LYS A 54 -9.89 -0.60 5.25
C LYS A 54 -8.40 -0.28 5.25
N THR A 55 -7.98 0.41 6.30
CA THR A 55 -6.58 0.79 6.44
C THR A 55 -5.93 0.01 7.59
N GLY A 56 -4.66 -0.29 7.41
CA GLY A 56 -3.92 -1.02 8.43
C GLY A 56 -2.42 -1.01 8.12
N LEU A 57 -1.70 -1.90 8.80
CA LEU A 57 -0.27 -2.00 8.60
C LEU A 57 0.03 -3.01 7.49
N ILE A 58 1.06 -2.70 6.71
CA ILE A 58 1.45 -3.57 5.62
C ILE A 58 2.97 -3.76 5.64
N PRO A 59 3.38 -5.03 5.40
CA PRO A 59 4.80 -5.37 5.39
C PRO A 59 5.48 -4.87 4.12
N GLU A 60 6.25 -3.80 4.27
CA GLU A 60 6.94 -3.21 3.14
C GLU A 60 7.79 -4.27 2.44
N ASN A 61 8.09 -5.34 3.17
CA ASN A 61 8.88 -6.42 2.63
C ASN A 61 7.96 -7.42 1.94
N TYR A 62 6.74 -6.98 1.68
CA TYR A 62 5.75 -7.83 1.03
C TYR A 62 4.97 -7.06 -0.03
N VAL A 63 5.46 -5.86 -0.32
CA VAL A 63 4.82 -5.01 -1.30
C VAL A 63 5.88 -4.50 -2.30
N GLU A 64 5.39 -3.91 -3.38
CA GLU A 64 6.28 -3.38 -4.40
C GLU A 64 5.66 -2.14 -5.05
N PHE A 65 5.99 -0.99 -4.47
CA PHE A 65 5.48 0.27 -4.97
C PHE A 65 5.48 0.29 -6.51
N LEU A 66 4.42 0.86 -7.06
CA LEU A 66 4.28 0.95 -8.51
C LEU A 66 4.68 2.36 -8.97
N SER A 67 4.86 2.49 -10.27
CA SER A 67 5.24 3.76 -10.85
C SER A 67 6.66 4.14 -10.44
N GLY A 68 6.83 4.38 -9.15
CA GLY A 68 8.13 4.73 -8.62
C GLY A 68 8.29 6.26 -8.55
N PRO A 69 9.52 6.69 -8.14
CA PRO A 69 9.82 8.11 -8.05
C PRO A 69 10.03 8.73 -9.43
N SER A 70 10.86 8.06 -10.22
CA SER A 70 11.16 8.53 -11.56
C SER A 70 11.81 7.42 -12.38
N SER A 71 12.92 6.93 -11.87
CA SER A 71 13.65 5.85 -12.54
C SER A 71 13.84 6.20 -14.02
N GLY A 72 14.90 6.95 -14.29
CA GLY A 72 15.20 7.35 -15.65
C GLY A 72 14.22 8.42 -16.14
N GLY A 1 -23.93 -0.48 -3.91
CA GLY A 1 -23.10 -0.53 -5.09
C GLY A 1 -22.00 0.55 -5.03
N SER A 2 -22.29 1.67 -5.66
CA SER A 2 -21.35 2.78 -5.69
C SER A 2 -20.07 2.35 -6.40
N SER A 3 -19.92 2.83 -7.63
CA SER A 3 -18.75 2.50 -8.43
C SER A 3 -17.85 3.74 -8.56
N GLY A 4 -16.59 3.48 -8.88
CA GLY A 4 -15.62 4.56 -9.04
C GLY A 4 -14.55 4.19 -10.07
N SER A 5 -14.34 5.10 -10.99
CA SER A 5 -13.34 4.89 -12.04
C SER A 5 -12.67 6.21 -12.41
N SER A 6 -11.54 6.46 -11.78
CA SER A 6 -10.80 7.68 -12.02
C SER A 6 -9.41 7.60 -11.36
N GLY A 7 -9.45 7.39 -10.05
CA GLY A 7 -8.21 7.30 -9.28
C GLY A 7 -8.10 8.45 -8.27
N THR A 8 -7.06 8.38 -7.46
CA THR A 8 -6.83 9.39 -6.46
C THR A 8 -5.38 9.88 -6.51
N PRO A 9 -5.17 11.12 -5.98
CA PRO A 9 -3.84 11.70 -5.96
C PRO A 9 -2.97 11.05 -4.88
N PHE A 10 -2.79 9.75 -5.01
CA PHE A 10 -1.98 9.00 -4.07
C PHE A 10 -1.22 7.87 -4.76
N ARG A 11 -0.29 7.28 -4.02
CA ARG A 11 0.52 6.20 -4.55
C ARG A 11 -0.16 4.86 -4.28
N LYS A 12 0.33 3.83 -4.96
CA LYS A 12 -0.22 2.50 -4.80
C LYS A 12 0.93 1.48 -4.82
N ALA A 13 0.72 0.41 -4.07
CA ALA A 13 1.72 -0.64 -3.98
C ALA A 13 1.08 -1.98 -4.31
N LYS A 14 1.92 -2.92 -4.75
CA LYS A 14 1.44 -4.25 -5.10
C LYS A 14 2.15 -5.29 -4.24
N ALA A 15 1.35 -6.10 -3.56
CA ALA A 15 1.89 -7.14 -2.70
C ALA A 15 2.73 -8.10 -3.53
N LEU A 16 3.83 -8.54 -2.94
CA LEU A 16 4.74 -9.46 -3.62
C LEU A 16 4.36 -10.90 -3.24
N TYR A 17 4.17 -11.11 -1.95
CA TYR A 17 3.81 -12.41 -1.45
C TYR A 17 2.57 -12.35 -0.55
N ALA A 18 1.82 -13.44 -0.55
CA ALA A 18 0.61 -13.52 0.26
C ALA A 18 0.96 -13.21 1.71
N CYS A 19 -0.07 -12.85 2.47
CA CYS A 19 0.10 -12.54 3.87
C CYS A 19 -1.19 -12.89 4.62
N LYS A 20 -1.02 -13.29 5.87
CA LYS A 20 -2.17 -13.66 6.69
C LYS A 20 -2.10 -12.90 8.01
N ALA A 21 -2.54 -11.65 7.97
CA ALA A 21 -2.53 -10.81 9.16
C ALA A 21 -3.15 -11.58 10.33
N GLU A 22 -3.10 -10.95 11.50
CA GLU A 22 -3.65 -11.57 12.69
C GLU A 22 -3.93 -10.50 13.75
N HIS A 23 -2.98 -9.58 13.90
CA HIS A 23 -3.12 -8.51 14.86
C HIS A 23 -4.23 -7.56 14.42
N ASP A 24 -4.66 -6.72 15.36
CA ASP A 24 -5.72 -5.77 15.07
C ASP A 24 -5.10 -4.51 14.46
N SER A 25 -4.63 -4.65 13.23
CA SER A 25 -4.01 -3.54 12.53
C SER A 25 -3.53 -4.00 11.15
N GLU A 26 -2.82 -5.12 11.15
CA GLU A 26 -2.29 -5.67 9.92
C GLU A 26 -3.44 -5.97 8.94
N LEU A 27 -3.06 -6.26 7.71
CA LEU A 27 -4.03 -6.56 6.67
C LEU A 27 -3.64 -7.87 5.97
N SER A 28 -4.65 -8.55 5.44
CA SER A 28 -4.43 -9.81 4.75
C SER A 28 -4.75 -9.65 3.26
N PHE A 29 -3.85 -10.13 2.44
CA PHE A 29 -4.01 -10.04 0.99
C PHE A 29 -3.20 -11.13 0.29
N THR A 30 -3.46 -11.26 -1.00
CA THR A 30 -2.76 -12.26 -1.81
C THR A 30 -1.81 -11.57 -2.79
N ALA A 31 -0.70 -12.24 -3.06
CA ALA A 31 0.29 -11.70 -3.97
C ALA A 31 -0.40 -11.19 -5.23
N GLY A 32 0.01 -10.01 -5.66
CA GLY A 32 -0.57 -9.40 -6.85
C GLY A 32 -1.75 -8.50 -6.48
N THR A 33 -1.77 -8.08 -5.23
CA THR A 33 -2.83 -7.21 -4.75
C THR A 33 -2.34 -5.77 -4.65
N VAL A 34 -3.04 -4.90 -5.36
CA VAL A 34 -2.69 -3.49 -5.37
C VAL A 34 -3.43 -2.78 -4.23
N PHE A 35 -2.71 -1.91 -3.55
CA PHE A 35 -3.29 -1.16 -2.44
C PHE A 35 -3.66 0.26 -2.87
N ASP A 36 -4.15 1.02 -1.92
CA ASP A 36 -4.56 2.39 -2.18
C ASP A 36 -3.89 3.32 -1.16
N ASN A 37 -3.39 4.44 -1.66
CA ASN A 37 -2.73 5.42 -0.81
C ASN A 37 -1.78 4.69 0.15
N VAL A 38 -0.61 4.34 -0.38
CA VAL A 38 0.39 3.65 0.41
C VAL A 38 1.36 4.67 0.99
N HIS A 39 1.56 4.59 2.30
CA HIS A 39 2.46 5.50 2.98
C HIS A 39 3.17 4.74 4.12
N PRO A 40 4.34 5.31 4.53
CA PRO A 40 5.11 4.71 5.61
C PRO A 40 4.46 4.97 6.97
N SER A 41 3.90 3.91 7.54
CA SER A 41 3.25 4.01 8.82
C SER A 41 4.24 4.51 9.87
N GLN A 42 3.85 4.35 11.14
CA GLN A 42 4.70 4.78 12.24
C GLN A 42 5.68 3.67 12.61
N GLU A 43 5.40 2.47 12.12
CA GLU A 43 6.25 1.33 12.39
C GLU A 43 7.41 1.27 11.39
N PRO A 44 8.54 0.68 11.85
CA PRO A 44 9.71 0.56 11.00
C PRO A 44 9.52 -0.54 9.95
N GLY A 45 9.69 -0.15 8.70
CA GLY A 45 9.54 -1.08 7.60
C GLY A 45 8.10 -1.59 7.50
N TRP A 46 7.17 -0.69 7.75
CA TRP A 46 5.75 -1.04 7.71
C TRP A 46 5.02 0.09 6.98
N LEU A 47 4.23 -0.30 6.00
CA LEU A 47 3.46 0.66 5.22
C LEU A 47 2.01 0.67 5.71
N GLU A 48 1.39 1.84 5.58
CA GLU A 48 0.01 2.00 6.01
C GLU A 48 -0.86 2.44 4.82
N GLY A 49 -1.44 1.46 4.16
CA GLY A 49 -2.30 1.72 3.02
C GLY A 49 -3.77 1.48 3.37
N THR A 50 -4.59 1.49 2.33
CA THR A 50 -6.02 1.28 2.52
C THR A 50 -6.54 0.24 1.53
N LEU A 51 -6.71 -0.97 2.03
CA LEU A 51 -7.18 -2.07 1.20
C LEU A 51 -8.69 -2.23 1.42
N ASN A 52 -9.45 -1.88 0.39
CA ASN A 52 -10.90 -1.99 0.46
C ASN A 52 -11.41 -1.18 1.66
N GLY A 53 -11.32 0.14 1.53
CA GLY A 53 -11.77 1.02 2.58
C GLY A 53 -11.37 0.48 3.96
N LYS A 54 -10.15 -0.02 4.03
CA LYS A 54 -9.64 -0.57 5.29
C LYS A 54 -8.13 -0.28 5.38
N THR A 55 -7.77 0.44 6.43
CA THR A 55 -6.38 0.79 6.65
C THR A 55 -5.75 -0.17 7.66
N GLY A 56 -4.45 -0.38 7.49
CA GLY A 56 -3.72 -1.27 8.38
C GLY A 56 -2.21 -1.19 8.11
N LEU A 57 -1.48 -2.13 8.72
CA LEU A 57 -0.04 -2.17 8.56
C LEU A 57 0.31 -3.19 7.47
N ILE A 58 1.26 -2.81 6.63
CA ILE A 58 1.70 -3.68 5.55
C ILE A 58 3.22 -3.75 5.54
N PRO A 59 3.75 -4.97 5.29
CA PRO A 59 5.18 -5.19 5.25
C PRO A 59 5.78 -4.63 3.95
N GLU A 60 6.63 -3.62 4.12
CA GLU A 60 7.28 -3.00 2.98
C GLU A 60 8.18 -4.00 2.25
N ASN A 61 8.49 -5.08 2.95
CA ASN A 61 9.33 -6.13 2.39
C ASN A 61 8.44 -7.19 1.74
N TYR A 62 7.18 -6.82 1.52
CA TYR A 62 6.23 -7.73 0.91
C TYR A 62 5.39 -7.01 -0.14
N VAL A 63 5.78 -5.78 -0.44
CA VAL A 63 5.06 -4.98 -1.41
C VAL A 63 6.05 -4.47 -2.47
N GLU A 64 5.49 -3.94 -3.55
CA GLU A 64 6.31 -3.42 -4.63
C GLU A 64 5.64 -2.20 -5.26
N PHE A 65 5.95 -1.04 -4.70
CA PHE A 65 5.39 0.21 -5.20
C PHE A 65 5.35 0.22 -6.74
N LEU A 66 4.20 0.60 -7.26
CA LEU A 66 4.02 0.66 -8.71
C LEU A 66 4.43 2.04 -9.21
N SER A 67 4.47 2.18 -10.53
CA SER A 67 4.83 3.44 -11.14
C SER A 67 3.95 3.70 -12.36
N GLY A 68 3.94 4.97 -12.77
CA GLY A 68 3.15 5.36 -13.93
C GLY A 68 4.04 5.69 -15.13
N PRO A 69 3.38 5.85 -16.30
CA PRO A 69 4.10 6.15 -17.53
C PRO A 69 4.56 7.62 -17.54
N SER A 70 5.44 7.93 -16.61
CA SER A 70 5.97 9.28 -16.50
C SER A 70 4.87 10.25 -16.07
N SER A 71 5.26 11.24 -15.29
CA SER A 71 4.32 12.24 -14.81
C SER A 71 3.26 11.57 -13.92
N GLY A 72 3.63 11.42 -12.65
CA GLY A 72 2.74 10.81 -11.69
C GLY A 72 3.45 10.55 -10.35
N GLY A 1 -11.85 17.05 -6.35
CA GLY A 1 -11.44 16.42 -7.60
C GLY A 1 -10.07 16.94 -8.04
N SER A 2 -10.01 17.37 -9.30
CA SER A 2 -8.78 17.89 -9.86
C SER A 2 -9.09 18.88 -10.98
N SER A 3 -9.22 20.14 -10.58
CA SER A 3 -9.52 21.19 -11.55
C SER A 3 -8.65 22.43 -11.27
N GLY A 4 -8.82 22.95 -10.06
CA GLY A 4 -8.07 24.13 -9.65
C GLY A 4 -6.61 23.77 -9.38
N SER A 5 -6.37 23.17 -8.22
CA SER A 5 -5.03 22.78 -7.84
C SER A 5 -5.08 21.49 -7.02
N SER A 6 -4.37 20.48 -7.51
CA SER A 6 -4.32 19.20 -6.83
C SER A 6 -3.00 18.50 -7.13
N GLY A 7 -2.70 18.38 -8.42
CA GLY A 7 -1.47 17.74 -8.85
C GLY A 7 -1.66 16.22 -8.99
N THR A 8 -0.71 15.48 -8.46
CA THR A 8 -0.76 14.03 -8.51
C THR A 8 -1.36 13.47 -7.22
N PRO A 9 -2.14 12.37 -7.39
CA PRO A 9 -2.78 11.73 -6.24
C PRO A 9 -1.77 10.94 -5.42
N PHE A 10 -2.29 10.00 -4.63
CA PHE A 10 -1.44 9.17 -3.80
C PHE A 10 -0.73 8.09 -4.63
N ARG A 11 0.03 7.26 -3.93
CA ARG A 11 0.75 6.18 -4.59
C ARG A 11 0.12 4.83 -4.24
N LYS A 12 0.51 3.82 -5.01
CA LYS A 12 -0.02 2.48 -4.80
C LYS A 12 1.15 1.50 -4.67
N ALA A 13 0.83 0.31 -4.17
CA ALA A 13 1.84 -0.72 -4.00
C ALA A 13 1.22 -2.08 -4.29
N LYS A 14 2.08 -3.00 -4.74
CA LYS A 14 1.63 -4.34 -5.07
C LYS A 14 2.28 -5.34 -4.10
N ALA A 15 1.43 -6.18 -3.52
CA ALA A 15 1.90 -7.18 -2.58
C ALA A 15 2.76 -8.21 -3.32
N LEU A 16 3.98 -8.37 -2.83
CA LEU A 16 4.92 -9.32 -3.44
C LEU A 16 4.46 -10.74 -3.13
N TYR A 17 4.14 -10.96 -1.86
CA TYR A 17 3.68 -12.27 -1.43
C TYR A 17 2.40 -12.17 -0.59
N ALA A 18 1.63 -13.24 -0.62
CA ALA A 18 0.38 -13.27 0.13
C ALA A 18 0.69 -13.35 1.62
N CYS A 19 0.04 -12.48 2.37
CA CYS A 19 0.23 -12.43 3.81
C CYS A 19 -1.14 -12.41 4.48
N LYS A 20 -1.21 -13.03 5.65
CA LYS A 20 -2.44 -13.10 6.40
C LYS A 20 -2.24 -12.44 7.77
N ALA A 21 -2.92 -11.32 7.95
CA ALA A 21 -2.82 -10.58 9.20
C ALA A 21 -3.07 -11.54 10.36
N GLU A 22 -2.98 -11.00 11.57
CA GLU A 22 -3.20 -11.79 12.77
C GLU A 22 -3.37 -10.88 13.99
N HIS A 23 -2.55 -9.84 14.03
CA HIS A 23 -2.60 -8.89 15.13
C HIS A 23 -3.97 -8.21 15.16
N ASP A 24 -4.09 -7.17 14.34
CA ASP A 24 -5.34 -6.42 14.27
C ASP A 24 -5.18 -5.25 13.29
N SER A 25 -4.11 -4.49 13.51
CA SER A 25 -3.83 -3.34 12.66
C SER A 25 -3.39 -3.82 11.28
N GLU A 26 -2.69 -4.95 11.26
CA GLU A 26 -2.21 -5.52 10.02
C GLU A 26 -3.38 -5.80 9.07
N LEU A 27 -3.03 -6.02 7.82
CA LEU A 27 -4.04 -6.31 6.81
C LEU A 27 -3.75 -7.67 6.17
N SER A 28 -4.71 -8.16 5.41
CA SER A 28 -4.57 -9.44 4.74
C SER A 28 -4.84 -9.28 3.24
N PHE A 29 -3.91 -9.79 2.45
CA PHE A 29 -4.03 -9.71 1.00
C PHE A 29 -3.26 -10.85 0.32
N THR A 30 -3.31 -10.85 -1.00
CA THR A 30 -2.64 -11.87 -1.77
C THR A 30 -1.67 -11.23 -2.77
N ALA A 31 -0.58 -11.94 -3.03
CA ALA A 31 0.42 -11.46 -3.96
C ALA A 31 -0.26 -10.86 -5.18
N GLY A 32 0.24 -9.71 -5.61
CA GLY A 32 -0.31 -9.02 -6.76
C GLY A 32 -1.29 -7.92 -6.33
N THR A 33 -1.91 -8.14 -5.19
CA THR A 33 -2.86 -7.17 -4.65
C THR A 33 -2.27 -5.77 -4.68
N VAL A 34 -3.01 -4.86 -5.29
CA VAL A 34 -2.56 -3.48 -5.39
C VAL A 34 -3.30 -2.64 -4.34
N PHE A 35 -2.52 -2.13 -3.39
CA PHE A 35 -3.08 -1.31 -2.33
C PHE A 35 -3.33 0.12 -2.81
N ASP A 36 -4.21 0.80 -2.12
CA ASP A 36 -4.55 2.18 -2.47
C ASP A 36 -3.91 3.12 -1.45
N ASN A 37 -3.45 4.25 -1.95
CA ASN A 37 -2.81 5.24 -1.11
C ASN A 37 -1.85 4.55 -0.14
N VAL A 38 -0.62 4.37 -0.60
CA VAL A 38 0.40 3.72 0.21
C VAL A 38 1.32 4.79 0.81
N HIS A 39 1.61 4.61 2.09
CA HIS A 39 2.46 5.55 2.79
C HIS A 39 3.07 4.85 4.02
N PRO A 40 4.21 5.43 4.50
CA PRO A 40 4.90 4.89 5.65
C PRO A 40 4.15 5.21 6.95
N SER A 41 3.59 4.16 7.54
CA SER A 41 2.84 4.32 8.77
C SER A 41 3.71 4.99 9.83
N GLN A 42 4.67 4.22 10.33
CA GLN A 42 5.58 4.73 11.35
C GLN A 42 6.55 3.63 11.79
N GLU A 43 6.02 2.43 11.87
CA GLU A 43 6.84 1.28 12.28
C GLU A 43 7.96 1.05 11.27
N PRO A 44 9.03 0.39 11.77
CA PRO A 44 10.18 0.09 10.91
C PRO A 44 9.87 -1.07 9.96
N GLY A 45 9.80 -0.72 8.68
CA GLY A 45 9.51 -1.71 7.65
C GLY A 45 8.02 -2.07 7.63
N TRP A 46 7.20 -1.02 7.65
CA TRP A 46 5.76 -1.21 7.63
C TRP A 46 5.13 -0.01 6.91
N LEU A 47 4.15 -0.31 6.09
CA LEU A 47 3.46 0.74 5.34
C LEU A 47 1.99 0.77 5.75
N GLU A 48 1.38 1.93 5.54
CA GLU A 48 -0.03 2.10 5.89
C GLU A 48 -0.84 2.43 4.64
N GLY A 49 -1.50 1.39 4.12
CA GLY A 49 -2.32 1.55 2.93
C GLY A 49 -3.79 1.22 3.22
N THR A 50 -4.61 1.35 2.19
CA THR A 50 -6.03 1.08 2.33
C THR A 50 -6.43 -0.07 1.40
N LEU A 51 -7.16 -1.02 1.96
CA LEU A 51 -7.61 -2.17 1.20
C LEU A 51 -9.06 -2.48 1.57
N ASN A 52 -9.94 -2.32 0.60
CA ASN A 52 -11.36 -2.57 0.82
C ASN A 52 -11.88 -1.66 1.93
N GLY A 53 -11.84 -0.37 1.65
CA GLY A 53 -12.31 0.62 2.61
C GLY A 53 -11.80 0.29 4.02
N LYS A 54 -10.62 -0.31 4.06
CA LYS A 54 -10.02 -0.68 5.34
C LYS A 54 -8.54 -0.28 5.32
N THR A 55 -8.11 0.28 6.44
CA THR A 55 -6.72 0.72 6.57
C THR A 55 -6.03 -0.08 7.68
N GLY A 56 -4.75 -0.34 7.46
CA GLY A 56 -3.96 -1.08 8.43
C GLY A 56 -2.47 -1.00 8.10
N LEU A 57 -1.71 -1.87 8.75
CA LEU A 57 -0.28 -1.90 8.54
C LEU A 57 0.06 -2.92 7.44
N ILE A 58 1.11 -2.62 6.69
CA ILE A 58 1.53 -3.49 5.62
C ILE A 58 3.04 -3.68 5.68
N PRO A 59 3.48 -4.95 5.45
CA PRO A 59 4.90 -5.27 5.49
C PRO A 59 5.61 -4.76 4.23
N GLU A 60 6.38 -3.70 4.41
CA GLU A 60 7.11 -3.11 3.30
C GLU A 60 7.93 -4.17 2.57
N ASN A 61 8.21 -5.25 3.30
CA ASN A 61 8.98 -6.34 2.74
C ASN A 61 8.04 -7.35 2.07
N TYR A 62 6.84 -6.87 1.76
CA TYR A 62 5.84 -7.70 1.12
C TYR A 62 5.04 -6.91 0.08
N VAL A 63 5.61 -5.77 -0.31
CA VAL A 63 4.97 -4.91 -1.29
C VAL A 63 6.00 -4.46 -2.31
N GLU A 64 5.50 -3.89 -3.40
CA GLU A 64 6.37 -3.39 -4.46
C GLU A 64 5.76 -2.16 -5.12
N PHE A 65 6.06 -1.00 -4.54
CA PHE A 65 5.54 0.25 -5.05
C PHE A 65 5.55 0.26 -6.58
N LEU A 66 4.45 0.73 -7.14
CA LEU A 66 4.31 0.80 -8.58
C LEU A 66 4.61 2.21 -9.06
N SER A 67 4.50 2.41 -10.36
CA SER A 67 4.75 3.71 -10.96
C SER A 67 6.18 4.16 -10.65
N GLY A 68 6.69 5.06 -11.48
CA GLY A 68 8.04 5.57 -11.31
C GLY A 68 9.05 4.74 -12.11
N PRO A 69 10.32 5.20 -12.08
CA PRO A 69 11.39 4.52 -12.79
C PRO A 69 11.79 3.24 -12.07
N SER A 70 10.88 2.27 -12.07
CA SER A 70 11.13 1.00 -11.42
C SER A 70 11.30 1.21 -9.91
N SER A 71 10.17 1.15 -9.22
CA SER A 71 10.17 1.34 -7.77
C SER A 71 10.66 2.74 -7.42
N GLY A 72 9.85 3.43 -6.62
CA GLY A 72 10.18 4.79 -6.20
C GLY A 72 9.89 5.78 -7.32
N GLY A 1 -4.69 26.57 1.91
CA GLY A 1 -3.87 27.32 0.98
C GLY A 1 -2.63 26.53 0.58
N SER A 2 -2.45 26.37 -0.73
CA SER A 2 -1.31 25.64 -1.25
C SER A 2 -1.14 25.95 -2.74
N SER A 3 -2.19 25.69 -3.49
CA SER A 3 -2.17 25.93 -4.93
C SER A 3 -1.11 25.06 -5.59
N GLY A 4 -1.48 23.82 -5.84
CA GLY A 4 -0.58 22.87 -6.47
C GLY A 4 -0.46 23.13 -7.97
N SER A 5 0.27 22.26 -8.65
CA SER A 5 0.48 22.38 -10.07
C SER A 5 -0.20 21.21 -10.80
N SER A 6 0.23 20.02 -10.45
CA SER A 6 -0.32 18.81 -11.06
C SER A 6 -0.45 17.71 -10.01
N GLY A 7 0.68 17.37 -9.41
CA GLY A 7 0.70 16.33 -8.39
C GLY A 7 0.10 15.03 -8.92
N THR A 8 0.10 14.02 -8.06
CA THR A 8 -0.43 12.72 -8.43
C THR A 8 -1.46 12.26 -7.40
N PRO A 9 -2.40 11.40 -7.87
CA PRO A 9 -3.44 10.88 -7.00
C PRO A 9 -2.89 9.81 -6.06
N PHE A 10 -2.01 10.24 -5.18
CA PHE A 10 -1.41 9.33 -4.22
C PHE A 10 -0.72 8.17 -4.93
N ARG A 11 0.01 7.38 -4.15
CA ARG A 11 0.72 6.24 -4.69
C ARG A 11 0.02 4.94 -4.26
N LYS A 12 0.48 3.84 -4.85
CA LYS A 12 -0.09 2.54 -4.54
C LYS A 12 1.04 1.51 -4.46
N ALA A 13 0.70 0.35 -3.92
CA ALA A 13 1.67 -0.72 -3.79
C ALA A 13 1.00 -2.06 -4.12
N LYS A 14 1.81 -3.01 -4.55
CA LYS A 14 1.31 -4.32 -4.91
C LYS A 14 2.02 -5.38 -4.05
N ALA A 15 1.21 -6.13 -3.31
CA ALA A 15 1.74 -7.17 -2.45
C ALA A 15 2.55 -8.16 -3.29
N LEU A 16 3.77 -8.41 -2.83
CA LEU A 16 4.65 -9.32 -3.53
C LEU A 16 4.25 -10.77 -3.19
N TYR A 17 4.03 -11.00 -1.90
CA TYR A 17 3.64 -12.32 -1.44
C TYR A 17 2.39 -12.24 -0.56
N ALA A 18 1.57 -13.28 -0.66
CA ALA A 18 0.34 -13.34 0.11
C ALA A 18 0.70 -13.41 1.61
N CYS A 19 0.04 -12.54 2.37
CA CYS A 19 0.27 -12.49 3.80
C CYS A 19 -1.09 -12.50 4.51
N LYS A 20 -1.14 -13.25 5.60
CA LYS A 20 -2.37 -13.36 6.38
C LYS A 20 -2.17 -12.68 7.74
N ALA A 21 -2.80 -11.52 7.87
CA ALA A 21 -2.70 -10.76 9.11
C ALA A 21 -2.97 -11.69 10.29
N GLU A 22 -2.83 -11.14 11.49
CA GLU A 22 -3.05 -11.91 12.70
C GLU A 22 -3.27 -10.96 13.88
N HIS A 23 -2.46 -9.92 13.94
CA HIS A 23 -2.56 -8.94 15.01
C HIS A 23 -3.97 -8.36 15.04
N ASP A 24 -4.17 -7.33 14.24
CA ASP A 24 -5.46 -6.67 14.17
C ASP A 24 -5.38 -5.49 13.20
N SER A 25 -4.40 -4.63 13.44
CA SER A 25 -4.20 -3.46 12.60
C SER A 25 -3.71 -3.90 11.21
N GLU A 26 -2.89 -4.93 11.21
CA GLU A 26 -2.35 -5.45 9.96
C GLU A 26 -3.47 -5.72 8.96
N LEU A 27 -3.08 -6.02 7.74
CA LEU A 27 -4.05 -6.29 6.68
C LEU A 27 -3.69 -7.63 6.01
N SER A 28 -4.73 -8.30 5.54
CA SER A 28 -4.55 -9.58 4.87
C SER A 28 -4.87 -9.45 3.38
N PHE A 29 -4.00 -10.04 2.57
CA PHE A 29 -4.18 -9.99 1.12
C PHE A 29 -3.33 -11.06 0.44
N THR A 30 -3.48 -11.13 -0.89
CA THR A 30 -2.74 -12.09 -1.67
C THR A 30 -1.84 -11.38 -2.68
N ALA A 31 -0.71 -12.02 -2.97
CA ALA A 31 0.24 -11.46 -3.92
C ALA A 31 -0.52 -10.84 -5.09
N GLY A 32 -0.15 -9.62 -5.41
CA GLY A 32 -0.79 -8.91 -6.51
C GLY A 32 -1.67 -7.77 -5.99
N THR A 33 -2.38 -8.07 -4.91
CA THR A 33 -3.27 -7.10 -4.30
C THR A 33 -2.64 -5.71 -4.34
N VAL A 34 -3.39 -4.76 -4.89
CA VAL A 34 -2.91 -3.39 -4.99
C VAL A 34 -3.54 -2.55 -3.87
N PHE A 35 -2.69 -1.79 -3.20
CA PHE A 35 -3.14 -0.95 -2.10
C PHE A 35 -3.30 0.51 -2.56
N ASP A 36 -4.44 1.08 -2.22
CA ASP A 36 -4.72 2.46 -2.60
C ASP A 36 -4.12 3.39 -1.54
N ASN A 37 -3.43 4.41 -2.04
CA ASN A 37 -2.81 5.38 -1.16
C ASN A 37 -1.90 4.65 -0.16
N VAL A 38 -0.67 4.43 -0.58
CA VAL A 38 0.30 3.74 0.25
C VAL A 38 1.30 4.76 0.81
N HIS A 39 1.82 4.44 1.99
CA HIS A 39 2.79 5.32 2.63
C HIS A 39 3.43 4.59 3.81
N PRO A 40 4.62 5.11 4.23
CA PRO A 40 5.35 4.53 5.34
C PRO A 40 4.68 4.88 6.68
N SER A 41 4.11 3.85 7.30
CA SER A 41 3.44 4.04 8.58
C SER A 41 4.43 4.63 9.59
N GLN A 42 4.10 4.44 10.87
CA GLN A 42 4.93 4.94 11.94
C GLN A 42 5.90 3.85 12.41
N GLU A 43 5.61 2.63 12.01
CA GLU A 43 6.43 1.50 12.39
C GLU A 43 7.62 1.36 11.42
N PRO A 44 8.70 0.71 11.93
CA PRO A 44 9.89 0.50 11.12
C PRO A 44 9.66 -0.59 10.07
N GLY A 45 9.78 -0.19 8.82
CA GLY A 45 9.60 -1.12 7.71
C GLY A 45 8.15 -1.63 7.67
N TRP A 46 7.23 -0.69 7.80
CA TRP A 46 5.81 -1.03 7.77
C TRP A 46 5.08 0.09 7.02
N LEU A 47 4.37 -0.31 5.98
CA LEU A 47 3.61 0.64 5.18
C LEU A 47 2.17 0.71 5.69
N GLU A 48 1.56 1.85 5.47
CA GLU A 48 0.18 2.06 5.90
C GLU A 48 -0.67 2.57 4.73
N GLY A 49 -1.41 1.64 4.14
CA GLY A 49 -2.27 1.97 3.01
C GLY A 49 -3.72 1.59 3.30
N THR A 50 -4.54 1.69 2.27
CA THR A 50 -5.96 1.37 2.39
C THR A 50 -6.30 0.16 1.52
N LEU A 51 -6.46 -0.98 2.18
CA LEU A 51 -6.79 -2.21 1.48
C LEU A 51 -8.30 -2.46 1.58
N ASN A 52 -8.91 -2.72 0.44
CA ASN A 52 -10.34 -2.99 0.39
C ASN A 52 -11.05 -2.04 1.36
N GLY A 53 -10.89 -0.75 1.10
CA GLY A 53 -11.52 0.26 1.93
C GLY A 53 -11.23 0.00 3.42
N LYS A 54 -10.07 -0.58 3.67
CA LYS A 54 -9.67 -0.88 5.03
C LYS A 54 -8.20 -0.48 5.22
N THR A 55 -7.97 0.45 6.13
CA THR A 55 -6.63 0.92 6.41
C THR A 55 -5.98 0.06 7.50
N GLY A 56 -4.71 -0.23 7.31
CA GLY A 56 -3.96 -1.03 8.25
C GLY A 56 -2.46 -0.97 7.98
N LEU A 57 -1.73 -1.86 8.63
CA LEU A 57 -0.29 -1.91 8.46
C LEU A 57 0.05 -2.96 7.40
N ILE A 58 1.07 -2.65 6.61
CA ILE A 58 1.50 -3.56 5.56
C ILE A 58 3.03 -3.70 5.60
N PRO A 59 3.50 -4.95 5.40
CA PRO A 59 4.93 -5.24 5.41
C PRO A 59 5.61 -4.72 4.14
N GLU A 60 6.47 -3.74 4.33
CA GLU A 60 7.19 -3.15 3.21
C GLU A 60 8.00 -4.23 2.47
N ASN A 61 8.28 -5.30 3.19
CA ASN A 61 9.04 -6.40 2.62
C ASN A 61 8.08 -7.40 1.98
N TYR A 62 6.88 -6.91 1.69
CA TYR A 62 5.86 -7.74 1.08
C TYR A 62 5.04 -6.95 0.06
N VAL A 63 5.56 -5.78 -0.29
CA VAL A 63 4.89 -4.91 -1.25
C VAL A 63 5.87 -4.52 -2.35
N GLU A 64 5.34 -3.86 -3.37
CA GLU A 64 6.15 -3.42 -4.48
C GLU A 64 5.57 -2.16 -5.11
N PHE A 65 5.94 -1.02 -4.53
CA PHE A 65 5.46 0.26 -5.01
C PHE A 65 5.40 0.28 -6.54
N LEU A 66 4.30 0.80 -7.05
CA LEU A 66 4.11 0.89 -8.49
C LEU A 66 4.38 2.32 -8.95
N SER A 67 5.09 2.43 -10.06
CA SER A 67 5.43 3.73 -10.61
C SER A 67 5.91 3.58 -12.05
N GLY A 68 5.93 4.70 -12.76
CA GLY A 68 6.38 4.70 -14.14
C GLY A 68 7.15 5.99 -14.47
N PRO A 69 7.99 5.89 -15.53
CA PRO A 69 8.79 7.03 -15.95
C PRO A 69 7.93 8.07 -16.68
N SER A 70 8.05 9.31 -16.26
CA SER A 70 7.30 10.39 -16.86
C SER A 70 5.80 10.12 -16.72
N SER A 71 5.17 10.90 -15.86
CA SER A 71 3.74 10.76 -15.64
C SER A 71 2.99 11.98 -16.18
N GLY A 72 3.36 13.14 -15.66
CA GLY A 72 2.74 14.38 -16.07
C GLY A 72 3.66 15.16 -17.02
N GLY A 1 -16.48 17.83 -8.49
CA GLY A 1 -16.41 18.07 -7.06
C GLY A 1 -15.03 17.71 -6.51
N SER A 2 -14.60 18.47 -5.50
CA SER A 2 -13.31 18.24 -4.88
C SER A 2 -12.21 18.27 -5.95
N SER A 3 -11.48 19.38 -5.97
CA SER A 3 -10.39 19.54 -6.93
C SER A 3 -9.49 20.69 -6.50
N GLY A 4 -8.19 20.46 -6.65
CA GLY A 4 -7.21 21.47 -6.29
C GLY A 4 -5.91 20.81 -5.81
N SER A 5 -5.27 20.09 -6.73
CA SER A 5 -4.03 19.41 -6.41
C SER A 5 -3.15 19.34 -7.66
N SER A 6 -3.71 18.76 -8.72
CA SER A 6 -2.99 18.62 -9.97
C SER A 6 -1.78 17.69 -9.78
N GLY A 7 -1.25 17.23 -10.91
CA GLY A 7 -0.11 16.34 -10.89
C GLY A 7 -0.55 14.88 -10.75
N THR A 8 -0.43 14.37 -9.53
CA THR A 8 -0.82 12.99 -9.26
C THR A 8 -1.24 12.84 -7.80
N PRO A 9 -2.23 11.94 -7.58
CA PRO A 9 -2.74 11.68 -6.24
C PRO A 9 -1.75 10.85 -5.44
N PHE A 10 -2.27 10.23 -4.39
CA PHE A 10 -1.45 9.39 -3.52
C PHE A 10 -0.69 8.35 -4.34
N ARG A 11 0.02 7.48 -3.62
CA ARG A 11 0.79 6.43 -4.27
C ARG A 11 0.08 5.08 -4.13
N LYS A 12 0.76 4.04 -4.60
CA LYS A 12 0.20 2.70 -4.53
C LYS A 12 1.33 1.69 -4.28
N ALA A 13 0.94 0.43 -4.18
CA ALA A 13 1.91 -0.62 -3.95
C ALA A 13 1.26 -1.98 -4.27
N LYS A 14 2.08 -2.88 -4.76
CA LYS A 14 1.60 -4.22 -5.12
C LYS A 14 2.21 -5.25 -4.16
N ALA A 15 1.35 -6.05 -3.58
CA ALA A 15 1.79 -7.09 -2.64
C ALA A 15 2.61 -8.13 -3.40
N LEU A 16 3.78 -8.44 -2.84
CA LEU A 16 4.67 -9.41 -3.45
C LEU A 16 4.18 -10.82 -3.09
N TYR A 17 3.95 -11.02 -1.80
CA TYR A 17 3.49 -12.31 -1.32
C TYR A 17 2.23 -12.15 -0.45
N ALA A 18 1.40 -13.18 -0.48
CA ALA A 18 0.17 -13.18 0.29
C ALA A 18 0.50 -13.15 1.79
N CYS A 19 -0.15 -12.25 2.49
CA CYS A 19 0.08 -12.12 3.93
C CYS A 19 -1.29 -12.07 4.61
N LYS A 20 -1.30 -12.53 5.86
CA LYS A 20 -2.52 -12.54 6.64
C LYS A 20 -2.40 -11.55 7.81
N ALA A 21 -3.55 -11.17 8.34
CA ALA A 21 -3.58 -10.23 9.45
C ALA A 21 -3.18 -10.95 10.73
N GLU A 22 -1.90 -10.88 11.04
CA GLU A 22 -1.38 -11.52 12.24
C GLU A 22 -1.09 -10.47 13.33
N HIS A 23 -1.75 -9.33 13.19
CA HIS A 23 -1.58 -8.26 14.15
C HIS A 23 -2.94 -7.74 14.60
N ASP A 24 -2.93 -6.56 15.21
CA ASP A 24 -4.15 -5.95 15.70
C ASP A 24 -4.55 -4.82 14.76
N SER A 25 -3.62 -4.45 13.89
CA SER A 25 -3.86 -3.39 12.94
C SER A 25 -3.20 -3.72 11.60
N GLU A 26 -3.31 -4.98 11.22
CA GLU A 26 -2.73 -5.43 9.96
C GLU A 26 -3.83 -5.76 8.95
N LEU A 27 -3.42 -5.86 7.69
CA LEU A 27 -4.36 -6.17 6.63
C LEU A 27 -4.03 -7.55 6.05
N SER A 28 -5.02 -8.13 5.38
CA SER A 28 -4.86 -9.43 4.77
C SER A 28 -5.17 -9.36 3.28
N PHE A 29 -4.22 -9.82 2.48
CA PHE A 29 -4.38 -9.82 1.03
C PHE A 29 -3.61 -10.97 0.39
N THR A 30 -3.62 -10.98 -0.93
CA THR A 30 -2.92 -12.02 -1.68
C THR A 30 -1.97 -11.39 -2.70
N ALA A 31 -0.90 -12.11 -2.99
CA ALA A 31 0.09 -11.63 -3.94
C ALA A 31 -0.62 -11.10 -5.18
N GLY A 32 -0.15 -9.96 -5.66
CA GLY A 32 -0.72 -9.34 -6.84
C GLY A 32 -1.90 -8.43 -6.46
N THR A 33 -1.79 -7.85 -5.28
CA THR A 33 -2.83 -6.96 -4.78
C THR A 33 -2.29 -5.53 -4.68
N VAL A 34 -2.93 -4.64 -5.43
CA VAL A 34 -2.52 -3.24 -5.44
C VAL A 34 -3.23 -2.51 -4.29
N PHE A 35 -2.44 -1.80 -3.50
CA PHE A 35 -2.96 -1.06 -2.37
C PHE A 35 -3.11 0.43 -2.72
N ASP A 36 -4.35 0.89 -2.69
CA ASP A 36 -4.64 2.28 -2.99
C ASP A 36 -4.24 3.15 -1.80
N ASN A 37 -3.49 4.21 -2.10
CA ASN A 37 -3.04 5.12 -1.07
C ASN A 37 -2.10 4.38 -0.11
N VAL A 38 -0.83 4.33 -0.49
CA VAL A 38 0.17 3.66 0.33
C VAL A 38 1.13 4.69 0.91
N HIS A 39 1.37 4.56 2.21
CA HIS A 39 2.26 5.48 2.90
C HIS A 39 2.93 4.76 4.07
N PRO A 40 4.06 5.36 4.54
CA PRO A 40 4.80 4.78 5.66
C PRO A 40 4.07 5.03 6.98
N SER A 41 3.56 3.94 7.54
CA SER A 41 2.84 4.02 8.80
C SER A 41 3.70 4.73 9.86
N GLN A 42 4.74 4.02 10.29
CA GLN A 42 5.65 4.55 11.28
C GLN A 42 6.55 3.45 11.83
N GLU A 43 6.00 2.25 11.87
CA GLU A 43 6.74 1.10 12.37
C GLU A 43 7.90 0.78 11.44
N PRO A 44 8.84 -0.07 11.95
CA PRO A 44 10.00 -0.47 11.18
C PRO A 44 9.63 -1.48 10.09
N GLY A 45 9.72 -1.04 8.86
CA GLY A 45 9.39 -1.89 7.73
C GLY A 45 7.89 -2.23 7.71
N TRP A 46 7.08 -1.19 7.86
CA TRP A 46 5.64 -1.36 7.87
C TRP A 46 5.03 -0.13 7.20
N LEU A 47 4.08 -0.40 6.30
CA LEU A 47 3.41 0.67 5.59
C LEU A 47 1.94 0.73 6.02
N GLU A 48 1.29 1.83 5.67
CA GLU A 48 -0.10 2.02 6.02
C GLU A 48 -0.91 2.44 4.79
N GLY A 49 -1.49 1.44 4.14
CA GLY A 49 -2.29 1.68 2.95
C GLY A 49 -3.65 0.99 3.04
N THR A 50 -4.43 1.15 1.99
CA THR A 50 -5.75 0.54 1.94
C THR A 50 -5.76 -0.63 0.96
N LEU A 51 -6.70 -1.54 1.18
CA LEU A 51 -6.84 -2.70 0.33
C LEU A 51 -8.28 -2.83 -0.14
N ASN A 52 -9.16 -3.09 0.83
CA ASN A 52 -10.58 -3.22 0.53
C ASN A 52 -11.39 -2.32 1.46
N GLY A 53 -11.36 -1.03 1.14
CA GLY A 53 -12.09 -0.06 1.95
C GLY A 53 -11.69 -0.14 3.41
N LYS A 54 -10.48 -0.63 3.64
CA LYS A 54 -9.96 -0.77 4.99
C LYS A 54 -8.47 -0.42 5.01
N THR A 55 -8.07 0.26 6.07
CA THR A 55 -6.68 0.66 6.22
C THR A 55 -6.05 -0.03 7.43
N GLY A 56 -4.75 -0.25 7.33
CA GLY A 56 -4.01 -0.91 8.41
C GLY A 56 -2.52 -0.93 8.12
N LEU A 57 -1.82 -1.79 8.84
CA LEU A 57 -0.38 -1.92 8.66
C LEU A 57 -0.10 -2.91 7.53
N ILE A 58 1.00 -2.66 6.84
CA ILE A 58 1.40 -3.52 5.73
C ILE A 58 2.92 -3.73 5.77
N PRO A 59 3.33 -4.99 5.48
CA PRO A 59 4.74 -5.33 5.48
C PRO A 59 5.44 -4.79 4.23
N GLU A 60 6.27 -3.78 4.45
CA GLU A 60 7.00 -3.16 3.36
C GLU A 60 7.82 -4.22 2.60
N ASN A 61 8.10 -5.31 3.29
CA ASN A 61 8.87 -6.39 2.71
C ASN A 61 7.92 -7.36 2.01
N TYR A 62 6.71 -6.87 1.74
CA TYR A 62 5.71 -7.69 1.08
C TYR A 62 4.94 -6.87 0.04
N VAL A 63 5.46 -5.69 -0.23
CA VAL A 63 4.84 -4.79 -1.20
C VAL A 63 5.90 -4.31 -2.19
N GLU A 64 5.42 -3.71 -3.27
CA GLU A 64 6.31 -3.19 -4.30
C GLU A 64 5.71 -1.93 -4.93
N PHE A 65 6.02 -0.79 -4.32
CA PHE A 65 5.52 0.48 -4.81
C PHE A 65 5.57 0.54 -6.34
N LEU A 66 4.45 0.95 -6.92
CA LEU A 66 4.35 1.05 -8.36
C LEU A 66 4.59 2.50 -8.79
N SER A 67 5.67 2.69 -9.52
CA SER A 67 6.03 4.02 -9.99
C SER A 67 5.73 4.14 -11.49
N GLY A 68 5.24 5.31 -11.87
CA GLY A 68 4.90 5.57 -13.26
C GLY A 68 5.27 7.01 -13.66
N PRO A 69 5.93 7.12 -14.83
CA PRO A 69 6.34 8.43 -15.33
C PRO A 69 5.15 9.19 -15.89
N SER A 70 4.50 8.58 -16.88
CA SER A 70 3.35 9.20 -17.52
C SER A 70 2.10 8.35 -17.27
N SER A 71 1.40 8.68 -16.19
CA SER A 71 0.19 7.96 -15.84
C SER A 71 -0.99 8.44 -16.68
N GLY A 72 -1.28 7.69 -17.73
CA GLY A 72 -2.37 8.04 -18.62
C GLY A 72 -2.25 9.48 -19.10
#